data_7YOV
#
_entry.id   7YOV
#
_cell.length_a   1.00
_cell.length_b   1.00
_cell.length_c   1.00
_cell.angle_alpha   90.00
_cell.angle_beta   90.00
_cell.angle_gamma   90.00
#
_symmetry.space_group_name_H-M   'P 1'
#
loop_
_entity.id
_entity.type
_entity.pdbx_description
1 polymer 'NDV P protein'
2 polymer 'RNA-directed RNA polymerase L'
#
loop_
_entity_poly.entity_id
_entity_poly.type
_entity_poly.pdbx_seq_one_letter_code
_entity_poly.pdbx_strand_id
1 'polypeptide(L)'
;MATFTDAEIDELFETSGTVIDSIITAQGKPVETVGRSAIPQGKTKALSLAWEKHGNTNTPAAQESAGEQDQHGQNQASNS
NRATPEEGPHSSQAQAATQPQEDANESQLKTGASSSLLSMLDKLSNKSSNAKKGPPQSPPQQALHSKGSPAVEQTQHGAN
QGRAQQETGHQAAPSPGPPGTGVNIAFPGQRGVSPQSVGATQPAPQSGQNQGSTPASADHVQPPVDFVQAMMSMMEAISQ
RVSKIDYQLDLVLKQTSSIPTMRSEIQQLKTSVAVMEANLGMMKILDPGCANVSSLSDLRAVAKSHPVLIAGPGDPSPYV
TQGGEIALNKLSQPVPHPSDLIKHATSGGPDIGIERDTVRALILSRPMHPSSSSKLLSKLDSAGSVEEIRKIKRLALNG
;
D,C,E,B
2 'polypeptide(L)'
;MAGSGSERAEHQIILPESHLSSPLVKHKLLYYWKLTGLPLPDECDFDHLILSRQWKKILESSTPDIERMIKLGRSVHQTL
SHSSKLTGILHPRCLEDLVGLDIPDSTNKFRRIEKKIQIHNTRYGEPFTRLCSYVEKKLLGSSWTHKIRRSEEFDSLRTD
PAFWFHSSWSTAKFAWLHVKQIQRHLIVAARTRSASNKLVTLSHRSGQVFITPELVIVTHTNENKFTCLSQELVLMYADM
MEGRDMVNIISSTAVHLRCLAEKIDDILRLVDALARDLGNQVYDVVALMEGFAYGAVQLLEPSGTFAGDFFSFNLQELRD
TLICLLPQRIADSVTHAIANIFSGLEQNQAAEMLCLLRLWGHPLLESRAAAKAVRAQMCAPKMVDFDMILQVLSFFKGTI
INGYRKKNAGVWPRVKAHTIYGNVIAQLHADSAEISHDIMLREYKNLSAIEFEACIEYDPVTNLSMFLKDKAIAHPRNNW
LASFRRNLLSEEQKKNVQDSTSTNRLLIEFLESNDFDPYKEMEYLTTLEYLRDDSVAVSYSLKEEEVKVNGRIFAKLTKK
LRNCQVMAEGILADQIAPFFQGNGVIQDSISLTKSMLAMSQLSYNSNRKRITDCKERVSSSRNHDLKGKHRRRVATFITT
DLQKYCLNWRYQTIKLFAHAINQLMGLPHFFEWIHLRLMDTTMFVGDPFNPPSDPTDYDLTKVPNDDIYIVSARGGIEGL
CQKLWTMISIAAIQLAAARSHCRVACMVQGDNQVIAVTREVRPDDSPESVLTQLHEASDNFFRELIHVNHLIGHNLKDRE
TIRSDTFFIYSKRIFKDGAILSQVLKNSSKLVLVSGDLSENTVMSCANISSTVARLCENGLPKDFCYYLNYLMSCIQTYF
DSEFSITSSTQSGSNQSWINDIPFIHSYVLTPAQLGGLSNLQYSRLYTRNIGDPGTTAFAEVKRLEAVGLLGPNIMTNIL
TRPPGNGDWASLCNDPYSFNFESVASPSIVLKKHTQRVLFETCSNPLLSGVHTEDNEAEEKALAEYLLNQEVIHPRVAHA
IMEASSVGRRKQIQGLVDTTNTVIKIALSRKPLGIKRLARIINYSSMHAMLFRDDVFLSNRANHPLVSSDMCSLALADYA
RNRSWSPLTGGRKILGVSNPDTIELVEGEILSISGGCSKCDSGDEQFTWFHLPSNIELTDDTSKNPPMRVPYLGSKTQER
RAASLAKIAHMSPHVKAALRASSVLIWAYGDNDINWTAALKLARSRCNISSEYLRLLSPLPTAGNLQHRLDDGITQMTFT
PASLYRVSPYVHISNDSQRLFTEEGVKEGNVVYQQIMLLGLSLIESLFPMTVTKTYDEITLHLHSKFSCCIREAPVAVPF
ELTGVAPDLRVVASNKFMYDPNPVAEGDFARLDLAIFKSYELNLESYSTVELMNILSISSGKLIGQSVVSYDEETSIKND
AIIVYDNTRNWISEAQNSDVVRLFEYAALEVLLDCSYQLYYLRVRGLNNVVLYMSDLYKNMPGILLSNIAATISHPIIHS
RLHTVGLISHDGSHQLADTDFIELSAKLLVSCTRRVVSGLYAGNKYDLLFPSVLDDNLNEKMLQLISRLCCLYTVLFATT
REIPKIRGLPAEEKCAMLTEYLLSDAVRPLLSPEQVDSITSPSIVTFPANLYYMSRKSLNLIREREDRDSILALMFPQEP
LFEFPLVQDIGARVKDQLTMKPAAFLHELDLSAPARYDAYTLEQARSDCALADMGEDQLVRYLFRGVGTASSSWYKASHL
LSVPEIRCARHGNSLYLAEGSGAIMSLLELHIPHETIYYNTLFSNEMNPPQRHFGPTPTQFLNSVVYRNLQAEVPCKDGF
VQEFRTLWRENTEESDLTSDKAVGYITSVVPYRSVSLLHCDIEIPPGSNQSLLDQLATNLSLIAMHSVREGGVVIVKILY
SMGYYFHLLVNLFTPCSVKGYVLSNGYACRGDMECYVVFVMGYLGGPTFVNEVVRMAKTLIQRHGTLLAKSDETALMALF
TSQKQRVDNILSSPLPRLAKLLRRNIDTALIEAGGQPVRPFCAESLVNTLSDITQTTQVIASHIDTVIRSVIYMEAEGDL
ADTVFLFTPYNLSIDGKKRTSLKQCTRQILEVTILGLGPEDLNRVGDIISLILRGTISLEDLIPLRTYLKMSTCPKYLKS
VLGLTKLREMFSDGSMLYLTRAQQKFYMKTVGNAVKGYYNSSKNENLYFQG
;
A
#
# COMPACT_ATOMS: atom_id res chain seq x y z
N GLU A 236 -50.73 68.94 43.84
CA GLU A 236 -50.72 68.83 42.39
C GLU A 236 -50.46 67.38 41.95
N ALA A 237 -50.59 67.12 40.65
CA ALA A 237 -50.54 65.78 40.10
C ALA A 237 -49.16 65.50 39.54
N ILE A 238 -48.47 64.50 40.09
CA ILE A 238 -47.15 64.09 39.60
C ILE A 238 -47.29 62.60 39.26
N SER A 239 -48.45 62.21 38.76
CA SER A 239 -48.79 60.79 38.65
C SER A 239 -47.97 60.08 37.56
N GLN A 240 -48.12 60.51 36.30
CA GLN A 240 -47.46 59.81 35.19
C GLN A 240 -45.96 60.06 35.18
N ARG A 241 -45.49 61.10 35.87
CA ARG A 241 -44.06 61.27 36.11
C ARG A 241 -43.52 60.12 36.93
N VAL A 242 -44.22 59.79 38.02
CA VAL A 242 -43.85 58.61 38.82
C VAL A 242 -44.02 57.33 38.01
N SER A 243 -44.99 57.31 37.09
CA SER A 243 -45.17 56.12 36.24
C SER A 243 -44.00 55.93 35.28
N LYS A 244 -43.49 57.01 34.69
CA LYS A 244 -42.32 56.85 33.82
C LYS A 244 -41.06 56.58 34.63
N ILE A 245 -41.00 57.02 35.89
CA ILE A 245 -39.94 56.57 36.79
C ILE A 245 -40.01 55.05 37.00
N ASP A 246 -41.23 54.53 37.21
CA ASP A 246 -41.43 53.10 37.34
C ASP A 246 -41.06 52.36 36.06
N TYR A 247 -41.25 53.01 34.92
CA TYR A 247 -40.79 52.47 33.64
C TYR A 247 -39.25 52.42 33.59
N GLN A 248 -38.60 53.52 33.99
CA GLN A 248 -37.17 53.65 33.76
C GLN A 248 -36.34 52.80 34.70
N LEU A 249 -36.86 52.49 35.89
CA LEU A 249 -36.04 51.72 36.84
C LEU A 249 -35.85 50.25 36.42
N ASP A 250 -36.63 49.78 35.44
CA ASP A 250 -36.50 48.38 35.02
C ASP A 250 -35.23 48.14 34.20
N LEU A 251 -34.74 49.17 33.51
CA LEU A 251 -33.49 49.03 32.76
C LEU A 251 -32.33 48.79 33.70
N VAL A 252 -32.20 49.63 34.73
CA VAL A 252 -31.15 49.45 35.72
C VAL A 252 -31.43 48.23 36.59
N LEU A 253 -32.70 47.80 36.65
CA LEU A 253 -33.04 46.53 37.30
C LEU A 253 -32.36 45.35 36.61
N LYS A 254 -32.57 45.20 35.29
CA LYS A 254 -31.98 44.06 34.61
C LYS A 254 -30.45 44.17 34.52
N GLN A 255 -29.92 45.39 34.41
CA GLN A 255 -28.47 45.48 34.25
C GLN A 255 -27.74 45.29 35.58
N THR A 256 -28.25 45.86 36.68
CA THR A 256 -27.65 45.57 37.97
C THR A 256 -27.99 44.17 38.45
N SER A 257 -29.00 43.53 37.87
CA SER A 257 -29.18 42.10 38.09
C SER A 257 -28.05 41.32 37.44
N SER A 258 -27.57 41.81 36.29
CA SER A 258 -26.50 41.11 35.61
C SER A 258 -25.12 41.40 36.21
N ILE A 259 -24.99 42.48 36.99
CA ILE A 259 -23.70 42.86 37.60
C ILE A 259 -23.03 41.81 38.50
N PRO A 260 -23.71 41.18 39.49
CA PRO A 260 -22.95 40.26 40.37
C PRO A 260 -22.48 38.99 39.67
N THR A 261 -23.15 38.60 38.58
CA THR A 261 -22.68 37.47 37.78
C THR A 261 -21.36 37.80 37.11
N MET A 262 -21.22 39.02 36.59
CA MET A 262 -19.95 39.47 36.04
C MET A 262 -18.87 39.51 37.11
N ARG A 263 -19.24 39.98 38.31
CA ARG A 263 -18.28 40.00 39.42
C ARG A 263 -17.81 38.59 39.78
N SER A 264 -18.75 37.64 39.82
CA SER A 264 -18.41 36.25 40.12
C SER A 264 -17.52 35.65 39.04
N GLU A 265 -17.74 36.04 37.78
CA GLU A 265 -16.92 35.49 36.70
C GLU A 265 -15.53 36.11 36.69
N ILE A 266 -15.39 37.33 37.19
CA ILE A 266 -14.06 37.89 37.42
C ILE A 266 -13.36 37.06 38.50
N GLN A 267 -14.10 36.62 39.51
CA GLN A 267 -13.49 35.70 40.48
C GLN A 267 -13.07 34.34 39.90
N GLN A 268 -13.77 33.82 38.90
CA GLN A 268 -13.27 32.60 38.23
C GLN A 268 -12.02 32.87 37.42
N LEU A 269 -12.01 33.97 36.65
CA LEU A 269 -10.88 34.25 35.79
C LEU A 269 -9.62 34.51 36.58
N LYS A 270 -9.75 35.09 37.79
CA LYS A 270 -8.58 35.29 38.63
C LYS A 270 -7.92 33.98 39.03
N THR A 271 -8.71 33.01 39.49
CA THR A 271 -8.14 31.74 39.92
C THR A 271 -7.60 30.95 38.73
N SER A 272 -8.29 31.00 37.58
CA SER A 272 -7.82 30.25 36.42
C SER A 272 -6.50 30.80 35.88
N VAL A 273 -6.38 32.13 35.78
CA VAL A 273 -5.12 32.72 35.37
C VAL A 273 -4.02 32.48 36.41
N ALA A 274 -4.39 32.35 37.69
CA ALA A 274 -3.42 32.00 38.71
C ALA A 274 -2.90 30.58 38.54
N VAL A 275 -3.79 29.65 38.18
CA VAL A 275 -3.39 28.27 37.90
C VAL A 275 -2.45 28.21 36.69
N MET A 276 -2.73 29.02 35.67
CA MET A 276 -1.88 29.01 34.48
C MET A 276 -0.50 29.58 34.76
N GLU A 277 -0.43 30.68 35.50
CA GLU A 277 0.90 31.22 35.80
C GLU A 277 1.61 30.37 36.84
N ALA A 278 0.90 29.54 37.58
CA ALA A 278 1.58 28.51 38.35
C ALA A 278 2.16 27.43 37.44
N ASN A 279 1.42 27.03 36.40
CA ASN A 279 1.87 25.94 35.54
C ASN A 279 3.08 26.34 34.71
N LEU A 280 2.98 27.46 33.98
CA LEU A 280 4.02 27.85 33.03
C LEU A 280 5.35 28.17 33.67
N GLY A 281 5.39 28.38 34.99
CA GLY A 281 6.66 28.55 35.65
C GLY A 281 7.45 27.27 35.80
N MET A 282 6.79 26.13 35.73
CA MET A 282 7.48 24.85 35.86
C MET A 282 7.56 24.05 34.57
N MET A 283 6.94 24.53 33.48
CA MET A 283 7.20 23.92 32.19
C MET A 283 8.61 24.22 31.72
N LYS A 284 9.05 23.42 30.76
CA LYS A 284 10.43 23.48 30.29
C LYS A 284 10.50 24.28 28.99
N ILE A 285 10.32 25.59 29.12
CA ILE A 285 10.62 26.51 28.04
C ILE A 285 12.12 26.68 27.99
N LEU A 286 12.70 26.56 26.80
CA LEU A 286 14.14 26.53 26.68
C LEU A 286 14.75 27.92 26.74
N ASP A 287 15.75 28.06 27.59
CA ASP A 287 16.64 29.20 27.67
C ASP A 287 18.06 28.73 27.39
N PRO A 288 18.98 29.65 27.05
CA PRO A 288 20.39 29.28 27.11
C PRO A 288 20.82 28.98 28.54
N GLY A 289 21.31 27.77 28.75
CA GLY A 289 21.68 27.28 30.07
C GLY A 289 21.24 25.85 30.29
N CYS A 290 20.07 25.50 29.74
CA CYS A 290 19.62 24.12 29.50
C CYS A 290 19.57 23.29 30.79
N ALA A 291 19.12 23.89 31.88
CA ALA A 291 18.99 23.18 33.14
C ALA A 291 17.67 22.45 33.28
N ASN A 292 16.68 22.78 32.45
CA ASN A 292 15.39 22.11 32.49
C ASN A 292 15.32 21.00 31.44
N VAL A 293 16.10 19.95 31.69
CA VAL A 293 16.10 18.78 30.83
C VAL A 293 15.47 17.62 31.59
N SER A 294 14.74 16.79 30.85
CA SER A 294 14.28 15.50 31.33
C SER A 294 15.08 14.44 30.62
N SER A 295 15.24 13.29 31.27
CA SER A 295 15.98 12.21 30.68
C SER A 295 15.00 11.12 30.24
N LEU A 296 15.56 10.00 29.81
CA LEU A 296 14.80 8.79 29.55
C LEU A 296 14.52 8.00 30.82
N SER A 297 15.13 8.40 31.94
CA SER A 297 14.83 7.78 33.22
C SER A 297 13.46 8.19 33.75
N ASP A 298 12.94 9.34 33.33
CA ASP A 298 11.59 9.72 33.75
C ASP A 298 10.52 8.86 33.10
N LEU A 299 10.74 8.45 31.85
CA LEU A 299 9.83 7.51 31.20
C LEU A 299 9.85 6.15 31.87
N ARG A 300 11.03 5.70 32.30
CA ARG A 300 11.15 4.42 32.98
C ARG A 300 10.56 4.49 34.38
N ALA A 301 10.64 5.66 35.03
N ALA A 301 10.64 5.66 35.03
CA ALA A 301 10.17 5.79 36.39
CA ALA A 301 10.16 5.77 36.40
C ALA A 301 8.67 6.02 36.48
C ALA A 301 8.65 6.01 36.47
N VAL A 302 8.12 6.81 35.57
CA VAL A 302 6.70 7.14 35.66
C VAL A 302 5.83 5.98 35.17
N ALA A 303 6.33 5.18 34.23
CA ALA A 303 5.53 4.10 33.65
C ALA A 303 5.64 2.81 34.43
N LYS A 304 5.86 2.86 35.75
CA LYS A 304 5.90 1.69 36.61
C LYS A 304 4.57 1.40 37.28
N SER A 305 3.45 1.81 36.68
CA SER A 305 2.16 1.68 37.32
C SER A 305 1.07 1.66 36.26
N HIS A 306 -0.12 1.29 36.69
CA HIS A 306 -1.30 1.45 35.84
C HIS A 306 -1.56 2.95 35.66
N PRO A 307 -1.96 3.39 34.47
CA PRO A 307 -2.11 4.83 34.23
C PRO A 307 -3.28 5.44 35.00
N VAL A 308 -3.04 6.66 35.49
CA VAL A 308 -3.88 7.31 36.47
C VAL A 308 -4.87 8.24 35.77
N LEU A 309 -5.89 8.65 36.51
CA LEU A 309 -6.94 9.52 35.99
C LEU A 309 -6.93 10.78 36.85
N ILE A 310 -6.79 11.93 36.21
CA ILE A 310 -6.68 13.19 36.96
C ILE A 310 -8.02 13.93 37.02
N ALA A 311 -8.85 13.78 36.00
CA ALA A 311 -10.19 14.37 35.98
C ALA A 311 -11.08 13.84 37.10
N GLU B 236 -40.65 73.94 46.26
CA GLU B 236 -39.34 73.37 46.59
C GLU B 236 -39.28 71.92 46.15
N ALA B 237 -40.39 71.20 46.31
CA ALA B 237 -40.41 69.77 46.03
C ALA B 237 -40.33 69.47 44.53
N ILE B 238 -40.83 70.39 43.70
CA ILE B 238 -40.84 70.13 42.28
C ILE B 238 -39.44 70.30 41.67
N SER B 239 -38.61 71.19 42.23
CA SER B 239 -37.27 71.41 41.69
C SER B 239 -36.34 70.25 42.03
N GLN B 240 -36.40 69.80 43.28
CA GLN B 240 -35.66 68.59 43.65
C GLN B 240 -36.19 67.37 42.94
N ARG B 241 -37.50 67.33 42.64
CA ARG B 241 -38.08 66.21 41.91
C ARG B 241 -37.53 66.15 40.49
N VAL B 242 -37.45 67.29 39.81
CA VAL B 242 -36.98 67.26 38.43
C VAL B 242 -35.47 67.09 38.37
N SER B 243 -34.72 67.59 39.37
CA SER B 243 -33.29 67.32 39.42
C SER B 243 -33.02 65.84 39.65
N LYS B 244 -33.83 65.22 40.54
CA LYS B 244 -33.77 63.79 40.79
C LYS B 244 -34.03 62.99 39.53
N ILE B 245 -35.09 63.33 38.78
CA ILE B 245 -35.42 62.51 37.62
C ILE B 245 -34.44 62.75 36.48
N ASP B 246 -33.82 63.95 36.39
CA ASP B 246 -32.79 64.18 35.39
C ASP B 246 -31.58 63.29 35.68
N TYR B 247 -31.13 63.28 36.93
CA TYR B 247 -29.97 62.50 37.33
C TYR B 247 -30.22 61.01 37.14
N GLN B 248 -31.38 60.54 37.63
CA GLN B 248 -31.74 59.13 37.53
C GLN B 248 -31.88 58.70 36.07
N LEU B 249 -32.56 59.52 35.25
CA LEU B 249 -32.78 59.18 33.84
C LEU B 249 -31.48 59.07 33.05
N ASP B 250 -30.61 60.09 33.11
CA ASP B 250 -29.46 60.00 32.22
C ASP B 250 -28.42 58.98 32.72
N LEU B 251 -28.32 58.79 34.04
CA LEU B 251 -27.31 57.83 34.48
C LEU B 251 -27.80 56.38 34.30
N VAL B 252 -29.12 56.14 34.37
CA VAL B 252 -29.60 54.80 34.00
C VAL B 252 -29.75 54.64 32.50
N LEU B 253 -29.64 55.71 31.72
CA LEU B 253 -29.33 55.51 30.31
C LEU B 253 -27.92 54.92 30.16
N LYS B 254 -26.92 55.62 30.68
CA LYS B 254 -25.58 55.26 30.22
C LYS B 254 -24.94 54.09 30.98
N GLN B 255 -25.29 53.84 32.24
CA GLN B 255 -24.76 52.64 32.90
C GLN B 255 -25.34 51.37 32.28
N THR B 256 -26.66 51.35 32.08
CA THR B 256 -27.32 50.23 31.44
C THR B 256 -26.93 50.07 29.98
N SER B 257 -26.52 51.17 29.34
CA SER B 257 -25.92 51.02 28.02
C SER B 257 -24.56 50.37 28.12
N SER B 258 -23.79 50.66 29.18
CA SER B 258 -22.43 50.14 29.29
C SER B 258 -22.36 48.69 29.71
N ILE B 259 -23.36 48.18 30.43
CA ILE B 259 -23.25 46.84 31.03
C ILE B 259 -23.23 45.65 30.07
N PRO B 260 -24.16 45.46 29.10
CA PRO B 260 -24.12 44.21 28.32
C PRO B 260 -22.92 44.09 27.41
N THR B 261 -22.34 45.24 27.03
CA THR B 261 -21.07 45.26 26.32
C THR B 261 -19.98 44.59 27.12
N MET B 262 -19.77 45.03 28.38
CA MET B 262 -18.70 44.42 29.18
C MET B 262 -19.10 43.00 29.62
N ARG B 263 -20.40 42.71 29.61
CA ARG B 263 -20.88 41.38 29.93
C ARG B 263 -20.43 40.36 28.89
N SER B 264 -20.62 40.67 27.60
CA SER B 264 -20.20 39.73 26.57
C SER B 264 -18.67 39.65 26.45
N GLU B 265 -17.96 40.68 26.90
CA GLU B 265 -16.51 40.61 26.84
C GLU B 265 -15.96 39.71 27.94
N ILE B 266 -16.58 39.77 29.13
CA ILE B 266 -16.22 38.80 30.16
C ILE B 266 -16.70 37.40 29.77
N GLN B 267 -17.73 37.31 28.93
CA GLN B 267 -18.09 36.01 28.34
C GLN B 267 -16.97 35.44 27.49
N GLN B 268 -16.49 36.19 26.49
CA GLN B 268 -15.49 35.57 25.63
C GLN B 268 -14.12 35.47 26.28
N LEU B 269 -13.89 36.19 27.38
CA LEU B 269 -12.75 35.85 28.23
C LEU B 269 -12.82 34.43 28.78
N LYS B 270 -14.03 33.92 29.06
CA LYS B 270 -14.16 32.56 29.56
C LYS B 270 -13.78 31.54 28.49
N THR B 271 -14.32 31.70 27.28
CA THR B 271 -14.03 30.72 26.25
C THR B 271 -12.67 30.92 25.60
N SER B 272 -11.98 32.02 25.89
CA SER B 272 -10.58 32.15 25.50
C SER B 272 -9.61 31.83 26.62
N VAL B 273 -10.08 31.69 27.85
CA VAL B 273 -9.23 31.24 28.94
C VAL B 273 -9.37 29.73 29.18
N ALA B 274 -10.51 29.15 28.79
CA ALA B 274 -10.68 27.70 28.89
C ALA B 274 -9.74 26.97 27.96
N VAL B 275 -9.56 27.47 26.74
CA VAL B 275 -8.64 26.85 25.79
C VAL B 275 -7.19 27.10 26.14
N MET B 276 -6.89 28.03 27.03
CA MET B 276 -5.55 28.10 27.61
C MET B 276 -5.25 26.87 28.46
N GLU B 277 -6.16 26.49 29.38
CA GLU B 277 -5.96 25.26 30.14
C GLU B 277 -5.96 24.07 29.22
N ALA B 278 -6.83 24.08 28.20
CA ALA B 278 -6.92 22.95 27.30
C ALA B 278 -5.62 22.75 26.54
N ASN B 279 -5.03 23.84 26.06
CA ASN B 279 -3.78 23.69 25.34
C ASN B 279 -2.63 23.39 26.28
N LEU B 280 -2.69 23.81 27.55
CA LEU B 280 -1.62 23.38 28.44
C LEU B 280 -1.75 21.93 28.85
N GLY B 281 -2.97 21.39 28.88
CA GLY B 281 -3.14 19.97 29.08
C GLY B 281 -2.73 19.16 27.87
N MET B 282 -2.87 19.74 26.69
CA MET B 282 -2.29 19.13 25.49
C MET B 282 -0.77 19.19 25.53
N MET B 283 -0.19 20.26 26.03
CA MET B 283 1.26 20.37 26.05
C MET B 283 1.89 19.52 27.14
N LYS B 284 1.15 19.20 28.20
CA LYS B 284 1.75 18.39 29.25
C LYS B 284 1.94 16.95 28.81
N ILE B 285 0.99 16.40 28.05
CA ILE B 285 1.02 14.97 27.77
C ILE B 285 1.93 14.61 26.61
N LEU B 286 2.59 15.58 25.96
CA LEU B 286 3.51 15.22 24.91
C LEU B 286 4.83 14.70 25.45
N ASP B 287 5.15 15.02 26.67
CA ASP B 287 6.41 14.53 27.16
C ASP B 287 6.25 13.10 27.65
N PRO B 288 7.18 12.21 27.31
CA PRO B 288 7.13 10.83 27.83
C PRO B 288 7.34 10.69 29.33
N GLY B 289 7.67 11.77 30.04
CA GLY B 289 7.57 11.75 31.49
C GLY B 289 6.15 11.66 32.00
N CYS B 290 5.16 11.99 31.18
CA CYS B 290 3.75 11.84 31.54
C CYS B 290 3.06 11.02 30.47
N ALA B 291 3.18 9.69 30.59
CA ALA B 291 2.45 8.79 29.71
C ALA B 291 1.34 8.03 30.42
N ASN B 292 1.43 7.88 31.74
CA ASN B 292 0.38 7.27 32.53
C ASN B 292 -0.77 8.21 32.84
N VAL B 293 -0.71 9.44 32.35
CA VAL B 293 -1.84 10.33 32.44
C VAL B 293 -2.85 9.83 31.43
N SER B 294 -3.80 9.02 31.88
CA SER B 294 -4.64 8.26 30.97
C SER B 294 -5.59 9.17 30.23
N SER B 295 -5.88 8.79 28.99
CA SER B 295 -6.53 9.69 28.06
C SER B 295 -7.96 9.98 28.43
N LEU B 296 -8.59 9.13 29.23
CA LEU B 296 -9.97 9.38 29.63
C LEU B 296 -10.10 10.53 30.63
N SER B 297 -8.99 11.08 31.11
CA SER B 297 -9.03 12.27 31.95
C SER B 297 -9.19 13.53 31.10
N ASP B 298 -9.36 14.65 31.78
CA ASP B 298 -9.59 15.93 31.14
C ASP B 298 -8.30 16.69 30.99
N LEU B 299 -8.15 17.37 29.85
CA LEU B 299 -6.98 18.18 29.61
C LEU B 299 -6.97 19.40 30.52
N ARG B 300 -8.15 19.94 30.83
CA ARG B 300 -8.29 20.93 31.89
C ARG B 300 -7.78 20.39 33.22
N ALA B 301 -8.09 19.13 33.51
CA ALA B 301 -7.67 18.56 34.78
C ALA B 301 -6.17 18.31 34.80
N VAL B 302 -5.57 18.06 33.64
CA VAL B 302 -4.11 17.94 33.58
C VAL B 302 -3.47 19.32 33.72
N ALA B 303 -4.17 20.37 33.28
CA ALA B 303 -3.69 21.71 33.58
C ALA B 303 -3.71 21.97 35.08
N LYS B 304 -4.75 21.51 35.79
CA LYS B 304 -4.79 21.62 37.23
C LYS B 304 -4.10 20.45 37.94
N SER B 305 -3.31 19.64 37.22
CA SER B 305 -2.79 18.43 37.84
C SER B 305 -1.65 18.71 38.80
N HIS B 306 -0.63 19.42 38.31
CA HIS B 306 0.59 19.75 39.03
C HIS B 306 1.30 18.49 39.54
N GLU C 236 -50.08 55.86 44.02
CA GLU C 236 -50.15 56.29 45.41
C GLU C 236 -48.75 56.64 45.89
N ALA C 237 -48.66 57.58 46.85
CA ALA C 237 -47.37 58.10 47.28
C ALA C 237 -46.58 57.06 48.08
N ILE C 238 -47.17 56.54 49.16
CA ILE C 238 -46.43 55.69 50.08
C ILE C 238 -46.13 54.31 49.49
N SER C 239 -47.11 53.72 48.81
CA SER C 239 -46.92 52.38 48.25
C SER C 239 -45.89 52.38 47.11
N GLN C 240 -45.68 53.53 46.48
CA GLN C 240 -44.62 53.61 45.50
C GLN C 240 -43.28 53.94 46.14
N ARG C 241 -43.29 54.85 47.13
CA ARG C 241 -42.06 55.23 47.79
C ARG C 241 -41.38 54.08 48.51
N VAL C 242 -42.16 53.13 49.04
CA VAL C 242 -41.58 51.96 49.70
C VAL C 242 -40.80 51.09 48.71
N SER C 243 -41.40 50.80 47.55
CA SER C 243 -40.73 49.97 46.56
C SER C 243 -39.54 50.69 45.94
N LYS C 244 -39.64 52.01 45.77
CA LYS C 244 -38.51 52.75 45.23
C LYS C 244 -37.35 52.79 46.22
N ILE C 245 -37.64 52.96 47.51
CA ILE C 245 -36.58 52.94 48.51
C ILE C 245 -35.94 51.56 48.61
N ASP C 246 -36.74 50.50 48.51
CA ASP C 246 -36.19 49.14 48.57
C ASP C 246 -35.30 48.84 47.37
N TYR C 247 -35.71 49.26 46.18
CA TYR C 247 -34.87 49.00 45.03
C TYR C 247 -33.64 49.90 44.97
N GLN C 248 -33.70 51.12 45.49
CA GLN C 248 -32.48 51.91 45.51
C GLN C 248 -31.54 51.44 46.62
N LEU C 249 -32.06 50.79 47.66
CA LEU C 249 -31.18 50.09 48.58
C LEU C 249 -30.54 48.87 47.94
N ASP C 250 -31.25 48.21 47.02
CA ASP C 250 -30.61 47.16 46.22
C ASP C 250 -29.45 47.73 45.41
N LEU C 251 -29.62 48.92 44.86
CA LEU C 251 -28.51 49.58 44.15
C LEU C 251 -27.36 50.00 45.05
N VAL C 252 -27.66 50.44 46.29
CA VAL C 252 -26.64 50.68 47.30
C VAL C 252 -25.83 49.41 47.54
N LEU C 253 -26.52 48.27 47.65
CA LEU C 253 -25.81 47.01 47.84
C LEU C 253 -25.07 46.56 46.59
N LYS C 254 -25.49 47.02 45.40
CA LYS C 254 -24.71 46.75 44.19
C LYS C 254 -23.38 47.47 44.19
N GLN C 255 -23.41 48.81 44.26
CA GLN C 255 -22.23 49.62 43.99
C GLN C 255 -21.05 49.42 44.96
N THR C 256 -21.32 49.36 46.27
CA THR C 256 -20.27 49.42 47.28
C THR C 256 -19.57 48.08 47.41
N SER C 257 -20.22 47.04 46.91
CA SER C 257 -19.61 45.72 46.83
C SER C 257 -19.01 45.50 45.44
N SER C 258 -19.54 46.20 44.43
CA SER C 258 -19.10 45.98 43.06
C SER C 258 -17.74 46.64 42.80
N ILE C 259 -17.55 47.87 43.26
CA ILE C 259 -16.35 48.61 42.88
C ILE C 259 -15.08 48.07 43.54
N PRO C 260 -14.94 47.98 44.93
CA PRO C 260 -13.62 47.67 45.49
C PRO C 260 -13.21 46.22 45.27
N THR C 261 -14.18 45.38 44.92
CA THR C 261 -13.87 44.01 44.58
C THR C 261 -13.45 43.87 43.13
N MET C 262 -14.30 44.34 42.19
CA MET C 262 -14.03 44.09 40.77
C MET C 262 -12.81 44.85 40.28
N ARG C 263 -12.57 46.06 40.81
CA ARG C 263 -11.41 46.79 40.29
C ARG C 263 -10.10 46.22 40.84
N SER C 264 -10.11 45.78 42.09
CA SER C 264 -8.95 45.09 42.64
C SER C 264 -8.72 43.75 41.95
N GLU C 265 -9.81 43.06 41.59
CA GLU C 265 -9.66 41.78 40.91
C GLU C 265 -9.14 41.96 39.49
N ILE C 266 -9.50 43.03 38.80
CA ILE C 266 -8.93 43.18 37.47
C ILE C 266 -7.51 43.75 37.52
N GLN C 267 -7.13 44.50 38.56
CA GLN C 267 -5.70 44.81 38.69
C GLN C 267 -4.88 43.56 38.99
N GLN C 268 -5.38 42.68 39.86
CA GLN C 268 -4.68 41.42 40.10
C GLN C 268 -4.71 40.52 38.88
N LEU C 269 -5.76 40.64 38.06
CA LEU C 269 -5.88 39.84 36.85
C LEU C 269 -4.86 40.27 35.82
N LYS C 270 -4.65 41.59 35.69
CA LYS C 270 -3.63 42.07 34.77
C LYS C 270 -2.22 41.79 35.28
N THR C 271 -2.00 41.88 36.59
CA THR C 271 -0.68 41.50 37.11
C THR C 271 -0.45 40.00 37.06
N SER C 272 -1.49 39.20 36.91
CA SER C 272 -1.33 37.78 36.70
C SER C 272 -1.23 37.37 35.23
N VAL C 273 -1.70 38.20 34.30
CA VAL C 273 -1.49 37.88 32.90
C VAL C 273 -0.14 38.41 32.41
N ALA C 274 0.39 39.47 33.04
CA ALA C 274 1.68 40.01 32.60
C ALA C 274 2.82 39.10 33.02
N VAL C 275 2.63 38.35 34.11
CA VAL C 275 3.69 37.44 34.55
C VAL C 275 3.69 36.18 33.68
N MET C 276 2.55 35.84 33.08
CA MET C 276 2.56 34.80 32.05
C MET C 276 3.24 35.31 30.79
N GLU C 277 3.00 36.58 30.46
CA GLU C 277 3.63 37.19 29.29
C GLU C 277 5.15 37.28 29.44
N ALA C 278 5.64 37.39 30.67
CA ALA C 278 7.07 37.58 30.90
C ALA C 278 7.79 36.27 31.20
N ASN C 279 7.08 35.14 31.16
CA ASN C 279 7.74 33.87 31.47
C ASN C 279 7.93 33.01 30.22
N LEU C 280 7.55 33.53 29.05
CA LEU C 280 7.61 32.77 27.80
C LEU C 280 8.84 33.22 27.03
N GLY C 281 9.98 32.63 27.35
CA GLY C 281 11.23 33.01 26.75
C GLY C 281 11.37 32.64 25.29
N MET C 282 11.28 33.63 24.41
CA MET C 282 11.46 33.46 22.98
C MET C 282 12.87 32.98 22.66
N MET C 283 13.05 32.36 21.48
CA MET C 283 14.37 31.85 21.12
C MET C 283 14.83 32.07 19.68
N LYS C 284 14.01 32.69 18.82
CA LYS C 284 14.41 33.14 17.47
C LYS C 284 14.86 31.96 16.59
N ILE C 285 13.87 31.15 16.24
CA ILE C 285 14.08 30.05 15.31
C ILE C 285 14.34 30.60 13.93
N LEU C 286 15.33 30.04 13.23
CA LEU C 286 15.82 30.64 11.98
C LEU C 286 15.78 29.61 10.84
N ASP C 287 14.59 29.05 10.62
CA ASP C 287 14.16 28.20 9.51
C ASP C 287 14.66 28.62 8.13
N PRO C 288 14.91 27.68 7.25
CA PRO C 288 15.03 28.02 5.83
C PRO C 288 13.66 28.23 5.22
N GLY C 289 12.65 27.54 5.74
CA GLY C 289 11.31 27.57 5.20
C GLY C 289 11.26 26.99 3.81
N CYS C 290 11.04 27.85 2.82
CA CYS C 290 11.17 27.49 1.41
C CYS C 290 12.15 28.39 0.67
N ALA C 291 12.22 29.66 1.02
CA ALA C 291 13.22 30.57 0.47
C ALA C 291 14.58 30.18 1.02
N ASN C 292 15.39 29.52 0.20
CA ASN C 292 16.59 28.84 0.67
C ASN C 292 17.82 29.56 0.12
N VAL C 293 17.81 30.89 0.23
CA VAL C 293 18.91 31.69 -0.28
C VAL C 293 20.14 31.57 0.60
N SER C 294 21.26 32.09 0.11
CA SER C 294 22.50 32.21 0.87
C SER C 294 22.44 33.43 1.78
N SER C 295 23.61 33.88 2.24
CA SER C 295 23.78 35.09 3.05
C SER C 295 23.02 34.97 4.37
N LEU C 296 23.60 34.17 5.26
CA LEU C 296 23.12 33.77 6.59
C LEU C 296 22.37 34.85 7.37
N SER C 297 22.85 36.09 7.29
CA SER C 297 22.22 37.20 7.99
C SER C 297 20.79 37.48 7.52
N ASP C 298 20.45 37.12 6.28
CA ASP C 298 19.06 37.15 5.83
C ASP C 298 18.18 36.26 6.70
N LEU C 299 18.66 35.06 7.01
CA LEU C 299 17.93 34.22 7.95
C LEU C 299 18.21 34.61 9.38
N ARG C 300 19.19 35.49 9.63
CA ARG C 300 19.17 36.20 10.91
C ARG C 300 18.13 37.30 10.88
N ALA C 301 17.79 37.80 9.70
CA ALA C 301 16.83 38.89 9.57
C ALA C 301 15.40 38.38 9.60
N VAL C 302 15.07 37.41 8.73
CA VAL C 302 13.75 36.81 8.70
C VAL C 302 13.83 35.59 9.61
N ALA C 303 13.55 35.81 10.89
CA ALA C 303 13.58 34.74 11.89
C ALA C 303 12.63 35.13 13.01
N LYS C 304 11.40 34.61 12.96
CA LYS C 304 10.41 34.89 13.99
C LYS C 304 10.82 34.22 15.28
N SER C 305 10.52 34.86 16.40
CA SER C 305 10.90 34.33 17.70
C SER C 305 9.85 33.34 18.21
N HIS C 306 10.33 32.34 18.97
CA HIS C 306 9.49 31.23 19.44
C HIS C 306 9.94 30.76 20.82
N PRO C 307 9.02 30.50 21.72
CA PRO C 307 9.34 29.94 23.04
C PRO C 307 9.41 28.44 23.03
N VAL C 308 10.54 27.81 22.71
CA VAL C 308 10.50 26.36 22.49
C VAL C 308 10.38 25.61 23.81
N LEU C 309 9.66 24.48 23.76
CA LEU C 309 9.26 23.71 24.93
C LEU C 309 9.88 22.32 24.81
N ILE C 310 10.77 22.00 25.75
CA ILE C 310 11.47 20.72 25.73
C ILE C 310 10.47 19.64 26.10
N ALA C 311 10.16 18.77 25.15
CA ALA C 311 9.24 17.68 25.40
C ALA C 311 9.90 16.35 25.08
N GLY C 312 11.17 16.22 25.43
CA GLY C 312 11.89 15.01 25.12
C GLY C 312 13.10 14.78 26.00
N PRO C 313 13.54 13.53 26.07
CA PRO C 313 14.65 13.21 26.96
C PRO C 313 15.99 13.66 26.41
N GLY C 314 16.95 13.78 27.31
CA GLY C 314 18.32 14.09 26.93
C GLY C 314 18.61 15.57 26.96
N ASP C 315 19.86 15.90 26.58
CA ASP C 315 20.47 17.22 26.54
C ASP C 315 20.27 17.84 25.16
N PRO C 316 19.70 19.04 25.07
CA PRO C 316 19.59 19.75 23.78
C PRO C 316 20.66 20.80 23.54
N SER C 317 21.55 21.05 24.48
CA SER C 317 22.53 22.13 24.42
C SER C 317 23.50 22.15 23.24
N PRO C 318 23.83 21.05 22.54
CA PRO C 318 24.61 21.23 21.31
C PRO C 318 23.81 21.65 20.10
N TYR C 319 22.60 22.17 20.29
CA TYR C 319 21.81 22.71 19.19
C TYR C 319 21.42 24.16 19.41
N VAL C 320 21.95 24.79 20.44
CA VAL C 320 21.76 26.21 20.66
C VAL C 320 23.03 26.96 20.28
N THR C 321 22.95 28.27 20.29
CA THR C 321 24.05 29.14 19.88
C THR C 321 24.34 30.11 21.01
N GLN C 322 25.60 30.51 21.12
CA GLN C 322 25.94 31.69 21.91
C GLN C 322 25.16 32.87 21.34
N GLY C 323 24.18 33.34 22.11
CA GLY C 323 23.15 34.23 21.62
C GLY C 323 21.76 33.65 21.72
N GLY C 324 21.63 32.33 21.70
CA GLY C 324 20.33 31.71 21.86
C GLY C 324 19.49 31.69 20.61
N GLU C 325 19.96 30.99 19.58
CA GLU C 325 19.19 30.84 18.35
C GLU C 325 19.40 29.41 17.84
N ILE C 326 18.31 28.80 17.38
CA ILE C 326 18.29 27.39 17.00
C ILE C 326 17.84 27.29 15.56
N ALA C 327 18.71 26.74 14.71
CA ALA C 327 18.47 26.64 13.28
C ALA C 327 17.93 25.27 12.93
N LEU C 328 16.92 25.22 12.08
CA LEU C 328 16.26 23.97 11.75
C LEU C 328 16.61 23.54 10.34
N ASN C 329 16.45 22.24 10.10
CA ASN C 329 16.73 21.58 8.83
C ASN C 329 15.54 21.82 7.89
N LYS C 330 15.49 21.05 6.80
CA LYS C 330 14.24 20.99 6.06
C LYS C 330 13.30 19.94 6.63
N LEU C 331 13.84 19.02 7.42
CA LEU C 331 13.07 18.08 8.22
C LEU C 331 12.79 18.58 9.62
N SER C 332 12.87 19.89 9.84
CA SER C 332 12.73 20.53 11.15
C SER C 332 13.70 19.94 12.16
N GLN C 333 14.87 19.63 11.70
CA GLN C 333 15.83 19.10 12.64
C GLN C 333 16.78 20.18 13.06
N PRO C 334 17.03 20.38 14.34
CA PRO C 334 18.10 21.29 14.74
C PRO C 334 19.45 20.77 14.29
N VAL C 335 20.37 21.71 14.10
CA VAL C 335 21.65 21.39 13.48
C VAL C 335 22.74 22.06 14.32
N PRO C 336 23.81 21.35 14.68
CA PRO C 336 24.79 21.89 15.64
C PRO C 336 25.59 23.07 15.11
N HIS C 337 25.69 23.25 13.81
CA HIS C 337 26.26 24.46 13.28
C HIS C 337 25.37 25.01 12.16
N PRO C 338 24.87 26.24 12.31
CA PRO C 338 23.87 26.77 11.38
C PRO C 338 24.40 27.20 10.02
N SER C 339 25.64 26.89 9.67
CA SER C 339 26.17 27.18 8.35
C SER C 339 25.69 26.18 7.30
N ASP C 340 24.97 25.16 7.72
CA ASP C 340 24.53 24.08 6.84
C ASP C 340 23.28 24.40 6.06
N LEU C 341 22.61 25.50 6.42
CA LEU C 341 21.35 25.85 5.78
C LEU C 341 21.61 26.45 4.42
N ILE C 342 22.59 27.33 4.34
CA ILE C 342 22.92 27.98 3.07
C ILE C 342 23.98 27.15 2.36
N LYS C 343 24.46 26.10 3.02
CA LYS C 343 25.49 25.24 2.45
C LYS C 343 26.66 26.04 1.87
N PRO C 350 24.05 27.72 -12.53
CA PRO C 350 23.68 26.55 -13.36
C PRO C 350 24.76 26.20 -14.37
N ASP C 351 24.63 25.03 -15.00
CA ASP C 351 25.54 24.64 -16.06
C ASP C 351 24.97 25.08 -17.41
N ILE C 352 25.52 24.54 -18.49
CA ILE C 352 24.96 24.78 -19.82
C ILE C 352 24.64 23.50 -20.56
N GLY C 353 25.28 22.37 -20.22
CA GLY C 353 24.99 21.13 -20.91
C GLY C 353 23.64 20.56 -20.53
N ILE C 354 23.27 20.71 -19.25
CA ILE C 354 21.98 20.23 -18.77
C ILE C 354 20.84 20.94 -19.49
N GLU C 355 20.94 22.26 -19.61
CA GLU C 355 19.84 23.04 -20.18
C GLU C 355 19.70 22.78 -21.67
N ARG C 356 20.82 22.61 -22.36
CA ARG C 356 20.79 22.25 -23.77
C ARG C 356 20.20 20.86 -23.96
N ASP C 357 20.55 19.91 -23.08
CA ASP C 357 20.02 18.56 -23.15
C ASP C 357 18.51 18.55 -22.95
N THR C 358 18.03 19.31 -21.97
CA THR C 358 16.59 19.32 -21.69
C THR C 358 15.83 20.01 -22.80
N VAL C 359 16.38 21.09 -23.36
CA VAL C 359 15.62 21.73 -24.43
C VAL C 359 15.72 20.91 -25.73
N ARG C 360 16.78 20.12 -25.94
CA ARG C 360 16.77 19.18 -27.06
C ARG C 360 15.73 18.09 -26.85
N ALA C 361 15.58 17.62 -25.62
CA ALA C 361 14.55 16.65 -25.30
C ALA C 361 13.16 17.23 -25.54
N LEU C 362 12.98 18.50 -25.19
CA LEU C 362 11.72 19.19 -25.46
C LEU C 362 11.44 19.32 -26.95
N ILE C 363 12.48 19.59 -27.75
CA ILE C 363 12.25 19.76 -29.19
C ILE C 363 11.98 18.42 -29.85
N LEU C 364 12.78 17.41 -29.55
CA LEU C 364 12.63 16.10 -30.18
C LEU C 364 11.36 15.39 -29.73
N SER C 365 10.90 15.65 -28.51
CA SER C 365 9.85 14.87 -27.91
C SER C 365 8.45 15.44 -28.09
N ARG C 366 8.30 16.75 -28.21
CA ARG C 366 6.97 17.34 -28.29
C ARG C 366 6.45 17.33 -29.72
N PRO C 367 5.13 17.34 -29.89
CA PRO C 367 4.55 17.40 -31.25
C PRO C 367 4.89 18.69 -31.96
N MET C 368 5.41 18.56 -33.18
CA MET C 368 6.08 19.67 -33.83
C MET C 368 6.22 19.32 -35.30
N HIS C 369 6.21 20.34 -36.15
CA HIS C 369 6.52 20.13 -37.55
C HIS C 369 8.02 19.83 -37.67
N PRO C 370 8.42 18.93 -38.58
CA PRO C 370 9.84 18.47 -38.58
C PRO C 370 10.85 19.55 -38.96
N SER C 371 10.50 20.43 -39.90
CA SER C 371 11.45 21.46 -40.30
C SER C 371 11.65 22.49 -39.19
N SER C 372 10.60 22.77 -38.41
CA SER C 372 10.73 23.68 -37.29
C SER C 372 11.57 23.07 -36.18
N SER C 373 11.48 21.75 -36.02
CA SER C 373 12.34 21.05 -35.07
C SER C 373 13.80 21.12 -35.51
N SER C 374 14.03 20.96 -36.82
CA SER C 374 15.39 21.08 -37.34
C SER C 374 15.93 22.50 -37.21
N LYS C 375 15.05 23.49 -37.37
CA LYS C 375 15.46 24.89 -37.20
C LYS C 375 15.84 25.18 -35.75
N LEU C 376 15.03 24.73 -34.80
CA LEU C 376 15.35 25.01 -33.40
C LEU C 376 16.54 24.20 -32.92
N LEU C 377 16.77 23.02 -33.50
CA LEU C 377 18.00 22.31 -33.20
C LEU C 377 19.20 23.01 -33.82
N SER C 378 19.02 23.61 -35.00
CA SER C 378 20.12 24.29 -35.67
C SER C 378 20.53 25.55 -34.92
N LYS C 379 19.56 26.35 -34.48
CA LYS C 379 19.94 27.51 -33.67
C LYS C 379 19.95 27.20 -32.19
N LEU C 380 20.54 26.09 -31.81
CA LEU C 380 20.78 25.70 -30.43
C LEU C 380 22.22 25.30 -30.19
N ASP C 381 22.86 24.67 -31.18
CA ASP C 381 24.29 24.49 -31.13
C ASP C 381 25.03 25.81 -31.34
N SER C 382 24.35 26.79 -31.93
CA SER C 382 24.91 28.13 -32.04
C SER C 382 24.89 28.88 -30.72
N ALA C 383 24.06 28.49 -29.77
CA ALA C 383 23.95 29.20 -28.49
C ALA C 383 25.19 28.96 -27.64
N GLY C 384 25.47 29.90 -26.75
CA GLY C 384 26.69 29.84 -25.98
C GLY C 384 26.58 30.31 -24.54
N SER C 385 25.36 30.57 -24.06
CA SER C 385 25.15 31.01 -22.70
C SER C 385 23.90 30.33 -22.15
N VAL C 386 23.73 30.43 -20.84
CA VAL C 386 22.49 30.01 -20.19
C VAL C 386 21.31 30.81 -20.75
N GLU C 387 21.50 32.12 -20.87
CA GLU C 387 20.57 32.94 -21.65
C GLU C 387 20.66 32.56 -23.12
N GLU C 388 19.53 32.70 -23.80
CA GLU C 388 19.21 32.46 -25.20
C GLU C 388 19.08 30.96 -25.48
N ILE C 389 19.48 30.08 -24.57
CA ILE C 389 18.88 28.76 -24.55
C ILE C 389 17.47 28.86 -24.00
N ARG C 390 17.29 29.74 -23.00
CA ARG C 390 15.97 30.01 -22.42
C ARG C 390 15.02 30.60 -23.44
N LYS C 391 15.54 31.41 -24.37
CA LYS C 391 14.72 31.93 -25.46
C LYS C 391 14.20 30.80 -26.35
N ILE C 392 15.07 29.83 -26.64
CA ILE C 392 14.63 28.67 -27.43
C ILE C 392 13.64 27.85 -26.63
N LYS C 393 13.84 27.76 -25.31
CA LYS C 393 12.98 26.96 -24.47
C LYS C 393 11.57 27.51 -24.43
N ARG C 394 11.43 28.83 -24.31
CA ARG C 394 10.11 29.42 -24.37
C ARG C 394 9.62 29.61 -25.80
N LEU C 395 10.48 29.41 -26.81
CA LEU C 395 10.00 29.43 -28.18
C LEU C 395 9.43 28.09 -28.58
N ALA C 396 10.02 27.00 -28.09
CA ALA C 396 9.57 25.66 -28.43
C ALA C 396 8.26 25.32 -27.73
N LEU C 397 8.11 25.76 -26.49
CA LEU C 397 6.91 25.43 -25.73
C LEU C 397 5.70 26.21 -26.20
N ASN C 398 5.91 27.28 -26.96
CA ASN C 398 4.84 27.98 -27.66
C ASN C 398 4.73 27.53 -29.12
N GLY C 399 4.98 26.25 -29.38
CA GLY C 399 4.90 25.71 -30.71
C GLY C 399 6.24 25.26 -31.24
N MET D 234 -45.37 67.11 54.46
CA MET D 234 -44.41 67.58 55.45
C MET D 234 -43.42 66.49 55.81
N MET D 235 -43.74 65.26 55.43
CA MET D 235 -42.85 64.12 55.63
C MET D 235 -42.18 63.77 54.31
N GLU D 236 -42.89 63.97 53.21
CA GLU D 236 -42.37 63.65 51.89
C GLU D 236 -41.26 64.62 51.48
N ALA D 237 -41.23 65.81 52.08
CA ALA D 237 -40.13 66.75 51.88
C ALA D 237 -38.84 66.18 52.44
N ILE D 238 -38.89 65.69 53.69
CA ILE D 238 -37.72 65.08 54.32
C ILE D 238 -37.35 63.78 53.61
N SER D 239 -38.37 63.06 53.15
CA SER D 239 -38.19 61.80 52.43
C SER D 239 -37.44 62.00 51.11
N GLN D 240 -37.89 62.95 50.29
CA GLN D 240 -37.20 63.22 49.04
C GLN D 240 -35.88 63.96 49.26
N ARG D 241 -35.73 64.64 50.41
CA ARG D 241 -34.46 65.29 50.71
C ARG D 241 -33.38 64.26 51.04
N VAL D 242 -33.74 63.22 51.79
CA VAL D 242 -32.83 62.08 51.98
C VAL D 242 -32.65 61.32 50.68
N SER D 243 -33.74 61.22 49.91
CA SER D 243 -33.78 60.36 48.74
C SER D 243 -32.89 60.88 47.62
N LYS D 244 -32.93 62.18 47.32
CA LYS D 244 -32.17 62.70 46.18
C LYS D 244 -30.68 62.59 46.43
N ILE D 245 -30.23 62.79 47.67
CA ILE D 245 -28.80 62.71 47.93
C ILE D 245 -28.37 61.26 47.97
N ASP D 246 -29.27 60.36 48.39
CA ASP D 246 -28.98 58.93 48.32
C ASP D 246 -28.82 58.46 46.86
N TYR D 247 -29.79 58.81 46.02
CA TYR D 247 -29.88 58.32 44.64
C TYR D 247 -28.71 58.88 43.84
N GLN D 248 -28.47 60.18 43.98
CA GLN D 248 -27.35 60.83 43.31
C GLN D 248 -26.02 60.31 43.81
N LEU D 249 -25.86 60.14 45.13
CA LEU D 249 -24.60 59.68 45.71
C LEU D 249 -24.24 58.30 45.21
N ASP D 250 -25.23 57.39 45.22
CA ASP D 250 -25.05 56.05 44.67
C ASP D 250 -24.68 56.07 43.20
N LEU D 251 -25.46 56.77 42.38
CA LEU D 251 -25.34 56.53 40.96
C LEU D 251 -24.21 57.36 40.36
N VAL D 252 -23.84 58.46 41.02
CA VAL D 252 -22.64 59.20 40.64
C VAL D 252 -21.39 58.46 41.10
N LEU D 253 -21.44 57.83 42.27
CA LEU D 253 -20.29 56.99 42.67
C LEU D 253 -20.29 55.63 41.99
N LYS D 254 -21.22 55.39 41.07
CA LYS D 254 -21.25 54.18 40.27
C LYS D 254 -20.92 54.43 38.80
N GLN D 255 -21.20 55.63 38.29
CA GLN D 255 -20.85 55.97 36.91
C GLN D 255 -19.34 56.00 36.69
N THR D 256 -18.63 56.66 37.62
CA THR D 256 -17.20 56.89 37.48
C THR D 256 -16.38 55.65 37.87
N SER D 257 -17.07 54.57 38.21
CA SER D 257 -16.42 53.27 38.34
C SER D 257 -16.81 52.38 37.19
N SER D 258 -18.05 52.48 36.71
CA SER D 258 -18.52 51.61 35.65
C SER D 258 -17.86 51.91 34.31
N ILE D 259 -17.44 53.15 34.09
CA ILE D 259 -16.76 53.43 32.80
C ILE D 259 -15.26 53.10 32.83
N PRO D 260 -14.49 53.42 33.89
CA PRO D 260 -13.11 52.85 33.95
C PRO D 260 -13.07 51.34 34.01
N THR D 261 -14.13 50.71 34.51
CA THR D 261 -14.32 49.26 34.41
C THR D 261 -14.26 48.82 32.96
N MET D 262 -14.97 49.51 32.06
CA MET D 262 -14.92 49.16 30.64
C MET D 262 -13.56 49.37 30.03
N ARG D 263 -12.91 50.52 30.27
CA ARG D 263 -11.64 50.75 29.59
C ARG D 263 -10.55 49.83 30.15
N SER D 264 -10.64 49.52 31.44
CA SER D 264 -9.68 48.62 32.06
C SER D 264 -9.88 47.17 31.61
N GLU D 265 -11.13 46.74 31.41
CA GLU D 265 -11.34 45.36 30.97
C GLU D 265 -11.02 45.21 29.49
N ILE D 266 -11.18 46.28 28.71
CA ILE D 266 -10.77 46.22 27.31
C ILE D 266 -9.25 46.22 27.21
N GLN D 267 -8.58 46.93 28.10
CA GLN D 267 -7.12 46.87 28.15
C GLN D 267 -6.67 45.49 28.59
N GLN D 268 -7.45 44.82 29.42
CA GLN D 268 -7.09 43.47 29.84
C GLN D 268 -7.38 42.42 28.75
N LEU D 269 -8.44 42.60 27.95
CA LEU D 269 -8.63 41.71 26.80
C LEU D 269 -7.54 41.89 25.77
N LYS D 270 -7.05 43.11 25.62
CA LYS D 270 -5.89 43.32 24.76
C LYS D 270 -4.66 42.68 25.39
N THR D 271 -4.60 42.62 26.72
CA THR D 271 -3.42 42.07 27.38
C THR D 271 -3.33 40.56 27.23
N SER D 272 -4.45 39.85 27.39
CA SER D 272 -4.39 38.39 27.34
C SER D 272 -4.18 37.82 25.95
N VAL D 273 -4.44 38.59 24.88
CA VAL D 273 -4.14 38.12 23.53
C VAL D 273 -2.63 38.02 23.30
N ALA D 274 -1.83 38.77 24.04
CA ALA D 274 -0.39 38.58 23.98
C ALA D 274 0.05 37.25 24.60
N VAL D 275 -0.76 36.62 25.45
CA VAL D 275 -0.43 35.29 25.93
C VAL D 275 -1.10 34.27 25.01
N MET D 276 -2.18 34.66 24.35
CA MET D 276 -2.76 33.84 23.28
C MET D 276 -1.87 33.66 22.05
N GLU D 277 -0.74 34.36 21.96
CA GLU D 277 0.16 34.18 20.83
C GLU D 277 1.53 33.70 21.29
N ALA D 278 2.01 34.20 22.42
CA ALA D 278 3.35 33.85 22.85
C ALA D 278 3.39 32.49 23.52
N ASN D 279 2.23 31.93 23.85
CA ASN D 279 2.11 30.59 24.37
C ASN D 279 1.48 29.64 23.37
N LEU D 280 0.55 30.12 22.55
CA LEU D 280 -0.18 29.25 21.65
C LEU D 280 0.44 29.19 20.26
N GLY D 281 0.51 30.33 19.58
CA GLY D 281 1.02 30.32 18.23
C GLY D 281 2.52 30.08 18.24
N MET D 282 3.20 30.89 19.01
CA MET D 282 4.63 30.76 19.17
C MET D 282 4.84 29.72 20.26
N MET D 283 4.99 28.46 19.83
CA MET D 283 5.39 27.37 20.72
C MET D 283 5.92 26.25 19.85
N LYS D 284 7.16 25.83 20.10
CA LYS D 284 7.75 24.75 19.34
C LYS D 284 8.27 23.66 20.26
N ILE D 285 8.21 22.42 19.77
CA ILE D 285 8.27 21.23 20.59
C ILE D 285 9.56 20.50 20.30
N LEU D 286 10.45 20.47 21.25
CA LEU D 286 11.78 19.93 21.04
C LEU D 286 11.83 18.49 21.52
N ASP D 287 12.57 17.67 20.80
CA ASP D 287 12.93 16.33 21.25
C ASP D 287 14.43 16.22 21.06
N PRO D 288 15.21 16.24 22.13
CA PRO D 288 16.67 16.12 21.95
C PRO D 288 17.06 14.73 21.52
N GLY D 289 16.95 14.46 20.23
CA GLY D 289 17.25 13.12 19.73
C GLY D 289 18.70 12.78 19.97
N CYS D 290 18.93 11.56 20.44
CA CYS D 290 20.26 11.13 20.88
C CYS D 290 21.16 10.81 19.69
N ALA D 291 21.57 11.87 19.00
CA ALA D 291 22.51 11.75 17.89
C ALA D 291 23.93 11.82 18.44
N ASN D 292 24.29 10.77 19.16
CA ASN D 292 25.60 10.63 19.76
C ASN D 292 25.93 9.14 19.85
N VAL D 293 27.05 8.83 20.48
CA VAL D 293 27.48 7.45 20.70
C VAL D 293 27.61 7.28 22.21
N SER D 294 26.52 6.85 22.84
CA SER D 294 26.53 6.54 24.26
C SER D 294 25.46 5.49 24.50
N SER D 295 25.74 4.59 25.42
CA SER D 295 24.93 3.39 25.62
C SER D 295 23.58 3.76 26.23
N LEU D 296 22.66 2.81 26.21
CA LEU D 296 21.33 3.04 26.74
C LEU D 296 21.37 3.23 28.25
N SER D 297 22.27 2.52 28.94
CA SER D 297 22.48 2.77 30.36
C SER D 297 23.07 4.14 30.64
N ASP D 298 23.75 4.74 29.66
CA ASP D 298 24.06 6.16 29.79
C ASP D 298 22.83 7.02 29.55
N LEU D 299 22.01 6.64 28.57
CA LEU D 299 20.78 7.39 28.36
C LEU D 299 19.72 7.08 29.41
N ARG D 300 19.84 5.97 30.14
CA ARG D 300 18.96 5.70 31.27
C ARG D 300 19.40 6.42 32.55
N ALA D 301 20.38 7.30 32.49
CA ALA D 301 20.80 8.04 33.68
C ALA D 301 19.75 9.04 34.12
N ARG E 8 18.47 -39.84 -0.66
CA ARG E 8 17.33 -40.02 0.23
C ARG E 8 16.18 -39.11 -0.16
N ALA E 9 14.97 -39.62 -0.01
CA ALA E 9 13.80 -38.97 -0.54
C ALA E 9 13.28 -37.84 0.35
N GLU E 10 13.72 -37.77 1.61
CA GLU E 10 13.32 -36.67 2.48
C GLU E 10 13.89 -35.35 2.00
N HIS E 11 15.04 -35.38 1.37
CA HIS E 11 15.77 -34.18 1.00
C HIS E 11 15.48 -33.74 -0.43
N GLN E 12 14.39 -34.20 -1.02
CA GLN E 12 14.00 -33.83 -2.37
C GLN E 12 12.62 -33.23 -2.40
N ILE E 13 12.25 -32.50 -1.35
CA ILE E 13 10.96 -31.82 -1.28
C ILE E 13 11.15 -30.31 -1.29
N ILE E 14 11.79 -29.77 -0.26
CA ILE E 14 11.95 -28.32 -0.20
C ILE E 14 13.23 -28.02 -0.98
N LEU E 15 13.08 -27.88 -2.30
CA LEU E 15 14.22 -27.67 -3.20
C LEU E 15 14.82 -26.28 -3.00
N PRO E 16 16.11 -26.12 -3.24
CA PRO E 16 16.70 -24.77 -3.22
C PRO E 16 16.12 -23.94 -4.34
N GLU E 17 15.89 -22.66 -4.06
CA GLU E 17 15.02 -21.88 -4.93
C GLU E 17 15.70 -21.53 -6.23
N SER E 18 14.89 -21.28 -7.25
CA SER E 18 15.43 -21.01 -8.57
C SER E 18 15.49 -19.53 -8.89
N HIS E 19 14.80 -18.69 -8.15
CA HIS E 19 14.82 -17.26 -8.44
C HIS E 19 15.03 -16.49 -7.15
N LEU E 20 15.55 -15.28 -7.30
CA LEU E 20 15.98 -14.53 -6.14
C LEU E 20 14.76 -13.99 -5.41
N SER E 21 14.63 -14.35 -4.15
CA SER E 21 13.60 -13.81 -3.27
C SER E 21 14.18 -13.51 -1.91
N SER E 22 15.37 -12.92 -1.90
CA SER E 22 16.08 -12.67 -0.65
C SER E 22 17.08 -11.57 -0.89
N PRO E 23 17.45 -10.82 0.14
CA PRO E 23 18.52 -9.83 -0.02
C PRO E 23 19.86 -10.49 -0.26
N LEU E 24 20.73 -9.74 -0.94
CA LEU E 24 22.09 -10.18 -1.21
C LEU E 24 22.98 -9.64 -0.11
N VAL E 25 23.42 -10.49 0.77
CA VAL E 25 24.22 -10.09 1.91
C VAL E 25 25.70 -10.15 1.52
N LYS E 26 26.43 -9.08 1.81
CA LYS E 26 27.85 -9.06 1.47
C LYS E 26 28.65 -10.01 2.34
N HIS E 27 28.41 -10.01 3.65
CA HIS E 27 29.32 -10.73 4.52
C HIS E 27 29.07 -12.22 4.57
N LYS E 28 27.96 -12.72 4.03
CA LYS E 28 27.85 -14.14 3.72
C LYS E 28 28.90 -14.54 2.70
N LEU E 29 28.95 -13.80 1.60
CA LEU E 29 29.92 -14.04 0.54
C LEU E 29 31.33 -13.84 1.04
N LEU E 30 31.56 -12.86 1.91
CA LEU E 30 32.90 -12.69 2.44
C LEU E 30 33.25 -13.73 3.48
N TYR E 31 32.27 -14.39 4.09
CA TYR E 31 32.56 -15.54 4.93
C TYR E 31 33.04 -16.72 4.10
N TYR E 32 32.34 -17.01 3.00
CA TYR E 32 32.88 -18.08 2.16
C TYR E 32 34.08 -17.63 1.33
N TRP E 33 34.43 -16.36 1.33
CA TRP E 33 35.68 -15.94 0.70
C TRP E 33 36.84 -16.10 1.68
N LYS E 34 36.66 -15.64 2.91
CA LYS E 34 37.74 -15.74 3.88
C LYS E 34 37.93 -17.18 4.33
N LEU E 35 36.86 -17.96 4.28
CA LEU E 35 36.92 -19.33 4.75
C LEU E 35 37.70 -20.19 3.79
N THR E 36 37.60 -19.89 2.50
CA THR E 36 38.47 -20.53 1.54
C THR E 36 39.81 -19.79 1.52
N GLY E 37 40.75 -20.26 0.72
CA GLY E 37 42.07 -19.74 0.92
C GLY E 37 42.44 -18.50 0.14
N LEU E 38 41.51 -17.94 -0.63
CA LEU E 38 41.84 -16.97 -1.66
C LEU E 38 42.10 -15.59 -1.07
N PRO E 39 42.77 -14.71 -1.83
CA PRO E 39 42.88 -13.32 -1.39
C PRO E 39 41.66 -12.49 -1.73
N LEU E 40 41.22 -11.72 -0.75
CA LEU E 40 40.03 -10.91 -0.79
C LEU E 40 40.29 -9.68 -1.65
N PRO E 41 39.25 -8.97 -2.10
CA PRO E 41 39.48 -7.73 -2.85
C PRO E 41 40.11 -6.63 -2.00
N ASP E 42 40.53 -5.58 -2.70
CA ASP E 42 41.22 -4.48 -2.06
C ASP E 42 40.29 -3.60 -1.24
N GLU E 43 39.00 -3.59 -1.58
CA GLU E 43 38.04 -2.79 -0.81
C GLU E 43 37.51 -3.52 0.41
N CYS E 44 38.12 -4.65 0.78
CA CYS E 44 37.69 -5.41 1.95
C CYS E 44 38.86 -5.71 2.86
N ASP E 45 39.96 -4.97 2.74
CA ASP E 45 41.14 -5.28 3.53
C ASP E 45 41.00 -4.83 4.96
N PHE E 46 40.38 -3.67 5.19
CA PHE E 46 40.20 -3.13 6.54
C PHE E 46 38.78 -3.32 7.01
N ASP E 47 38.12 -4.40 6.62
CA ASP E 47 36.72 -4.60 6.94
C ASP E 47 36.56 -4.95 8.42
N HIS E 48 35.39 -4.61 8.95
CA HIS E 48 35.16 -4.68 10.40
C HIS E 48 34.80 -6.07 10.89
N LEU E 49 34.27 -6.93 10.02
CA LEU E 49 34.03 -8.31 10.43
C LEU E 49 35.16 -9.25 10.08
N ILE E 50 35.96 -8.91 9.06
CA ILE E 50 37.07 -9.76 8.68
C ILE E 50 38.20 -9.67 9.71
N LEU E 51 38.50 -8.47 10.17
CA LEU E 51 39.62 -8.29 11.08
C LEU E 51 39.32 -8.72 12.50
N SER E 52 38.05 -8.86 12.86
CA SER E 52 37.71 -9.06 14.27
C SER E 52 37.57 -10.51 14.64
N ARG E 53 37.16 -11.37 13.70
CA ARG E 53 36.83 -12.74 14.03
C ARG E 53 38.07 -13.57 14.35
N GLN E 54 37.86 -14.60 15.17
CA GLN E 54 38.88 -15.60 15.45
C GLN E 54 38.75 -16.72 14.43
N TRP E 55 39.38 -16.50 13.28
CA TRP E 55 39.35 -17.48 12.18
C TRP E 55 40.13 -18.74 12.50
N LYS E 56 41.03 -18.69 13.49
CA LYS E 56 41.82 -19.87 13.82
C LYS E 56 40.97 -20.97 14.43
N LYS E 57 39.85 -20.62 15.06
CA LYS E 57 38.93 -21.63 15.53
C LYS E 57 37.88 -21.96 14.48
N ILE E 58 37.46 -20.97 13.69
CA ILE E 58 36.44 -21.16 12.68
C ILE E 58 36.92 -22.12 11.60
N LEU E 59 38.20 -22.05 11.26
CA LEU E 59 38.77 -23.00 10.32
C LEU E 59 39.17 -24.32 10.95
N GLU E 60 38.80 -24.57 12.20
CA GLU E 60 39.07 -25.84 12.85
C GLU E 60 37.78 -26.51 13.30
N SER E 61 36.78 -26.54 12.41
CA SER E 61 35.57 -27.31 12.63
C SER E 61 35.52 -28.55 11.75
N SER E 62 35.98 -28.43 10.51
CA SER E 62 36.03 -29.52 9.53
C SER E 62 34.65 -30.15 9.31
N THR E 63 33.63 -29.31 9.29
CA THR E 63 32.34 -29.71 8.79
C THR E 63 32.42 -29.78 7.27
N PRO E 64 31.42 -30.34 6.58
CA PRO E 64 31.38 -30.19 5.12
C PRO E 64 31.22 -28.75 4.64
N ASP E 65 30.87 -27.83 5.54
CA ASP E 65 30.74 -26.44 5.17
C ASP E 65 32.10 -25.80 4.88
N ILE E 66 33.17 -26.30 5.50
CA ILE E 66 34.48 -25.68 5.40
C ILE E 66 35.43 -26.47 4.51
N GLU E 67 35.32 -27.81 4.50
CA GLU E 67 36.26 -28.63 3.75
C GLU E 67 36.09 -28.47 2.25
N ARG E 68 34.86 -28.23 1.78
CA ARG E 68 34.65 -27.93 0.37
C ARG E 68 35.34 -26.65 0.00
N MET E 69 35.28 -25.66 0.89
CA MET E 69 35.94 -24.38 0.66
C MET E 69 37.45 -24.52 0.68
N ILE E 70 37.99 -25.41 1.52
CA ILE E 70 39.43 -25.62 1.56
C ILE E 70 39.92 -26.28 0.28
N LYS E 71 39.21 -27.33 -0.17
CA LYS E 71 39.56 -27.98 -1.43
C LYS E 71 39.40 -27.05 -2.61
N LEU E 72 38.41 -26.17 -2.58
CA LEU E 72 38.24 -25.21 -3.65
C LEU E 72 39.30 -24.11 -3.62
N GLY E 73 39.78 -23.75 -2.43
CA GLY E 73 40.89 -22.81 -2.37
C GLY E 73 42.20 -23.42 -2.83
N ARG E 74 42.34 -24.74 -2.68
CA ARG E 74 43.47 -25.39 -3.32
C ARG E 74 43.27 -25.51 -4.82
N SER E 75 42.04 -25.71 -5.27
CA SER E 75 41.79 -26.05 -6.66
C SER E 75 41.84 -24.83 -7.56
N VAL E 76 41.32 -23.70 -7.09
CA VAL E 76 41.32 -22.50 -7.92
C VAL E 76 42.73 -21.95 -8.04
N HIS E 77 43.52 -22.08 -6.97
CA HIS E 77 44.84 -21.48 -6.89
C HIS E 77 45.84 -22.12 -7.84
N GLN E 78 45.55 -23.32 -8.35
CA GLN E 78 46.48 -23.99 -9.24
C GLN E 78 46.41 -23.43 -10.66
N THR E 79 45.22 -23.15 -11.17
CA THR E 79 45.10 -22.64 -12.53
C THR E 79 45.30 -21.14 -12.63
N LEU E 80 45.81 -20.50 -11.59
CA LEU E 80 46.28 -19.13 -11.65
C LEU E 80 47.71 -19.08 -11.14
N SER E 81 48.54 -18.27 -11.78
CA SER E 81 49.98 -18.34 -11.59
C SER E 81 50.39 -17.71 -10.26
N HIS E 82 51.68 -17.86 -9.95
CA HIS E 82 52.31 -17.11 -8.87
C HIS E 82 53.13 -15.94 -9.40
N SER E 83 53.09 -15.70 -10.70
CA SER E 83 53.97 -14.72 -11.32
C SER E 83 53.52 -13.29 -11.05
N SER E 84 52.26 -13.08 -10.67
CA SER E 84 51.73 -11.75 -10.47
C SER E 84 50.81 -11.78 -9.26
N LYS E 85 50.02 -10.73 -9.13
CA LYS E 85 49.10 -10.56 -8.01
C LYS E 85 47.71 -10.95 -8.45
N LEU E 86 47.04 -11.77 -7.64
CA LEU E 86 45.70 -12.25 -7.97
C LEU E 86 44.68 -11.22 -7.50
N THR E 87 44.02 -10.57 -8.45
CA THR E 87 42.98 -9.60 -8.14
C THR E 87 41.65 -10.31 -7.93
N GLY E 88 40.95 -9.88 -6.89
CA GLY E 88 39.77 -10.58 -6.39
C GLY E 88 38.46 -9.83 -6.50
N ILE E 89 38.16 -9.26 -7.67
CA ILE E 89 37.05 -8.36 -7.97
C ILE E 89 35.70 -8.76 -7.38
N LEU E 90 35.08 -7.86 -6.63
CA LEU E 90 33.81 -8.10 -5.94
C LEU E 90 32.65 -7.40 -6.64
N HIS E 91 31.50 -8.05 -6.65
CA HIS E 91 30.29 -7.53 -7.28
C HIS E 91 29.89 -6.19 -6.68
N PRO E 92 29.41 -5.23 -7.47
CA PRO E 92 29.15 -5.16 -8.92
C PRO E 92 30.31 -4.78 -9.81
N ARG E 93 31.54 -4.74 -9.29
CA ARG E 93 32.68 -4.41 -10.16
C ARG E 93 33.00 -5.52 -11.15
N CYS E 94 32.38 -6.69 -11.04
CA CYS E 94 32.56 -7.78 -11.98
C CYS E 94 31.36 -7.96 -12.88
N LEU E 95 30.56 -6.91 -13.08
CA LEU E 95 29.36 -7.06 -13.89
C LEU E 95 29.68 -7.19 -15.37
N GLU E 96 30.68 -6.47 -15.86
CA GLU E 96 30.88 -6.46 -17.30
C GLU E 96 31.51 -7.74 -17.79
N ASP E 97 32.24 -8.43 -16.91
CA ASP E 97 32.80 -9.74 -17.23
C ASP E 97 31.70 -10.77 -17.30
N LEU E 98 30.96 -10.95 -16.20
CA LEU E 98 29.96 -12.00 -16.08
C LEU E 98 28.76 -11.74 -16.96
N VAL E 99 28.56 -10.49 -17.36
CA VAL E 99 27.65 -10.15 -18.44
C VAL E 99 28.02 -10.87 -19.73
N GLY E 100 29.31 -11.02 -20.01
CA GLY E 100 29.67 -11.58 -21.30
C GLY E 100 30.27 -12.96 -21.21
N LEU E 101 29.81 -13.77 -20.27
CA LEU E 101 30.39 -15.08 -20.06
C LEU E 101 29.93 -16.01 -21.17
N ASP E 102 30.82 -16.92 -21.56
CA ASP E 102 30.57 -17.78 -22.72
C ASP E 102 31.16 -19.15 -22.39
N ILE E 103 30.32 -20.03 -21.86
CA ILE E 103 30.63 -21.46 -21.78
C ILE E 103 30.15 -22.09 -23.08
N PRO E 104 31.00 -22.80 -23.79
CA PRO E 104 30.56 -23.43 -25.05
C PRO E 104 29.78 -24.71 -24.82
N ASP E 105 30.03 -25.33 -23.68
CA ASP E 105 29.40 -26.59 -23.32
C ASP E 105 27.90 -26.42 -23.17
N SER E 106 27.50 -25.48 -22.33
CA SER E 106 26.10 -25.15 -22.13
C SER E 106 25.47 -24.56 -23.37
N THR E 107 26.28 -23.95 -24.23
CA THR E 107 25.76 -23.47 -25.50
C THR E 107 25.35 -24.63 -26.41
N ASN E 108 26.18 -25.68 -26.46
CA ASN E 108 25.77 -26.86 -27.20
C ASN E 108 24.59 -27.56 -26.54
N LYS E 109 24.59 -27.58 -25.22
CA LYS E 109 23.55 -28.26 -24.47
C LYS E 109 22.19 -27.58 -24.63
N PHE E 110 22.17 -26.27 -24.83
CA PHE E 110 20.92 -25.61 -25.20
C PHE E 110 20.62 -25.64 -26.68
N ARG E 111 21.62 -25.77 -27.55
CA ARG E 111 21.26 -25.83 -28.96
C ARG E 111 20.73 -27.18 -29.36
N ARG E 112 20.97 -28.21 -28.52
CA ARG E 112 20.17 -29.43 -28.59
C ARG E 112 18.68 -29.15 -28.46
N ILE E 113 18.31 -28.22 -27.57
CA ILE E 113 16.91 -27.88 -27.40
C ILE E 113 16.44 -27.02 -28.57
N GLU E 114 17.31 -26.13 -29.02
CA GLU E 114 16.99 -25.23 -30.13
C GLU E 114 16.62 -26.00 -31.39
N LYS E 115 17.36 -27.07 -31.67
CA LYS E 115 17.07 -27.87 -32.86
C LYS E 115 15.70 -28.50 -32.82
N LYS E 116 15.28 -28.97 -31.63
CA LYS E 116 13.95 -29.55 -31.48
C LYS E 116 12.85 -28.50 -31.61
N ILE E 117 13.11 -27.28 -31.15
CA ILE E 117 12.10 -26.23 -31.32
C ILE E 117 11.98 -25.81 -32.78
N GLN E 118 13.09 -25.84 -33.51
CA GLN E 118 13.03 -25.60 -34.93
C GLN E 118 12.26 -26.69 -35.65
N ILE E 119 12.35 -27.93 -35.16
CA ILE E 119 11.53 -29.02 -35.69
C ILE E 119 10.05 -28.76 -35.43
N HIS E 120 9.73 -28.26 -34.21
CA HIS E 120 8.34 -27.95 -33.88
C HIS E 120 7.77 -26.88 -34.78
N ASN E 121 8.55 -25.85 -35.08
CA ASN E 121 8.03 -24.82 -35.97
C ASN E 121 7.88 -25.36 -37.38
N THR E 122 8.85 -26.12 -37.88
CA THR E 122 8.72 -26.66 -39.24
C THR E 122 7.58 -27.66 -39.37
N ARG E 123 7.15 -28.27 -38.28
CA ARG E 123 6.02 -29.18 -38.39
C ARG E 123 4.69 -28.51 -38.10
N TYR E 124 4.67 -27.42 -37.34
CA TYR E 124 3.38 -26.93 -36.87
C TYR E 124 3.11 -25.46 -37.14
N GLY E 125 3.97 -24.76 -37.89
CA GLY E 125 3.81 -23.32 -38.01
C GLY E 125 2.65 -22.91 -38.88
N GLU E 126 2.43 -23.64 -39.96
CA GLU E 126 1.28 -23.36 -40.81
C GLU E 126 -0.07 -23.70 -40.16
N PRO E 127 -0.23 -24.75 -39.35
CA PRO E 127 -1.49 -24.85 -38.61
C PRO E 127 -1.67 -23.80 -37.52
N PHE E 128 -0.59 -23.28 -36.93
CA PHE E 128 -0.75 -22.11 -36.07
C PHE E 128 -1.10 -20.87 -36.87
N THR E 129 -0.76 -20.82 -38.16
CA THR E 129 -1.29 -19.77 -39.01
C THR E 129 -2.77 -19.99 -39.27
N ARG E 130 -3.16 -21.25 -39.49
CA ARG E 130 -4.52 -21.55 -39.89
C ARG E 130 -5.50 -21.31 -38.74
N LEU E 131 -5.07 -21.59 -37.51
CA LEU E 131 -5.88 -21.33 -36.33
C LEU E 131 -6.16 -19.85 -36.16
N CYS E 132 -5.10 -19.03 -36.16
CA CYS E 132 -5.26 -17.61 -35.91
C CYS E 132 -5.92 -16.90 -37.07
N SER E 133 -5.84 -17.45 -38.29
CA SER E 133 -6.51 -16.85 -39.42
C SER E 133 -7.88 -17.48 -39.68
N TYR E 134 -8.28 -18.47 -38.90
CA TYR E 134 -9.64 -18.97 -38.95
C TYR E 134 -10.52 -18.45 -37.83
N VAL E 135 -10.01 -18.40 -36.60
CA VAL E 135 -10.84 -17.98 -35.47
C VAL E 135 -11.17 -16.49 -35.58
N GLU E 136 -10.17 -15.68 -35.92
CA GLU E 136 -10.37 -14.25 -36.09
C GLU E 136 -11.23 -13.95 -37.31
N LYS E 137 -11.07 -14.74 -38.37
CA LYS E 137 -11.97 -14.68 -39.52
C LYS E 137 -13.41 -14.99 -39.13
N LYS E 138 -13.60 -15.98 -38.26
CA LYS E 138 -14.94 -16.34 -37.80
C LYS E 138 -15.56 -15.22 -36.98
N LEU E 139 -14.79 -14.63 -36.06
CA LEU E 139 -15.35 -13.60 -35.21
C LEU E 139 -15.46 -12.24 -35.88
N LEU E 140 -14.83 -12.03 -37.02
CA LEU E 140 -14.96 -10.75 -37.70
C LEU E 140 -15.62 -10.83 -39.07
N GLY E 141 -16.04 -12.00 -39.50
CA GLY E 141 -16.94 -12.11 -40.64
C GLY E 141 -16.27 -11.91 -41.98
N SER E 142 -17.10 -12.05 -43.02
CA SER E 142 -16.65 -12.03 -44.40
C SER E 142 -16.59 -10.62 -44.99
N SER E 143 -16.90 -9.60 -44.20
CA SER E 143 -16.60 -8.23 -44.61
C SER E 143 -15.16 -7.86 -44.27
N TRP E 144 -14.42 -8.78 -43.68
CA TRP E 144 -13.07 -8.56 -43.22
C TRP E 144 -12.15 -9.65 -43.73
N THR E 145 -12.69 -10.61 -44.47
CA THR E 145 -11.93 -11.76 -44.94
C THR E 145 -10.96 -11.42 -46.08
N HIS E 146 -10.96 -10.18 -46.57
CA HIS E 146 -9.87 -9.68 -47.40
C HIS E 146 -8.90 -8.82 -46.61
N LYS E 147 -9.15 -8.60 -45.32
CA LYS E 147 -8.28 -7.82 -44.46
C LYS E 147 -7.72 -8.66 -43.32
N ILE E 148 -7.54 -9.96 -43.56
CA ILE E 148 -7.01 -10.84 -42.53
C ILE E 148 -5.57 -11.23 -42.83
N ARG E 149 -4.63 -10.42 -42.34
CA ARG E 149 -3.22 -10.73 -42.45
C ARG E 149 -2.63 -10.79 -41.05
N ARG E 150 -1.69 -11.72 -40.86
CA ARG E 150 -1.10 -11.91 -39.56
C ARG E 150 -0.22 -10.74 -39.18
N SER E 151 -0.10 -10.52 -37.87
CA SER E 151 0.77 -9.47 -37.40
C SER E 151 2.22 -9.86 -37.64
N GLU E 152 3.07 -8.85 -37.80
CA GLU E 152 4.48 -9.07 -38.01
C GLU E 152 5.24 -9.18 -36.70
N GLU E 153 4.54 -9.38 -35.59
CA GLU E 153 5.12 -9.97 -34.40
C GLU E 153 5.07 -11.49 -34.48
N PHE E 154 3.96 -12.01 -35.01
CA PHE E 154 3.84 -13.44 -35.27
C PHE E 154 4.75 -13.90 -36.39
N ASP E 155 4.94 -13.07 -37.41
CA ASP E 155 5.69 -13.51 -38.60
C ASP E 155 7.18 -13.61 -38.32
N SER E 156 7.72 -12.69 -37.54
CA SER E 156 9.13 -12.80 -37.15
C SER E 156 9.33 -13.91 -36.14
N LEU E 157 8.31 -14.21 -35.37
CA LEU E 157 8.36 -15.37 -34.48
C LEU E 157 8.30 -16.66 -35.28
N ARG E 158 7.64 -16.61 -36.43
CA ARG E 158 7.49 -17.77 -37.28
C ARG E 158 8.76 -18.03 -38.08
N THR E 159 9.39 -17.00 -38.63
CA THR E 159 10.61 -17.23 -39.41
C THR E 159 11.81 -17.50 -38.51
N ASP E 160 11.89 -16.87 -37.36
CA ASP E 160 12.90 -17.21 -36.37
C ASP E 160 12.22 -17.97 -35.25
N PRO E 161 12.23 -19.31 -35.27
CA PRO E 161 11.62 -20.04 -34.15
C PRO E 161 12.44 -19.90 -32.90
N ALA E 162 13.76 -19.84 -33.05
CA ALA E 162 14.69 -19.78 -31.94
C ALA E 162 15.01 -18.32 -31.62
N PHE E 163 13.95 -17.60 -31.29
CA PHE E 163 14.09 -16.25 -30.76
C PHE E 163 14.84 -16.26 -29.44
N TRP E 164 14.62 -17.29 -28.63
CA TRP E 164 15.17 -17.39 -27.30
C TRP E 164 16.65 -17.68 -27.32
N PHE E 165 17.16 -18.08 -28.48
CA PHE E 165 18.52 -18.57 -28.62
C PHE E 165 19.39 -17.67 -29.48
N HIS E 166 18.80 -16.82 -30.32
CA HIS E 166 19.56 -16.01 -31.28
C HIS E 166 19.48 -14.51 -31.00
N SER E 167 19.58 -14.11 -29.74
CA SER E 167 19.68 -12.69 -29.44
C SER E 167 20.99 -12.42 -28.71
N SER E 168 21.32 -11.16 -28.61
CA SER E 168 22.37 -10.78 -27.68
C SER E 168 21.85 -11.00 -26.29
N TRP E 169 22.78 -11.30 -25.38
CA TRP E 169 22.70 -11.78 -24.00
C TRP E 169 22.42 -13.27 -23.92
N SER E 170 22.12 -13.95 -25.03
CA SER E 170 21.72 -15.36 -24.97
C SER E 170 22.87 -16.25 -24.57
N THR E 171 24.08 -15.92 -25.01
CA THR E 171 25.20 -16.82 -24.80
C THR E 171 25.65 -16.80 -23.35
N ALA E 172 25.36 -15.73 -22.63
CA ALA E 172 25.56 -15.71 -21.19
C ALA E 172 24.32 -16.20 -20.45
N LYS E 173 23.15 -16.10 -21.06
CA LYS E 173 21.94 -16.60 -20.41
C LYS E 173 21.97 -18.11 -20.32
N PHE E 174 22.43 -18.78 -21.38
CA PHE E 174 22.74 -20.20 -21.38
C PHE E 174 23.68 -20.57 -20.24
N ALA E 175 24.73 -19.76 -20.07
CA ALA E 175 25.79 -20.08 -19.14
C ALA E 175 25.33 -19.94 -17.71
N TRP E 176 24.58 -18.89 -17.41
CA TRP E 176 24.14 -18.71 -16.04
C TRP E 176 23.01 -19.64 -15.66
N LEU E 177 22.11 -19.99 -16.58
CA LEU E 177 21.13 -21.02 -16.27
C LEU E 177 21.78 -22.37 -16.01
N HIS E 178 22.85 -22.68 -16.76
CA HIS E 178 23.56 -23.93 -16.55
C HIS E 178 24.28 -23.96 -15.21
N VAL E 179 25.00 -22.89 -14.87
CA VAL E 179 25.69 -22.83 -13.57
C VAL E 179 24.68 -22.82 -12.41
N LYS E 180 23.50 -22.22 -12.62
CA LYS E 180 22.46 -22.22 -11.59
C LYS E 180 21.96 -23.62 -11.30
N GLN E 181 21.59 -24.36 -12.35
CA GLN E 181 21.08 -25.71 -12.13
C GLN E 181 22.15 -26.64 -11.58
N ILE E 182 23.42 -26.43 -11.94
CA ILE E 182 24.48 -27.22 -11.33
C ILE E 182 24.61 -26.93 -9.85
N GLN E 183 24.56 -25.66 -9.43
CA GLN E 183 24.71 -25.38 -8.01
C GLN E 183 23.50 -25.85 -7.20
N ARG E 184 22.30 -25.80 -7.77
CA ARG E 184 21.14 -26.37 -7.09
C ARG E 184 21.27 -27.88 -6.95
N HIS E 185 21.77 -28.55 -7.99
CA HIS E 185 22.01 -29.99 -7.91
C HIS E 185 23.08 -30.33 -6.89
N LEU E 186 24.10 -29.48 -6.77
CA LEU E 186 25.13 -29.70 -5.76
C LEU E 186 24.62 -29.49 -4.35
N ILE E 187 23.69 -28.55 -4.15
CA ILE E 187 23.11 -28.37 -2.81
C ILE E 187 22.26 -29.57 -2.43
N VAL E 188 21.42 -30.04 -3.36
CA VAL E 188 20.58 -31.21 -3.10
C VAL E 188 21.44 -32.44 -2.81
N ALA E 189 22.47 -32.66 -3.62
CA ALA E 189 23.35 -33.79 -3.36
C ALA E 189 24.22 -33.60 -2.14
N ALA E 190 24.38 -32.37 -1.65
CA ALA E 190 25.11 -32.17 -0.41
C ALA E 190 24.21 -32.23 0.82
N ARG E 191 22.89 -32.30 0.64
CA ARG E 191 22.00 -32.49 1.78
C ARG E 191 22.21 -33.84 2.44
N THR E 192 22.20 -34.90 1.64
CA THR E 192 22.43 -36.24 2.15
C THR E 192 23.90 -36.40 2.52
N ARG E 193 24.14 -36.98 3.70
CA ARG E 193 25.49 -37.23 4.20
C ARG E 193 26.23 -38.21 3.30
N SER E 194 27.20 -37.71 2.55
CA SER E 194 27.94 -38.53 1.61
C SER E 194 29.34 -37.94 1.46
N ALA E 195 30.16 -38.64 0.69
CA ALA E 195 31.54 -38.24 0.43
C ALA E 195 31.85 -38.34 -1.06
N SER E 196 30.97 -37.78 -1.86
CA SER E 196 31.10 -37.82 -3.31
C SER E 196 31.89 -36.61 -3.81
N ASN E 197 31.94 -36.45 -5.13
CA ASN E 197 32.64 -35.33 -5.78
C ASN E 197 31.76 -34.09 -5.64
N LYS E 198 32.15 -33.21 -4.72
CA LYS E 198 31.41 -31.99 -4.44
C LYS E 198 32.10 -30.78 -5.08
N LEU E 199 32.21 -30.81 -6.41
CA LEU E 199 32.90 -29.78 -7.18
C LEU E 199 32.62 -30.02 -8.65
N VAL E 200 32.36 -28.95 -9.38
CA VAL E 200 32.21 -29.04 -10.83
C VAL E 200 33.06 -27.94 -11.45
N THR E 201 33.94 -28.30 -12.37
CA THR E 201 34.71 -27.31 -13.10
C THR E 201 34.19 -27.25 -14.53
N LEU E 202 33.88 -26.05 -14.98
CA LEU E 202 33.56 -25.78 -16.38
C LEU E 202 34.64 -24.91 -16.97
N SER E 203 34.68 -24.84 -18.29
CA SER E 203 35.67 -24.05 -19.00
C SER E 203 34.95 -23.07 -19.89
N HIS E 204 35.21 -21.78 -19.71
CA HIS E 204 34.64 -20.75 -20.55
C HIS E 204 35.76 -20.01 -21.23
N ARG E 205 35.37 -19.15 -22.18
CA ARG E 205 36.32 -18.37 -22.96
C ARG E 205 37.17 -17.51 -22.04
N SER E 206 38.46 -17.85 -21.98
CA SER E 206 39.44 -17.30 -21.05
C SER E 206 39.04 -17.54 -19.60
N GLY E 207 38.94 -18.80 -19.24
CA GLY E 207 39.07 -19.15 -17.84
C GLY E 207 38.23 -20.35 -17.46
N GLN E 208 38.16 -20.56 -16.14
CA GLN E 208 37.47 -21.69 -15.56
C GLN E 208 36.42 -21.22 -14.57
N VAL E 209 35.39 -22.03 -14.42
CA VAL E 209 34.27 -21.77 -13.52
C VAL E 209 34.21 -22.92 -12.52
N PHE E 210 34.19 -22.59 -11.23
CA PHE E 210 34.23 -23.57 -10.15
C PHE E 210 32.91 -23.52 -9.41
N ILE E 211 32.27 -24.67 -9.27
CA ILE E 211 30.91 -24.76 -8.75
C ILE E 211 30.93 -25.68 -7.54
N THR E 212 30.36 -25.22 -6.44
CA THR E 212 30.27 -25.90 -5.15
C THR E 212 28.85 -25.69 -4.61
N PRO E 213 28.45 -26.21 -3.44
CA PRO E 213 27.18 -25.79 -2.86
C PRO E 213 27.09 -24.33 -2.50
N GLU E 214 28.18 -23.72 -2.05
CA GLU E 214 28.16 -22.32 -1.67
C GLU E 214 28.61 -21.40 -2.80
N LEU E 215 29.84 -21.54 -3.25
CA LEU E 215 30.42 -20.54 -4.12
C LEU E 215 30.32 -20.96 -5.58
N VAL E 216 30.28 -19.97 -6.45
CA VAL E 216 30.65 -20.13 -7.84
C VAL E 216 31.77 -19.14 -8.08
N ILE E 217 32.92 -19.62 -8.52
CA ILE E 217 34.09 -18.77 -8.73
C ILE E 217 34.45 -18.76 -10.20
N VAL E 218 34.46 -17.58 -10.80
CA VAL E 218 34.80 -17.42 -12.20
C VAL E 218 36.17 -16.79 -12.28
N THR E 219 37.07 -17.41 -13.02
CA THR E 219 38.42 -16.91 -13.18
C THR E 219 38.65 -16.44 -14.61
N HIS E 220 39.49 -15.43 -14.77
CA HIS E 220 40.00 -15.01 -16.05
C HIS E 220 41.52 -15.07 -16.00
N THR E 221 42.11 -15.80 -16.92
CA THR E 221 43.53 -16.13 -16.84
C THR E 221 44.42 -15.12 -17.53
N ASN E 222 43.92 -14.43 -18.56
CA ASN E 222 44.75 -13.48 -19.26
C ASN E 222 44.97 -12.23 -18.42
N GLU E 223 43.95 -11.78 -17.69
CA GLU E 223 44.14 -10.67 -16.77
C GLU E 223 44.37 -11.12 -15.34
N ASN E 224 44.36 -12.42 -15.06
CA ASN E 224 44.69 -13.02 -13.77
C ASN E 224 43.76 -12.49 -12.66
N LYS E 225 42.47 -12.58 -12.90
CA LYS E 225 41.46 -12.10 -11.95
C LYS E 225 40.51 -13.24 -11.63
N PHE E 226 39.73 -13.06 -10.56
CA PHE E 226 38.71 -14.02 -10.22
C PHE E 226 37.65 -13.34 -9.38
N THR E 227 36.40 -13.78 -9.56
CA THR E 227 35.29 -13.33 -8.74
C THR E 227 34.62 -14.54 -8.09
N CYS E 228 34.11 -14.34 -6.87
CA CYS E 228 33.43 -15.38 -6.11
C CYS E 228 31.99 -14.93 -5.89
N LEU E 229 31.05 -15.88 -5.95
CA LEU E 229 29.64 -15.57 -5.82
C LEU E 229 29.03 -16.50 -4.79
N SER E 230 28.15 -15.95 -3.95
CA SER E 230 27.45 -16.75 -2.96
C SER E 230 26.27 -17.47 -3.61
N GLN E 231 25.39 -18.03 -2.80
CA GLN E 231 24.41 -18.97 -3.33
C GLN E 231 23.32 -18.24 -4.12
N GLU E 232 22.85 -17.12 -3.59
CA GLU E 232 21.80 -16.33 -4.21
C GLU E 232 22.31 -15.32 -5.21
N LEU E 233 23.62 -15.07 -5.24
CA LEU E 233 24.18 -14.16 -6.22
C LEU E 233 24.18 -14.76 -7.62
N VAL E 234 24.32 -16.09 -7.74
CA VAL E 234 24.16 -16.68 -9.05
C VAL E 234 22.70 -16.72 -9.46
N LEU E 235 21.78 -16.73 -8.47
CA LEU E 235 20.36 -16.57 -8.77
C LEU E 235 20.08 -15.19 -9.32
N MET E 236 20.75 -14.18 -8.77
CA MET E 236 20.59 -12.81 -9.25
C MET E 236 21.11 -12.62 -10.67
N TYR E 237 22.33 -13.13 -10.96
CA TYR E 237 22.85 -13.08 -12.32
C TYR E 237 22.02 -13.91 -13.30
N ALA E 238 21.57 -15.07 -12.87
CA ALA E 238 20.73 -15.90 -13.73
C ALA E 238 19.39 -15.27 -14.01
N ASP E 239 18.81 -14.57 -13.03
CA ASP E 239 17.57 -13.87 -13.28
C ASP E 239 17.78 -12.69 -14.22
N MET E 240 18.87 -11.95 -14.02
CA MET E 240 19.03 -10.72 -14.80
C MET E 240 19.37 -11.00 -16.24
N MET E 241 20.06 -12.10 -16.53
CA MET E 241 20.43 -12.35 -17.94
C MET E 241 19.21 -12.70 -18.76
N GLU E 242 18.38 -13.61 -18.28
CA GLU E 242 17.16 -13.91 -19.02
C GLU E 242 16.16 -12.79 -18.93
N GLY E 243 16.24 -11.95 -17.89
CA GLY E 243 15.46 -10.72 -17.86
C GLY E 243 15.79 -9.79 -18.99
N ARG E 244 17.05 -9.34 -19.07
CA ARG E 244 17.40 -8.37 -20.11
C ARG E 244 17.37 -8.98 -21.50
N ASP E 245 17.61 -10.28 -21.62
CA ASP E 245 17.49 -10.91 -22.92
C ASP E 245 16.04 -11.03 -23.36
N MET E 246 15.11 -11.26 -22.43
CA MET E 246 13.71 -11.31 -22.83
C MET E 246 13.18 -9.92 -23.13
N VAL E 247 13.72 -8.90 -22.47
CA VAL E 247 13.44 -7.51 -22.83
C VAL E 247 13.91 -7.22 -24.25
N ASN E 248 15.11 -7.68 -24.57
CA ASN E 248 15.71 -7.50 -25.89
C ASN E 248 14.94 -8.28 -26.94
N ILE E 249 14.27 -9.36 -26.56
CA ILE E 249 13.40 -10.07 -27.50
C ILE E 249 12.13 -9.27 -27.77
N ILE E 250 11.44 -8.88 -26.69
CA ILE E 250 10.12 -8.27 -26.83
C ILE E 250 10.21 -6.88 -27.45
N SER E 251 11.17 -6.07 -27.02
CA SER E 251 11.36 -4.72 -27.53
C SER E 251 12.01 -4.68 -28.89
N SER E 252 12.33 -5.81 -29.50
CA SER E 252 12.83 -5.83 -30.85
C SER E 252 11.87 -6.48 -31.82
N THR E 253 11.00 -7.36 -31.35
CA THR E 253 10.04 -7.94 -32.28
C THR E 253 8.72 -7.19 -32.31
N ALA E 254 8.50 -6.23 -31.43
CA ALA E 254 7.24 -5.49 -31.40
C ALA E 254 7.42 -4.15 -32.08
N VAL E 255 6.52 -3.83 -33.02
CA VAL E 255 6.76 -2.76 -33.98
C VAL E 255 6.78 -1.40 -33.32
N HIS E 256 5.89 -1.16 -32.36
CA HIS E 256 5.88 0.09 -31.63
C HIS E 256 6.96 0.16 -30.57
N LEU E 257 7.91 -0.76 -30.54
CA LEU E 257 8.91 -0.80 -29.51
C LEU E 257 10.32 -0.99 -30.02
N ARG E 258 10.52 -1.19 -31.33
CA ARG E 258 11.84 -1.51 -31.87
C ARG E 258 12.81 -0.36 -31.68
N CYS E 259 12.30 0.87 -31.65
CA CYS E 259 13.13 2.02 -31.39
C CYS E 259 13.68 2.05 -29.97
N LEU E 260 13.09 1.31 -29.05
CA LEU E 260 13.67 1.17 -27.72
C LEU E 260 14.83 0.20 -27.69
N ALA E 261 14.94 -0.67 -28.69
CA ALA E 261 15.82 -1.84 -28.59
C ALA E 261 17.29 -1.43 -28.55
N GLU E 262 17.66 -0.43 -29.34
CA GLU E 262 18.98 0.16 -29.19
C GLU E 262 19.09 0.93 -27.90
N LYS E 263 18.06 1.71 -27.59
CA LYS E 263 18.10 2.63 -26.44
C LYS E 263 18.19 1.89 -25.13
N ILE E 264 17.69 0.66 -25.08
CA ILE E 264 17.94 -0.18 -23.92
C ILE E 264 19.32 -0.81 -23.99
N ASP E 265 19.70 -1.35 -25.16
CA ASP E 265 20.99 -2.04 -25.26
C ASP E 265 22.16 -1.09 -25.09
N ASP E 266 21.99 0.19 -25.39
CA ASP E 266 22.97 1.18 -24.99
C ASP E 266 23.04 1.26 -23.48
N ILE E 267 21.90 1.58 -22.84
CA ILE E 267 21.89 2.01 -21.45
C ILE E 267 22.26 0.87 -20.52
N LEU E 268 22.07 -0.37 -20.95
CA LEU E 268 22.59 -1.51 -20.22
C LEU E 268 24.11 -1.52 -20.31
N ARG E 269 24.62 -1.62 -21.54
CA ARG E 269 26.05 -1.81 -21.78
C ARG E 269 26.86 -0.58 -21.39
N LEU E 270 26.21 0.58 -21.34
CA LEU E 270 26.83 1.77 -20.76
C LEU E 270 27.08 1.59 -19.28
N VAL E 271 26.04 1.27 -18.51
CA VAL E 271 26.13 1.36 -17.05
C VAL E 271 26.94 0.20 -16.48
N ASP E 272 26.98 -0.93 -17.19
CA ASP E 272 27.90 -2.01 -16.86
C ASP E 272 29.34 -1.53 -16.93
N ALA E 273 29.65 -0.69 -17.92
CA ALA E 273 30.96 -0.08 -18.03
C ALA E 273 31.24 0.86 -16.86
N LEU E 274 30.20 1.50 -16.33
CA LEU E 274 30.36 2.32 -15.15
C LEU E 274 30.46 1.50 -13.88
N ALA E 275 30.32 0.19 -13.96
CA ALA E 275 30.35 -0.61 -12.76
C ALA E 275 31.75 -0.77 -12.21
N ARG E 276 32.77 -0.66 -13.06
CA ARG E 276 34.10 -1.10 -12.68
C ARG E 276 34.76 -0.11 -11.74
N ASP E 277 34.38 1.14 -11.84
CA ASP E 277 34.93 2.24 -11.05
C ASP E 277 33.98 2.79 -10.02
N LEU E 278 32.69 2.90 -10.33
CA LEU E 278 31.70 3.27 -9.32
C LEU E 278 31.50 2.16 -8.32
N GLY E 279 31.26 0.95 -8.80
CA GLY E 279 31.14 -0.19 -7.91
C GLY E 279 29.80 -0.19 -7.24
N ASN E 280 29.81 -0.30 -5.90
CA ASN E 280 28.59 -0.47 -5.12
C ASN E 280 27.67 0.74 -5.22
N GLN E 281 28.18 1.89 -5.61
CA GLN E 281 27.41 3.11 -5.75
C GLN E 281 26.78 3.26 -7.12
N VAL E 282 27.03 2.35 -8.06
CA VAL E 282 26.41 2.47 -9.37
C VAL E 282 24.90 2.23 -9.29
N TYR E 283 24.42 1.62 -8.21
CA TYR E 283 22.99 1.47 -8.06
C TYR E 283 22.32 2.78 -7.73
N ASP E 284 23.07 3.77 -7.25
CA ASP E 284 22.53 5.12 -7.17
C ASP E 284 22.22 5.67 -8.54
N VAL E 285 22.99 5.27 -9.55
CA VAL E 285 22.69 5.57 -10.93
C VAL E 285 21.52 4.73 -11.41
N VAL E 286 21.38 3.54 -10.85
CA VAL E 286 20.28 2.67 -11.27
C VAL E 286 18.97 3.15 -10.65
N ALA E 287 19.03 3.68 -9.43
CA ALA E 287 17.86 4.23 -8.77
C ALA E 287 17.38 5.52 -9.43
N LEU E 288 18.22 6.19 -10.21
CA LEU E 288 17.79 7.37 -10.93
C LEU E 288 17.08 7.05 -12.22
N MET E 289 17.21 5.82 -12.71
CA MET E 289 16.68 5.44 -14.01
C MET E 289 15.16 5.47 -14.08
N GLU E 290 14.49 5.51 -12.92
CA GLU E 290 13.04 5.64 -12.86
C GLU E 290 12.61 7.07 -13.12
N GLY E 291 13.36 8.03 -12.59
CA GLY E 291 13.00 9.43 -12.75
C GLY E 291 13.14 9.93 -14.17
N PHE E 292 14.04 9.33 -14.95
CA PHE E 292 14.14 9.70 -16.35
C PHE E 292 12.95 9.18 -17.14
N ALA E 293 12.43 8.02 -16.77
CA ALA E 293 11.24 7.54 -17.43
C ALA E 293 10.01 8.32 -17.02
N TYR E 294 10.03 8.91 -15.82
CA TYR E 294 8.96 9.84 -15.44
C TYR E 294 9.07 11.15 -16.22
N GLY E 295 10.25 11.76 -16.21
CA GLY E 295 10.44 13.04 -16.85
C GLY E 295 10.27 13.01 -18.35
N ALA E 296 10.59 11.87 -18.96
CA ALA E 296 10.33 11.71 -20.38
C ALA E 296 8.83 11.66 -20.69
N VAL E 297 7.99 11.33 -19.72
CA VAL E 297 6.56 11.53 -19.89
C VAL E 297 6.22 12.98 -19.60
N GLN E 298 6.94 13.61 -18.68
CA GLN E 298 6.60 14.99 -18.32
C GLN E 298 7.02 16.00 -19.39
N LEU E 299 7.83 15.61 -20.37
CA LEU E 299 8.16 16.49 -21.48
C LEU E 299 6.99 16.79 -22.41
N LEU E 300 5.84 16.13 -22.24
CA LEU E 300 4.77 16.22 -23.21
C LEU E 300 3.52 16.87 -22.62
N GLU E 301 3.72 17.91 -21.81
CA GLU E 301 2.63 18.61 -21.16
C GLU E 301 1.82 19.43 -22.18
N PRO E 302 0.58 19.80 -21.84
CA PRO E 302 -0.15 20.70 -22.75
C PRO E 302 0.39 22.11 -22.77
N SER E 303 0.70 22.68 -21.61
CA SER E 303 1.33 23.98 -21.54
C SER E 303 2.82 23.82 -21.26
N GLY E 304 3.55 24.91 -21.45
CA GLY E 304 4.98 24.87 -21.27
C GLY E 304 5.41 24.74 -19.84
N THR E 305 4.57 25.17 -18.91
CA THR E 305 4.84 24.96 -17.51
C THR E 305 4.69 23.48 -17.18
N PHE E 306 5.52 23.03 -16.24
CA PHE E 306 5.74 21.66 -15.76
C PHE E 306 6.42 20.77 -16.77
N ALA E 307 6.65 21.22 -18.00
CA ALA E 307 7.27 20.40 -19.02
C ALA E 307 8.77 20.61 -18.98
N GLY E 308 9.50 19.57 -18.58
CA GLY E 308 10.94 19.59 -18.57
C GLY E 308 11.56 19.90 -17.23
N ASP E 309 10.78 19.92 -16.16
CA ASP E 309 11.32 20.28 -14.86
C ASP E 309 12.01 19.11 -14.17
N PHE E 310 11.35 17.95 -14.12
CA PHE E 310 11.91 16.83 -13.40
C PHE E 310 12.93 16.05 -14.22
N PHE E 311 12.82 16.08 -15.55
CA PHE E 311 13.90 15.58 -16.40
C PHE E 311 15.19 16.33 -16.14
N SER E 312 15.11 17.66 -16.08
CA SER E 312 16.26 18.47 -15.74
C SER E 312 16.74 18.23 -14.32
N PHE E 313 15.81 17.95 -13.40
CA PHE E 313 16.24 17.67 -12.03
C PHE E 313 17.01 16.37 -11.93
N ASN E 314 16.53 15.31 -12.59
CA ASN E 314 17.25 14.04 -12.57
C ASN E 314 18.56 14.14 -13.31
N LEU E 315 18.61 14.96 -14.36
CA LEU E 315 19.83 15.11 -15.14
C LEU E 315 20.89 15.84 -14.32
N GLN E 316 20.46 16.86 -13.57
CA GLN E 316 21.35 17.52 -12.63
C GLN E 316 21.79 16.59 -11.51
N GLU E 317 20.89 15.72 -11.04
CA GLU E 317 21.27 14.78 -9.97
C GLU E 317 22.21 13.70 -10.46
N LEU E 318 22.05 13.29 -11.72
CA LEU E 318 22.95 12.31 -12.32
C LEU E 318 24.34 12.89 -12.47
N ARG E 319 24.43 14.15 -12.91
CA ARG E 319 25.70 14.85 -12.93
C ARG E 319 26.29 14.99 -11.53
N ASP E 320 25.48 15.42 -10.56
CA ASP E 320 25.98 15.68 -9.21
C ASP E 320 26.41 14.42 -8.49
N THR E 321 25.91 13.25 -8.89
CA THR E 321 26.45 12.02 -8.34
C THR E 321 27.70 11.57 -9.07
N LEU E 322 27.74 11.71 -10.40
CA LEU E 322 28.91 11.23 -11.13
C LEU E 322 30.15 12.10 -10.92
N ILE E 323 29.99 13.38 -10.61
CA ILE E 323 31.16 14.24 -10.43
C ILE E 323 31.88 14.02 -9.11
N CYS E 324 31.28 13.31 -8.17
CA CYS E 324 32.01 12.95 -6.96
C CYS E 324 32.98 11.80 -7.18
N LEU E 325 32.85 11.07 -8.29
CA LEU E 325 33.62 9.84 -8.49
C LEU E 325 34.39 9.82 -9.80
N LEU E 326 33.85 10.44 -10.83
CA LEU E 326 34.42 10.38 -12.16
C LEU E 326 35.26 11.62 -12.46
N PRO E 327 36.06 11.59 -13.53
CA PRO E 327 36.48 12.84 -14.15
C PRO E 327 35.27 13.60 -14.69
N GLN E 328 35.41 14.92 -14.74
CA GLN E 328 34.29 15.78 -15.11
C GLN E 328 33.96 15.65 -16.60
N ARG E 329 34.94 15.31 -17.42
CA ARG E 329 34.67 15.06 -18.83
C ARG E 329 33.83 13.80 -19.00
N ILE E 330 34.09 12.78 -18.20
CA ILE E 330 33.34 11.54 -18.32
C ILE E 330 31.92 11.72 -17.79
N ALA E 331 31.77 12.50 -16.73
CA ALA E 331 30.43 12.80 -16.21
C ALA E 331 29.62 13.60 -17.21
N ASP E 332 30.27 14.53 -17.91
CA ASP E 332 29.61 15.26 -19.00
C ASP E 332 29.17 14.31 -20.11
N SER E 333 30.07 13.43 -20.54
CA SER E 333 29.78 12.53 -21.67
C SER E 333 28.69 11.54 -21.32
N VAL E 334 28.73 11.00 -20.10
CA VAL E 334 27.72 10.05 -19.65
C VAL E 334 26.37 10.74 -19.52
N THR E 335 26.34 11.93 -18.91
CA THR E 335 25.08 12.65 -18.76
C THR E 335 24.49 13.03 -20.10
N HIS E 336 25.33 13.37 -21.07
CA HIS E 336 24.88 13.61 -22.43
C HIS E 336 24.29 12.36 -23.04
N ALA E 337 24.89 11.20 -22.76
CA ALA E 337 24.38 9.96 -23.31
C ALA E 337 23.02 9.60 -22.73
N ILE E 338 22.86 9.73 -21.40
CA ILE E 338 21.59 9.42 -20.74
C ILE E 338 20.50 10.34 -21.26
N ALA E 339 20.81 11.63 -21.43
CA ALA E 339 19.83 12.56 -21.95
C ALA E 339 19.51 12.30 -23.42
N ASN E 340 20.43 11.70 -24.16
CA ASN E 340 20.07 11.33 -25.53
C ASN E 340 19.20 10.08 -25.58
N ILE E 341 19.34 9.16 -24.63
CA ILE E 341 18.58 7.92 -24.69
C ILE E 341 17.11 8.17 -24.36
N PHE E 342 16.85 8.99 -23.35
CA PHE E 342 15.49 9.23 -22.86
C PHE E 342 14.80 10.39 -23.55
N SER E 343 15.12 10.65 -24.81
CA SER E 343 14.49 11.74 -25.53
C SER E 343 14.09 11.26 -26.92
N GLY E 344 12.93 11.71 -27.37
CA GLY E 344 12.34 11.22 -28.58
C GLY E 344 11.24 10.22 -28.37
N LEU E 345 10.97 9.86 -27.12
CA LEU E 345 10.09 8.76 -26.79
C LEU E 345 8.65 9.23 -26.69
N GLU E 346 7.73 8.31 -26.94
CA GLU E 346 6.31 8.62 -26.88
C GLU E 346 5.87 8.56 -25.42
N GLN E 347 4.56 8.55 -25.19
CA GLN E 347 4.09 8.35 -23.82
C GLN E 347 4.28 6.91 -23.39
N ASN E 348 3.84 5.95 -24.20
CA ASN E 348 3.94 4.54 -23.85
C ASN E 348 5.39 4.11 -23.79
N GLN E 349 6.20 4.53 -24.76
CA GLN E 349 7.60 4.15 -24.83
C GLN E 349 8.45 4.80 -23.76
N ALA E 350 7.90 5.75 -23.02
CA ALA E 350 8.58 6.24 -21.84
C ALA E 350 8.01 5.64 -20.56
N ALA E 351 6.80 5.12 -20.62
CA ALA E 351 6.38 4.22 -19.55
C ALA E 351 7.12 2.90 -19.61
N GLU E 352 7.59 2.50 -20.79
CA GLU E 352 8.25 1.22 -20.95
C GLU E 352 9.63 1.17 -20.35
N MET E 353 10.27 2.31 -20.15
CA MET E 353 11.65 2.27 -19.72
C MET E 353 11.78 2.02 -18.22
N LEU E 354 10.67 1.78 -17.53
CA LEU E 354 10.62 1.34 -16.16
C LEU E 354 10.98 -0.13 -15.99
N CYS E 355 11.12 -0.87 -17.10
CA CYS E 355 11.62 -2.23 -17.05
C CYS E 355 13.05 -2.29 -16.54
N LEU E 356 13.82 -1.22 -16.73
CA LEU E 356 15.25 -1.18 -16.45
C LEU E 356 15.53 -0.91 -14.99
N LEU E 357 14.83 -1.59 -14.10
CA LEU E 357 14.90 -1.33 -12.69
C LEU E 357 15.66 -2.41 -11.95
N ARG E 358 15.31 -3.67 -12.21
CA ARG E 358 15.96 -4.82 -11.63
C ARG E 358 17.00 -5.40 -12.56
N LEU E 359 17.37 -4.67 -13.59
CA LEU E 359 18.04 -5.22 -14.74
C LEU E 359 19.54 -5.03 -14.67
N TRP E 360 20.04 -4.44 -13.58
CA TRP E 360 21.44 -4.54 -13.21
C TRP E 360 21.60 -5.22 -11.86
N GLY E 361 20.52 -5.66 -11.25
CA GLY E 361 20.64 -6.44 -10.05
C GLY E 361 20.52 -5.63 -8.79
N HIS E 362 21.08 -6.15 -7.70
CA HIS E 362 20.90 -5.61 -6.37
C HIS E 362 22.25 -5.40 -5.70
N PRO E 363 22.41 -4.33 -4.94
CA PRO E 363 23.69 -4.11 -4.25
C PRO E 363 23.81 -5.02 -3.04
N LEU E 364 25.06 -5.30 -2.68
CA LEU E 364 25.32 -6.16 -1.53
C LEU E 364 25.07 -5.38 -0.24
N LEU E 365 24.40 -6.01 0.72
CA LEU E 365 23.96 -5.30 1.92
C LEU E 365 24.88 -5.62 3.08
N GLU E 366 24.84 -4.75 4.09
CA GLU E 366 25.48 -5.03 5.36
C GLU E 366 24.70 -4.34 6.46
N SER E 367 24.87 -4.82 7.68
CA SER E 367 24.12 -4.27 8.80
C SER E 367 24.65 -2.91 9.23
N ARG E 368 25.95 -2.68 9.08
CA ARG E 368 26.54 -1.44 9.58
C ARG E 368 26.08 -0.25 8.74
N ALA E 369 26.23 -0.34 7.44
CA ALA E 369 25.85 0.77 6.56
C ALA E 369 24.36 0.88 6.36
N ALA E 370 23.58 -0.11 6.78
CA ALA E 370 22.13 0.04 6.79
C ALA E 370 21.59 0.42 8.15
N ALA E 371 22.42 0.35 9.20
CA ALA E 371 22.06 0.90 10.49
C ALA E 371 22.46 2.35 10.63
N LYS E 372 23.47 2.78 9.89
CA LYS E 372 23.85 4.18 9.88
C LYS E 372 22.75 5.04 9.27
N ALA E 373 22.13 4.54 8.20
CA ALA E 373 21.05 5.22 7.52
C ALA E 373 19.74 5.19 8.28
N VAL E 374 19.72 4.60 9.46
CA VAL E 374 18.57 4.60 10.34
C VAL E 374 18.85 5.42 11.60
N ARG E 375 20.07 5.33 12.14
CA ARG E 375 20.47 6.23 13.21
C ARG E 375 20.50 7.68 12.77
N ALA E 376 20.77 7.95 11.49
CA ALA E 376 20.86 9.33 11.04
C ALA E 376 19.51 10.02 11.06
N GLN E 377 18.46 9.31 10.67
CA GLN E 377 17.14 9.88 10.48
C GLN E 377 16.15 9.42 11.54
N MET E 378 16.61 8.73 12.59
CA MET E 378 15.69 8.23 13.60
C MET E 378 16.10 8.67 15.00
N CYS E 379 17.40 8.87 15.21
CA CYS E 379 17.89 9.45 16.46
C CYS E 379 18.12 10.95 16.34
N ALA E 380 17.39 11.63 15.48
CA ALA E 380 17.57 13.02 15.10
C ALA E 380 16.62 13.92 15.86
N PRO E 381 17.06 15.10 16.28
CA PRO E 381 16.16 16.05 16.92
C PRO E 381 15.16 16.63 15.94
N LYS E 382 14.00 17.00 16.46
CA LYS E 382 12.98 17.66 15.65
C LYS E 382 12.35 18.78 16.45
N MET E 383 11.76 19.72 15.72
CA MET E 383 11.08 20.85 16.32
C MET E 383 9.86 21.15 15.47
N VAL E 384 8.70 20.69 15.94
CA VAL E 384 7.49 20.85 15.21
C VAL E 384 6.72 22.04 15.75
N ASP E 385 5.71 22.47 15.01
CA ASP E 385 4.90 23.61 15.38
C ASP E 385 3.66 23.12 16.11
N PHE E 386 3.49 23.57 17.36
CA PHE E 386 2.29 23.24 18.10
C PHE E 386 1.05 23.82 17.45
N ASP E 387 1.15 25.04 16.93
CA ASP E 387 0.00 25.68 16.35
C ASP E 387 -0.36 25.12 14.98
N MET E 388 0.51 24.30 14.39
CA MET E 388 0.14 23.54 13.20
C MET E 388 -0.34 22.14 13.56
N ILE E 389 0.14 21.59 14.67
CA ILE E 389 -0.46 20.38 15.23
C ILE E 389 -1.93 20.61 15.55
N LEU E 390 -2.26 21.78 16.08
CA LEU E 390 -3.65 22.11 16.35
C LEU E 390 -4.47 22.26 15.07
N GLN E 391 -3.86 22.80 14.01
CA GLN E 391 -4.61 22.95 12.76
C GLN E 391 -4.85 21.61 12.08
N VAL E 392 -3.92 20.67 12.22
CA VAL E 392 -4.16 19.36 11.63
C VAL E 392 -5.15 18.59 12.50
N LEU E 393 -5.01 18.70 13.82
CA LEU E 393 -5.84 17.99 14.77
C LEU E 393 -7.28 18.46 14.72
N SER E 394 -7.48 19.72 14.32
CA SER E 394 -8.81 20.21 13.99
C SER E 394 -9.44 19.40 12.88
N PHE E 395 -8.72 19.15 11.79
CA PHE E 395 -9.34 18.35 10.72
C PHE E 395 -9.46 16.89 11.09
N PHE E 396 -8.58 16.42 11.96
CA PHE E 396 -8.65 15.05 12.45
C PHE E 396 -9.94 14.83 13.22
N LYS E 397 -10.19 15.68 14.23
CA LYS E 397 -11.41 15.56 15.01
C LYS E 397 -12.63 15.89 14.18
N GLY E 398 -12.53 16.81 13.22
CA GLY E 398 -13.67 17.11 12.37
C GLY E 398 -14.04 15.99 11.44
N THR E 399 -13.03 15.26 10.95
CA THR E 399 -13.30 14.15 10.05
C THR E 399 -13.87 12.97 10.80
N ILE E 400 -13.40 12.74 12.03
CA ILE E 400 -14.01 11.73 12.89
C ILE E 400 -15.45 12.08 13.21
N ILE E 401 -15.72 13.37 13.48
CA ILE E 401 -17.08 13.84 13.76
C ILE E 401 -18.00 13.58 12.58
N ASN E 402 -17.53 13.89 11.37
CA ASN E 402 -18.41 13.70 10.22
C ASN E 402 -18.51 12.23 9.81
N GLY E 403 -17.49 11.43 10.06
CA GLY E 403 -17.59 10.03 9.72
C GLY E 403 -18.52 9.29 10.66
N TYR E 404 -18.44 9.59 11.95
CA TYR E 404 -19.36 9.01 12.92
C TYR E 404 -20.77 9.51 12.71
N ARG E 405 -20.90 10.75 12.23
CA ARG E 405 -22.21 11.30 11.90
C ARG E 405 -22.81 10.58 10.71
N LYS E 406 -22.03 10.37 9.66
CA LYS E 406 -22.57 9.75 8.46
C LYS E 406 -22.79 8.25 8.66
N LYS E 407 -22.01 7.63 9.54
CA LYS E 407 -22.15 6.20 9.78
C LYS E 407 -23.34 5.90 10.68
N ASN E 408 -23.66 6.78 11.62
CA ASN E 408 -24.70 6.53 12.61
C ASN E 408 -25.85 7.51 12.45
N ALA E 409 -26.27 7.72 11.20
CA ALA E 409 -27.55 8.35 10.84
C ALA E 409 -27.68 9.80 11.32
N GLY E 410 -26.56 10.49 11.49
CA GLY E 410 -26.61 11.90 11.83
C GLY E 410 -26.52 12.21 13.31
N VAL E 411 -25.57 11.59 13.99
CA VAL E 411 -25.34 11.77 15.42
C VAL E 411 -23.85 12.01 15.63
N TRP E 412 -23.51 13.06 16.37
CA TRP E 412 -22.12 13.26 16.75
C TRP E 412 -21.67 12.20 17.75
N PRO E 413 -20.35 12.00 17.92
CA PRO E 413 -19.87 11.11 18.96
C PRO E 413 -20.14 11.67 20.34
N ARG E 414 -19.87 10.84 21.34
CA ARG E 414 -20.19 11.20 22.71
C ARG E 414 -19.13 12.16 23.21
N VAL E 415 -19.41 13.46 22.98
CA VAL E 415 -18.53 14.53 23.38
C VAL E 415 -18.55 14.69 24.88
N LYS E 416 -17.38 14.86 25.50
CA LYS E 416 -17.37 15.44 26.83
C LYS E 416 -17.86 16.86 26.69
N ALA E 417 -19.09 17.10 27.16
CA ALA E 417 -19.87 18.27 26.80
C ALA E 417 -19.43 19.55 27.50
N HIS E 418 -18.48 19.50 28.41
CA HIS E 418 -17.99 20.75 28.99
C HIS E 418 -16.82 21.30 28.22
N THR E 419 -16.51 20.72 27.07
CA THR E 419 -15.39 21.09 26.20
C THR E 419 -15.90 21.38 24.80
N ILE E 420 -16.94 22.19 24.70
CA ILE E 420 -17.46 22.63 23.41
C ILE E 420 -17.43 24.15 23.45
N TYR E 421 -16.43 24.75 22.81
CA TYR E 421 -16.15 26.16 23.00
C TYR E 421 -16.64 26.98 21.81
N GLY E 422 -17.22 28.12 22.09
CA GLY E 422 -17.58 29.04 21.04
C GLY E 422 -19.01 28.87 20.59
N ASN E 423 -19.51 29.92 19.94
CA ASN E 423 -20.91 29.94 19.52
C ASN E 423 -21.16 29.17 18.25
N VAL E 424 -20.12 28.80 17.50
CA VAL E 424 -20.33 28.09 16.24
C VAL E 424 -20.35 26.59 16.46
N ILE E 425 -19.42 26.09 17.25
CA ILE E 425 -19.31 24.66 17.49
C ILE E 425 -20.37 24.17 18.48
N ALA E 426 -20.75 24.98 19.46
CA ALA E 426 -21.90 24.64 20.28
C ALA E 426 -23.18 24.64 19.47
N GLN E 427 -23.28 25.52 18.47
CA GLN E 427 -24.44 25.52 17.57
C GLN E 427 -24.49 24.25 16.73
N LEU E 428 -23.35 23.86 16.17
CA LEU E 428 -23.34 22.69 15.30
C LEU E 428 -23.51 21.40 16.08
N HIS E 429 -23.03 21.34 17.33
CA HIS E 429 -23.41 20.19 18.15
C HIS E 429 -24.90 20.21 18.48
N ALA E 430 -25.43 21.38 18.87
CA ALA E 430 -26.84 21.48 19.26
C ALA E 430 -27.77 21.13 18.11
N ASP E 431 -27.35 21.37 16.88
CA ASP E 431 -28.14 20.88 15.77
C ASP E 431 -27.78 19.47 15.37
N SER E 432 -26.60 18.99 15.81
CA SER E 432 -25.95 17.78 15.29
C SER E 432 -25.89 17.78 13.77
N ALA E 433 -25.15 18.75 13.25
CA ALA E 433 -24.94 18.95 11.82
C ALA E 433 -23.49 18.64 11.47
N GLU E 434 -23.17 18.89 10.21
CA GLU E 434 -21.90 18.50 9.62
C GLU E 434 -20.97 19.70 9.61
N ILE E 435 -19.78 19.54 10.19
CA ILE E 435 -18.78 20.58 10.14
C ILE E 435 -18.20 20.62 8.73
N SER E 436 -18.19 21.80 8.13
CA SER E 436 -17.49 21.96 6.87
C SER E 436 -16.02 22.26 7.14
N HIS E 437 -15.22 22.22 6.08
CA HIS E 437 -13.78 22.41 6.25
C HIS E 437 -13.44 23.84 6.61
N ASP E 438 -14.27 24.78 6.19
CA ASP E 438 -14.03 26.19 6.48
C ASP E 438 -14.14 26.47 7.96
N ILE E 439 -15.10 25.84 8.63
CA ILE E 439 -15.27 26.04 10.05
C ILE E 439 -14.15 25.35 10.80
N MET E 440 -13.63 24.26 10.25
CA MET E 440 -12.48 23.59 10.83
C MET E 440 -11.23 24.46 10.74
N LEU E 441 -11.11 25.21 9.64
CA LEU E 441 -9.98 26.11 9.48
C LEU E 441 -10.11 27.35 10.36
N ARG E 442 -11.27 28.00 10.32
CA ARG E 442 -11.48 29.21 11.09
C ARG E 442 -11.46 28.90 12.58
N GLU E 443 -12.33 28.00 13.01
CA GLU E 443 -12.46 27.72 14.43
C GLU E 443 -11.52 26.60 14.85
N TYR E 444 -10.23 26.67 14.49
CA TYR E 444 -9.40 25.51 14.76
C TYR E 444 -9.01 25.45 16.23
N LYS E 445 -8.95 26.60 16.90
CA LYS E 445 -8.65 26.61 18.32
C LYS E 445 -9.77 26.00 19.14
N ASN E 446 -11.02 26.18 18.71
CA ASN E 446 -12.12 25.63 19.47
C ASN E 446 -12.33 24.17 19.13
N LEU E 447 -12.20 23.83 17.85
CA LEU E 447 -12.48 22.47 17.39
C LEU E 447 -11.33 21.52 17.69
N SER E 448 -10.14 22.04 17.93
CA SER E 448 -9.04 21.16 18.27
C SER E 448 -9.13 20.65 19.69
N ALA E 449 -9.90 21.29 20.56
CA ALA E 449 -9.90 20.96 21.98
C ALA E 449 -11.11 20.15 22.40
N ILE E 450 -11.92 19.71 21.46
CA ILE E 450 -13.11 18.93 21.79
C ILE E 450 -12.70 17.51 22.17
N GLU E 451 -13.27 16.99 23.25
CA GLU E 451 -13.02 15.62 23.69
C GLU E 451 -14.15 14.69 23.33
N PHE E 452 -13.94 13.43 23.65
CA PHE E 452 -14.91 12.39 23.36
C PHE E 452 -14.99 11.44 24.53
N GLU E 453 -16.07 10.67 24.55
CA GLU E 453 -16.25 9.58 25.48
C GLU E 453 -16.40 8.27 24.70
N ALA E 454 -16.55 7.18 25.43
CA ALA E 454 -16.36 5.84 24.89
C ALA E 454 -17.55 5.42 24.04
N CYS E 455 -17.65 6.02 22.87
CA CYS E 455 -18.83 5.81 22.04
C CYS E 455 -18.63 4.78 20.95
N ILE E 456 -17.41 4.31 20.73
CA ILE E 456 -17.11 3.30 19.72
C ILE E 456 -16.62 2.04 20.42
N GLU E 457 -17.31 0.95 20.18
CA GLU E 457 -16.95 -0.34 20.74
C GLU E 457 -16.27 -1.16 19.65
N TYR E 458 -15.00 -1.48 19.88
CA TYR E 458 -14.15 -2.19 18.94
C TYR E 458 -14.45 -3.69 18.96
N ASP E 459 -13.56 -4.45 18.33
CA ASP E 459 -13.54 -5.90 18.23
C ASP E 459 -12.09 -6.26 18.00
N PRO E 460 -11.40 -6.84 18.99
CA PRO E 460 -9.95 -7.03 18.90
C PRO E 460 -9.49 -7.95 17.78
N VAL E 461 -9.96 -9.19 17.77
CA VAL E 461 -9.66 -10.11 16.67
C VAL E 461 -10.79 -9.96 15.66
N THR E 462 -10.62 -8.98 14.78
CA THR E 462 -11.60 -8.80 13.72
C THR E 462 -11.30 -9.70 12.53
N ASN E 463 -10.06 -9.72 12.08
CA ASN E 463 -9.72 -10.25 10.77
C ASN E 463 -9.28 -11.71 10.82
N LEU E 464 -8.33 -12.02 11.71
CA LEU E 464 -7.73 -13.34 12.01
C LEU E 464 -6.83 -13.85 10.88
N SER E 465 -6.84 -13.22 9.71
CA SER E 465 -5.85 -13.61 8.72
C SER E 465 -4.49 -13.05 9.07
N MET E 466 -4.45 -11.95 9.81
CA MET E 466 -3.19 -11.31 10.15
C MET E 466 -2.52 -11.92 11.36
N PHE E 467 -3.22 -12.78 12.09
CA PHE E 467 -2.59 -13.58 13.14
C PHE E 467 -2.06 -14.89 12.61
N LEU E 468 -2.54 -15.33 11.45
CA LEU E 468 -2.12 -16.55 10.82
C LEU E 468 -1.11 -16.29 9.71
N LYS E 469 -0.25 -15.29 9.92
CA LYS E 469 0.87 -14.97 9.06
C LYS E 469 2.13 -15.45 9.73
N ASP E 470 3.15 -15.73 8.93
CA ASP E 470 4.38 -16.32 9.46
C ASP E 470 5.45 -15.27 9.67
N LYS E 471 5.16 -14.33 10.56
CA LYS E 471 6.09 -13.24 10.75
C LYS E 471 7.13 -13.65 11.77
N ALA E 472 8.40 -13.47 11.39
CA ALA E 472 9.50 -13.95 12.21
C ALA E 472 9.59 -13.12 13.48
N ILE E 473 9.64 -13.80 14.63
CA ILE E 473 9.57 -13.18 15.93
C ILE E 473 10.96 -13.17 16.56
N ALA E 474 11.38 -12.01 17.05
CA ALA E 474 12.65 -11.92 17.76
C ALA E 474 12.57 -12.67 19.07
N HIS E 475 13.58 -13.40 19.36
CA HIS E 475 13.68 -13.97 20.70
C HIS E 475 14.06 -12.88 21.71
N PRO E 476 13.71 -13.03 22.99
CA PRO E 476 13.84 -11.92 23.94
C PRO E 476 15.28 -11.49 24.18
N ARG E 477 15.42 -10.30 24.78
CA ARG E 477 16.68 -9.58 24.77
C ARG E 477 17.75 -10.20 25.66
N ASN E 478 17.46 -11.27 26.38
CA ASN E 478 18.50 -12.01 27.07
C ASN E 478 19.06 -13.13 26.22
N ASN E 479 18.61 -13.23 24.97
CA ASN E 479 18.94 -14.33 24.10
C ASN E 479 19.26 -13.82 22.70
N TRP E 480 19.44 -12.50 22.57
CA TRP E 480 19.44 -11.82 21.28
C TRP E 480 20.57 -12.28 20.36
N LEU E 481 21.67 -12.76 20.93
CA LEU E 481 22.78 -13.30 20.14
C LEU E 481 22.45 -14.63 19.48
N ALA E 482 21.28 -15.19 19.73
CA ALA E 482 20.81 -16.30 18.93
C ALA E 482 20.32 -15.88 17.57
N SER E 483 20.28 -14.58 17.29
CA SER E 483 19.93 -14.11 15.95
C SER E 483 21.02 -14.39 14.95
N PHE E 484 22.23 -14.69 15.42
CA PHE E 484 23.42 -14.80 14.59
C PHE E 484 23.89 -16.25 14.58
N ARG E 485 24.77 -16.55 13.63
CA ARG E 485 25.36 -17.88 13.56
C ARG E 485 26.31 -18.09 14.72
N ARG E 486 26.09 -19.15 15.49
CA ARG E 486 26.93 -19.45 16.64
C ARG E 486 28.35 -19.84 16.22
N ASN E 487 28.56 -20.16 14.96
CA ASN E 487 29.89 -20.28 14.40
C ASN E 487 30.67 -18.97 14.52
N LEU E 488 29.99 -17.83 14.43
CA LEU E 488 30.64 -16.54 14.31
C LEU E 488 30.71 -15.74 15.59
N LEU E 489 29.98 -16.13 16.64
CA LEU E 489 30.11 -15.42 17.90
C LEU E 489 31.43 -15.78 18.56
N SER E 490 31.97 -14.86 19.33
CA SER E 490 33.19 -15.16 20.06
C SER E 490 32.85 -16.00 21.30
N GLU E 491 33.88 -16.36 22.06
CA GLU E 491 33.72 -17.36 23.12
C GLU E 491 32.91 -16.81 24.29
N GLU E 492 33.10 -15.55 24.63
CA GLU E 492 32.30 -14.95 25.68
C GLU E 492 30.87 -14.74 25.26
N GLN E 493 30.64 -14.58 23.96
CA GLN E 493 29.30 -14.42 23.42
C GLN E 493 28.66 -15.75 23.05
N LYS E 494 29.43 -16.85 23.04
CA LYS E 494 28.82 -18.17 22.95
C LYS E 494 28.22 -18.61 24.27
N LYS E 495 28.59 -17.97 25.38
CA LYS E 495 28.08 -18.30 26.69
C LYS E 495 26.64 -17.85 26.89
N ASN E 496 26.11 -17.00 26.01
CA ASN E 496 24.83 -16.35 26.24
C ASN E 496 23.70 -16.92 25.41
N VAL E 497 23.99 -17.69 24.37
CA VAL E 497 22.94 -18.19 23.52
C VAL E 497 22.30 -19.40 24.17
N GLN E 498 20.99 -19.39 24.31
CA GLN E 498 20.24 -20.52 24.78
C GLN E 498 19.58 -21.22 23.58
N ASP E 499 18.70 -22.14 23.86
CA ASP E 499 18.09 -22.94 22.81
C ASP E 499 16.70 -22.45 22.47
N SER E 500 16.34 -22.62 21.20
CA SER E 500 15.04 -22.21 20.69
C SER E 500 14.06 -23.34 20.95
N THR E 501 13.33 -23.25 22.06
CA THR E 501 12.17 -24.12 22.25
C THR E 501 11.09 -23.77 21.25
N SER E 502 10.78 -22.48 21.12
CA SER E 502 9.80 -22.03 20.15
C SER E 502 10.36 -22.10 18.73
N THR E 503 9.47 -21.97 17.78
CA THR E 503 9.86 -21.86 16.39
C THR E 503 10.07 -20.42 15.96
N ASN E 504 9.80 -19.47 16.88
CA ASN E 504 9.83 -18.02 16.61
C ASN E 504 8.95 -17.65 15.44
N ARG E 505 7.74 -18.18 15.39
CA ARG E 505 6.82 -17.84 14.32
C ARG E 505 5.49 -17.38 14.92
N LEU E 506 4.95 -16.32 14.35
CA LEU E 506 3.62 -15.86 14.72
C LEU E 506 2.55 -16.81 14.24
N LEU E 507 2.85 -17.61 13.23
CA LEU E 507 1.87 -18.60 12.78
C LEU E 507 1.69 -19.68 13.82
N ILE E 508 2.78 -20.21 14.35
CA ILE E 508 2.74 -21.40 15.17
C ILE E 508 2.49 -21.04 16.62
N GLU E 509 3.18 -20.05 17.14
CA GLU E 509 3.09 -19.75 18.56
C GLU E 509 1.74 -19.12 18.93
N PHE E 510 0.97 -18.69 17.94
CA PHE E 510 -0.42 -18.30 18.13
C PHE E 510 -1.34 -19.51 18.27
N LEU E 511 -1.01 -20.62 17.61
CA LEU E 511 -1.87 -21.79 17.68
C LEU E 511 -1.58 -22.66 18.89
N GLU E 512 -0.35 -22.64 19.38
CA GLU E 512 -0.01 -23.30 20.62
C GLU E 512 -0.36 -22.48 21.85
N SER E 513 -0.97 -21.31 21.67
CA SER E 513 -1.15 -20.35 22.75
C SER E 513 -2.25 -20.83 23.67
N ASN E 514 -1.89 -21.50 24.75
CA ASN E 514 -2.86 -21.74 25.80
C ASN E 514 -3.19 -20.44 26.51
N ASP E 515 -4.47 -20.26 26.82
CA ASP E 515 -5.03 -19.07 27.48
C ASP E 515 -4.77 -17.81 26.66
N PHE E 516 -5.33 -17.78 25.47
CA PHE E 516 -5.28 -16.58 24.64
C PHE E 516 -6.63 -15.90 24.69
N ASP E 517 -6.73 -14.86 25.50
CA ASP E 517 -7.86 -13.98 25.45
C ASP E 517 -7.45 -12.67 24.83
N PRO E 518 -8.19 -12.14 23.87
CA PRO E 518 -7.78 -10.86 23.27
C PRO E 518 -7.82 -9.70 24.23
N TYR E 519 -8.89 -9.60 25.02
CA TYR E 519 -9.04 -8.48 25.93
C TYR E 519 -8.06 -8.56 27.09
N LYS E 520 -7.65 -9.77 27.48
CA LYS E 520 -6.57 -9.87 28.45
C LYS E 520 -5.25 -9.43 27.86
N GLU E 521 -5.07 -9.62 26.56
CA GLU E 521 -3.80 -9.31 25.93
C GLU E 521 -3.68 -7.84 25.55
N MET E 522 -4.79 -7.14 25.32
CA MET E 522 -4.69 -5.69 25.12
C MET E 522 -4.28 -4.98 26.38
N GLU E 523 -4.50 -5.59 27.55
CA GLU E 523 -4.04 -5.05 28.81
C GLU E 523 -2.53 -5.13 28.98
N TYR E 524 -1.83 -5.73 28.04
CA TYR E 524 -0.38 -5.58 27.99
C TYR E 524 -0.01 -4.14 27.70
N LEU E 525 -0.83 -3.44 26.92
CA LEU E 525 -0.64 -2.04 26.57
C LEU E 525 -1.35 -1.07 27.49
N THR E 526 -2.66 -1.24 27.72
CA THR E 526 -3.43 -0.24 28.42
C THR E 526 -3.01 -0.14 29.87
N THR E 527 -2.92 -1.26 30.56
CA THR E 527 -2.02 -1.31 31.69
C THR E 527 -0.62 -1.23 31.14
N LEU E 528 0.19 -0.33 31.66
CA LEU E 528 1.49 -0.07 31.04
C LEU E 528 2.55 -1.07 31.43
N GLU E 529 2.25 -2.36 31.32
CA GLU E 529 3.14 -3.43 31.69
C GLU E 529 4.15 -3.72 30.60
N TYR E 530 3.80 -3.41 29.34
CA TYR E 530 4.68 -3.60 28.20
C TYR E 530 5.91 -2.73 28.30
N LEU E 531 5.83 -1.65 29.03
CA LEU E 531 6.95 -0.78 29.25
C LEU E 531 7.66 -1.08 30.55
N ARG E 532 7.03 -1.86 31.46
CA ARG E 532 7.78 -2.53 32.53
C ARG E 532 8.67 -3.60 31.97
N ASP E 533 8.18 -4.29 30.93
CA ASP E 533 8.73 -5.53 30.41
C ASP E 533 10.16 -5.37 29.95
N ASP E 534 11.11 -5.96 30.66
CA ASP E 534 12.51 -5.86 30.29
C ASP E 534 12.94 -7.06 29.46
N SER E 535 12.05 -7.57 28.63
CA SER E 535 12.38 -8.66 27.74
C SER E 535 12.19 -8.31 26.27
N VAL E 536 11.58 -7.18 25.96
CA VAL E 536 11.27 -6.84 24.57
C VAL E 536 12.54 -6.39 23.88
N ALA E 537 12.85 -7.05 22.75
CA ALA E 537 13.89 -6.58 21.84
C ALA E 537 13.29 -6.55 20.45
N VAL E 538 13.51 -5.48 19.74
CA VAL E 538 13.05 -5.37 18.37
C VAL E 538 14.27 -5.55 17.50
N SER E 539 14.08 -6.11 16.31
CA SER E 539 15.18 -6.38 15.41
C SER E 539 14.81 -5.82 14.05
N TYR E 540 15.73 -5.14 13.41
CA TYR E 540 15.44 -4.52 12.13
C TYR E 540 15.99 -5.42 11.04
N SER E 541 15.37 -5.38 9.86
CA SER E 541 15.72 -6.27 8.78
C SER E 541 16.80 -5.64 7.91
N LEU E 542 17.46 -6.48 7.10
CA LEU E 542 18.24 -5.95 5.98
C LEU E 542 17.37 -5.94 4.72
N LYS E 543 17.14 -4.76 4.18
CA LYS E 543 16.34 -4.64 2.98
C LYS E 543 16.91 -3.60 2.03
N GLU E 544 16.15 -3.25 0.98
CA GLU E 544 16.56 -2.39 -0.13
C GLU E 544 17.82 -2.90 -0.80
N ILE E 553 10.68 -2.04 6.62
CA ILE E 553 9.29 -2.28 6.29
C ILE E 553 8.85 -3.47 7.12
N PHE E 554 9.84 -4.28 7.49
CA PHE E 554 9.64 -5.46 8.30
C PHE E 554 10.53 -5.33 9.52
N ALA E 555 10.06 -5.87 10.63
CA ALA E 555 10.85 -5.91 11.84
C ALA E 555 10.50 -7.18 12.58
N LYS E 556 11.43 -7.65 13.39
CA LYS E 556 11.16 -8.76 14.27
C LYS E 556 10.86 -8.18 15.65
N LEU E 557 9.64 -8.39 16.12
CA LEU E 557 9.21 -7.99 17.45
C LEU E 557 9.27 -9.20 18.38
N THR E 558 8.84 -9.03 19.61
CA THR E 558 8.60 -10.19 20.46
C THR E 558 7.17 -10.65 20.25
N LYS E 559 6.72 -11.66 21.00
CA LYS E 559 5.43 -12.27 20.71
C LYS E 559 4.27 -11.40 21.17
N LYS E 560 4.32 -10.97 22.43
CA LYS E 560 3.26 -10.17 23.02
C LYS E 560 3.08 -8.86 22.27
N LEU E 561 4.19 -8.20 21.97
CA LEU E 561 4.16 -6.89 21.33
C LEU E 561 3.68 -6.99 19.90
N ARG E 562 4.05 -8.06 19.20
CA ARG E 562 3.53 -8.29 17.86
C ARG E 562 2.03 -8.55 17.89
N ASN E 563 1.56 -9.23 18.94
CA ASN E 563 0.13 -9.48 19.06
C ASN E 563 -0.66 -8.19 19.26
N CYS E 564 -0.17 -7.32 20.14
CA CYS E 564 -0.84 -6.03 20.33
C CYS E 564 -0.71 -5.13 19.09
N GLN E 565 0.38 -5.25 18.35
CA GLN E 565 0.55 -4.58 17.07
C GLN E 565 -0.54 -4.98 16.09
N VAL E 566 -0.78 -6.28 15.94
CA VAL E 566 -1.76 -6.76 14.98
C VAL E 566 -3.18 -6.37 15.41
N MET E 567 -3.45 -6.40 16.72
CA MET E 567 -4.75 -5.97 17.23
C MET E 567 -5.02 -4.50 16.97
N ALA E 568 -4.02 -3.63 17.26
CA ALA E 568 -4.21 -2.20 17.06
C ALA E 568 -4.38 -1.86 15.59
N GLU E 569 -3.63 -2.53 14.71
CA GLU E 569 -3.85 -2.41 13.27
C GLU E 569 -5.27 -2.78 12.88
N GLY E 570 -5.80 -3.85 13.48
CA GLY E 570 -7.14 -4.28 13.12
C GLY E 570 -8.20 -3.30 13.60
N ILE E 571 -8.01 -2.75 14.79
CA ILE E 571 -8.99 -1.83 15.35
C ILE E 571 -9.02 -0.53 14.56
N LEU E 572 -7.85 0.04 14.26
CA LEU E 572 -7.81 1.21 13.39
C LEU E 572 -8.33 0.90 12.00
N ALA E 573 -8.05 -0.30 11.49
CA ALA E 573 -8.40 -0.62 10.11
C ALA E 573 -9.89 -0.82 9.93
N ASP E 574 -10.60 -1.28 10.95
CA ASP E 574 -12.03 -1.48 10.78
C ASP E 574 -12.88 -0.33 11.31
N GLN E 575 -12.49 0.28 12.42
CA GLN E 575 -13.34 1.28 13.04
C GLN E 575 -13.03 2.69 12.55
N ILE E 576 -11.80 3.13 12.74
CA ILE E 576 -11.44 4.54 12.60
C ILE E 576 -11.07 4.90 11.17
N ALA E 577 -10.32 4.06 10.47
CA ALA E 577 -9.83 4.43 9.14
C ALA E 577 -10.91 4.67 8.07
N PRO E 578 -12.02 3.92 7.97
CA PRO E 578 -13.01 4.28 6.95
C PRO E 578 -13.73 5.58 7.20
N PHE E 579 -13.55 6.20 8.37
CA PHE E 579 -14.00 7.57 8.56
C PHE E 579 -13.34 8.51 7.59
N PHE E 580 -12.10 8.23 7.19
CA PHE E 580 -11.34 9.17 6.38
C PHE E 580 -11.50 8.85 4.90
N GLN E 581 -12.64 8.26 4.53
CA GLN E 581 -13.06 7.75 3.23
C GLN E 581 -12.21 6.58 2.71
N GLY E 582 -11.25 6.10 3.48
CA GLY E 582 -10.35 5.05 3.02
C GLY E 582 -9.37 5.47 1.95
N ASN E 583 -9.29 6.75 1.62
CA ASN E 583 -8.39 7.23 0.60
C ASN E 583 -7.26 8.04 1.20
N ASP E 588 -11.33 -3.83 -2.26
CA ASP E 588 -10.18 -3.01 -2.62
C ASP E 588 -9.36 -3.68 -3.70
N SER E 589 -10.05 -4.09 -4.76
CA SER E 589 -9.43 -4.59 -5.98
C SER E 589 -9.74 -3.70 -7.17
N ILE E 590 -11.02 -3.50 -7.47
CA ILE E 590 -11.43 -2.61 -8.54
C ILE E 590 -11.68 -1.21 -8.01
N SER E 591 -11.91 -1.06 -6.71
CA SER E 591 -12.07 0.25 -6.10
C SER E 591 -10.75 1.01 -5.97
N LEU E 592 -9.62 0.37 -6.25
CA LEU E 592 -8.36 1.07 -6.40
C LEU E 592 -8.00 1.31 -7.85
N THR E 593 -8.91 1.04 -8.78
CA THR E 593 -8.69 1.42 -10.16
C THR E 593 -9.89 2.06 -10.84
N LYS E 594 -11.10 1.91 -10.30
CA LYS E 594 -12.18 2.80 -10.73
C LYS E 594 -11.97 4.19 -10.18
N SER E 595 -11.49 4.28 -8.93
CA SER E 595 -11.20 5.55 -8.30
C SER E 595 -9.80 6.04 -8.61
N MET E 596 -9.24 5.58 -9.70
CA MET E 596 -8.03 6.08 -10.31
C MET E 596 -8.19 6.38 -11.78
N LEU E 597 -8.95 5.56 -12.51
CA LEU E 597 -9.14 5.83 -13.92
C LEU E 597 -10.12 6.98 -14.12
N ALA E 598 -11.11 7.08 -13.24
CA ALA E 598 -12.04 8.20 -13.28
C ALA E 598 -11.45 9.44 -12.64
N MET E 599 -10.49 9.28 -11.73
CA MET E 599 -9.76 10.44 -11.23
C MET E 599 -8.88 11.06 -12.31
N SER E 600 -8.38 10.27 -13.24
CA SER E 600 -7.63 10.84 -14.35
C SER E 600 -8.50 11.19 -15.54
N GLN E 601 -9.82 11.13 -15.39
CA GLN E 601 -10.68 11.81 -16.33
C GLN E 601 -10.71 13.31 -16.07
N LEU E 602 -10.16 13.74 -14.94
CA LEU E 602 -10.15 15.11 -14.49
C LEU E 602 -8.95 15.88 -15.01
N SER E 603 -8.13 15.29 -15.87
CA SER E 603 -7.08 16.06 -16.50
C SER E 603 -7.68 16.95 -17.57
N TYR E 604 -6.89 17.92 -18.03
CA TYR E 604 -7.39 18.84 -19.05
C TYR E 604 -7.62 18.14 -20.38
N ASN E 605 -6.79 17.15 -20.71
CA ASN E 605 -6.88 16.50 -22.00
C ASN E 605 -7.98 15.45 -22.08
N SER E 606 -8.54 15.02 -20.96
CA SER E 606 -9.60 14.02 -21.03
C SER E 606 -10.91 14.64 -21.50
N ASN E 607 -11.11 15.91 -21.20
CA ASN E 607 -12.36 16.61 -21.50
C ASN E 607 -12.00 17.90 -22.24
N ARG E 608 -11.78 17.77 -23.53
CA ARG E 608 -11.36 18.92 -24.33
C ARG E 608 -12.25 19.10 -25.55
N LYS E 609 -13.25 18.24 -25.71
CA LYS E 609 -14.35 18.54 -26.63
C LYS E 609 -15.11 19.78 -26.16
N ARG E 610 -15.35 19.89 -24.85
CA ARG E 610 -16.17 20.97 -24.33
C ARG E 610 -15.40 22.29 -24.33
N ILE E 611 -14.12 22.25 -23.97
CA ILE E 611 -13.33 23.47 -23.90
C ILE E 611 -12.36 23.56 -25.08
N LYS E 629 -17.57 28.86 -13.09
CA LYS E 629 -18.91 28.43 -12.73
C LYS E 629 -18.93 27.04 -12.10
N HIS E 630 -20.00 26.30 -12.34
CA HIS E 630 -20.24 25.03 -11.67
C HIS E 630 -20.78 23.98 -12.64
N ARG E 631 -20.20 23.89 -13.83
CA ARG E 631 -20.66 22.90 -14.79
C ARG E 631 -19.58 21.95 -15.27
N ARG E 632 -18.31 22.34 -15.22
CA ARG E 632 -17.22 21.42 -15.55
C ARG E 632 -16.21 21.43 -14.42
N ARG E 633 -15.60 20.28 -14.11
CA ARG E 633 -14.50 20.25 -13.16
C ARG E 633 -13.30 19.51 -13.74
N VAL E 634 -12.11 20.09 -13.51
CA VAL E 634 -10.86 19.48 -13.97
C VAL E 634 -9.88 19.50 -12.82
N ALA E 635 -8.71 18.90 -13.04
CA ALA E 635 -7.72 18.79 -11.98
C ALA E 635 -6.32 18.78 -12.55
N THR E 636 -5.37 19.05 -11.68
CA THR E 636 -3.97 18.77 -11.94
C THR E 636 -3.41 18.01 -10.75
N PHE E 637 -2.28 17.34 -10.95
CA PHE E 637 -1.89 16.24 -10.10
C PHE E 637 -0.51 16.47 -9.50
N ILE E 638 -0.38 16.04 -8.25
CA ILE E 638 0.87 16.07 -7.50
C ILE E 638 1.10 14.67 -6.95
N THR E 639 2.22 14.04 -7.31
CA THR E 639 2.64 12.79 -6.68
C THR E 639 3.92 13.08 -5.93
N THR E 640 3.88 12.90 -4.61
CA THR E 640 4.89 13.55 -3.79
C THR E 640 5.94 12.57 -3.26
N ASP E 641 7.11 13.16 -2.96
CA ASP E 641 8.28 12.48 -2.42
C ASP E 641 8.55 13.06 -1.05
N LEU E 642 8.12 12.36 0.00
CA LEU E 642 8.48 12.74 1.35
C LEU E 642 9.75 12.02 1.77
N GLN E 643 10.70 12.77 2.28
CA GLN E 643 12.00 12.25 2.66
C GLN E 643 11.90 11.51 3.98
N LYS E 644 12.14 10.18 3.94
CA LYS E 644 12.27 9.32 5.13
C LYS E 644 11.03 9.41 6.02
N TYR E 645 9.90 9.07 5.42
CA TYR E 645 8.60 9.48 5.92
C TYR E 645 8.25 8.82 7.24
N CYS E 646 8.25 7.49 7.28
CA CYS E 646 7.75 6.73 8.41
C CYS E 646 8.60 6.88 9.65
N LEU E 647 9.83 7.33 9.51
CA LEU E 647 10.71 7.45 10.66
C LEU E 647 11.02 8.90 11.00
N ASN E 648 10.19 9.81 10.54
CA ASN E 648 10.18 11.19 10.98
C ASN E 648 8.96 11.52 11.81
N TRP E 649 8.09 10.57 12.04
CA TRP E 649 7.07 10.76 13.05
C TRP E 649 7.73 10.80 14.40
N ARG E 650 7.13 11.53 15.32
CA ARG E 650 7.56 11.53 16.70
C ARG E 650 6.36 11.40 17.61
N TYR E 651 6.63 11.06 18.87
CA TYR E 651 5.59 10.95 19.87
C TYR E 651 4.94 12.29 20.14
N GLN E 652 5.72 13.37 19.97
CA GLN E 652 5.25 14.72 20.17
C GLN E 652 4.22 15.11 19.13
N THR E 653 4.28 14.54 17.94
CA THR E 653 3.33 14.92 16.92
C THR E 653 2.11 14.02 16.89
N ILE E 654 2.26 12.73 17.23
CA ILE E 654 1.14 11.81 17.12
C ILE E 654 0.42 11.61 18.43
N LYS E 655 0.92 12.17 19.53
CA LYS E 655 0.34 11.91 20.86
C LYS E 655 -1.10 12.39 20.95
N LEU E 656 -1.39 13.55 20.40
CA LEU E 656 -2.72 14.12 20.52
C LEU E 656 -3.69 13.47 19.56
N PHE E 657 -3.18 13.05 18.41
CA PHE E 657 -3.98 12.30 17.45
C PHE E 657 -4.32 10.92 17.98
N ALA E 658 -3.42 10.33 18.75
CA ALA E 658 -3.70 9.08 19.44
C ALA E 658 -4.66 9.30 20.58
N HIS E 659 -4.48 10.41 21.31
CA HIS E 659 -5.32 10.80 22.42
C HIS E 659 -6.77 10.94 22.00
N ALA E 660 -7.01 11.46 20.80
CA ALA E 660 -8.37 11.55 20.30
C ALA E 660 -8.97 10.22 19.88
N ILE E 661 -8.23 9.12 19.93
CA ILE E 661 -8.79 7.80 19.65
C ILE E 661 -8.78 6.91 20.88
N ASN E 662 -7.80 7.08 21.78
CA ASN E 662 -7.86 6.42 23.08
C ASN E 662 -9.09 6.82 23.87
N GLN E 663 -9.53 8.07 23.70
CA GLN E 663 -10.75 8.53 24.33
C GLN E 663 -11.98 7.96 23.65
N LEU E 664 -11.94 7.82 22.34
CA LEU E 664 -13.11 7.38 21.60
C LEU E 664 -13.35 5.89 21.75
N MET E 665 -12.39 5.15 22.30
CA MET E 665 -12.50 3.72 22.54
C MET E 665 -12.59 3.38 24.02
N GLY E 666 -12.45 4.34 24.90
CA GLY E 666 -12.46 4.05 26.32
C GLY E 666 -11.19 3.43 26.81
N LEU E 667 -10.06 3.74 26.19
CA LEU E 667 -8.79 3.13 26.49
C LEU E 667 -7.84 4.13 27.14
N PRO E 668 -7.16 3.73 28.19
CA PRO E 668 -6.25 4.65 28.88
C PRO E 668 -5.04 5.02 28.06
N HIS E 669 -4.42 4.01 27.46
CA HIS E 669 -3.16 4.21 26.77
C HIS E 669 -3.04 3.06 25.77
N PHE E 670 -3.43 3.29 24.54
CA PHE E 670 -3.29 2.17 23.61
C PHE E 670 -2.46 2.48 22.37
N PHE E 671 -2.74 3.58 21.65
CA PHE E 671 -2.28 3.71 20.27
C PHE E 671 -0.97 4.47 20.11
N GLU E 672 -0.23 4.71 21.17
CA GLU E 672 1.06 5.38 21.07
C GLU E 672 2.17 4.52 21.66
N TRP E 673 2.05 3.21 21.47
CA TRP E 673 2.97 2.25 22.06
C TRP E 673 4.31 2.22 21.34
N ILE E 674 4.31 2.59 20.06
CA ILE E 674 5.47 2.39 19.20
C ILE E 674 6.63 3.26 19.64
N HIS E 675 6.37 4.54 19.84
CA HIS E 675 7.43 5.48 20.17
C HIS E 675 7.87 5.28 21.59
N LEU E 676 6.93 4.99 22.48
CA LEU E 676 7.32 4.82 23.86
C LEU E 676 8.02 3.51 24.12
N ARG E 677 7.82 2.51 23.27
CA ARG E 677 8.66 1.34 23.46
C ARG E 677 10.02 1.53 22.83
N LEU E 678 10.06 2.13 21.64
CA LEU E 678 11.34 2.29 20.98
C LEU E 678 12.22 3.35 21.61
N MET E 679 11.67 4.24 22.43
CA MET E 679 12.53 5.15 23.19
C MET E 679 13.27 4.41 24.28
N ASP E 680 12.64 3.42 24.89
CA ASP E 680 13.24 2.75 26.03
C ASP E 680 14.00 1.50 25.61
N THR E 681 13.76 0.97 24.42
CA THR E 681 14.50 -0.19 23.97
C THR E 681 15.61 0.22 23.01
N THR E 682 16.59 -0.66 22.87
CA THR E 682 17.62 -0.55 21.85
C THR E 682 17.48 -1.72 20.89
N MET E 683 17.44 -1.41 19.62
CA MET E 683 17.23 -2.42 18.62
C MET E 683 18.47 -2.51 17.76
N PHE E 684 18.54 -3.55 16.95
CA PHE E 684 19.69 -3.72 16.08
C PHE E 684 19.19 -4.17 14.73
N VAL E 685 20.12 -4.30 13.79
CA VAL E 685 19.80 -4.78 12.46
C VAL E 685 20.10 -6.27 12.42
N GLY E 686 19.13 -7.04 11.96
CA GLY E 686 19.17 -8.48 12.05
C GLY E 686 19.63 -9.11 10.77
N ASP E 687 20.70 -9.89 10.87
CA ASP E 687 21.28 -10.68 9.81
C ASP E 687 22.09 -11.75 10.51
N PRO E 688 22.01 -13.01 10.10
CA PRO E 688 22.91 -14.01 10.70
C PRO E 688 24.38 -13.75 10.47
N PHE E 689 24.78 -13.56 9.21
CA PHE E 689 26.18 -13.41 8.85
C PHE E 689 26.76 -12.05 9.21
N ASN E 690 25.99 -11.16 9.83
CA ASN E 690 26.45 -9.88 10.33
C ASN E 690 26.27 -9.84 11.84
N PRO E 691 27.25 -10.32 12.60
CA PRO E 691 27.18 -10.23 14.04
C PRO E 691 27.60 -8.85 14.49
N PRO E 692 27.54 -8.53 15.79
CA PRO E 692 28.27 -7.35 16.27
C PRO E 692 29.76 -7.57 16.13
N SER E 693 30.45 -6.56 15.59
CA SER E 693 31.88 -6.70 15.32
C SER E 693 32.68 -6.69 16.60
N ASP E 694 32.20 -6.02 17.61
CA ASP E 694 32.94 -5.99 18.85
C ASP E 694 32.66 -7.26 19.64
N PRO E 695 33.68 -8.00 20.05
CA PRO E 695 33.47 -9.25 20.78
C PRO E 695 33.08 -9.09 22.23
N THR E 696 32.89 -7.88 22.72
CA THR E 696 32.48 -7.64 24.10
C THR E 696 31.08 -7.08 24.19
N ASP E 697 30.20 -7.44 23.26
CA ASP E 697 28.80 -7.03 23.30
C ASP E 697 27.99 -8.20 23.84
N TYR E 698 27.49 -8.04 25.06
CA TYR E 698 26.70 -9.09 25.71
C TYR E 698 25.23 -8.68 25.82
N ASP E 699 24.97 -7.56 26.46
CA ASP E 699 23.63 -7.11 26.79
C ASP E 699 23.31 -5.91 25.93
N LEU E 700 22.04 -5.80 25.51
CA LEU E 700 21.64 -4.68 24.66
C LEU E 700 21.68 -3.36 25.41
N THR E 701 21.41 -3.36 26.71
CA THR E 701 21.42 -2.15 27.49
C THR E 701 22.82 -1.62 27.81
N LYS E 702 23.87 -2.15 27.19
CA LYS E 702 25.22 -1.65 27.38
C LYS E 702 25.94 -1.35 26.09
N VAL E 703 25.37 -1.70 24.93
CA VAL E 703 26.04 -1.45 23.66
C VAL E 703 25.94 0.03 23.35
N PRO E 704 26.91 0.62 22.69
CA PRO E 704 26.79 2.01 22.26
C PRO E 704 25.95 2.15 21.00
N ASN E 705 25.39 3.34 20.83
CA ASN E 705 24.60 3.67 19.67
C ASN E 705 25.54 3.77 18.48
N ASP E 706 25.82 2.63 17.87
CA ASP E 706 27.02 2.41 17.10
C ASP E 706 26.71 1.32 16.08
N ASP E 707 27.71 0.46 15.81
CA ASP E 707 27.92 -0.42 14.66
C ASP E 707 26.69 -0.94 13.94
N ILE E 708 25.87 -1.74 14.63
CA ILE E 708 24.64 -2.27 14.06
C ILE E 708 23.41 -1.76 14.76
N TYR E 709 23.57 -0.94 15.79
CA TYR E 709 22.51 -0.67 16.75
C TYR E 709 21.79 0.64 16.48
N ILE E 710 20.64 0.79 17.13
CA ILE E 710 19.89 2.04 17.25
C ILE E 710 19.40 2.12 18.68
N VAL E 711 19.82 3.15 19.41
CA VAL E 711 19.43 3.36 20.80
C VAL E 711 18.42 4.48 20.86
N SER E 712 17.26 4.22 21.48
CA SER E 712 16.16 5.18 21.63
C SER E 712 15.70 5.70 20.28
N ALA E 713 15.10 4.80 19.55
CA ALA E 713 14.55 5.09 18.24
C ALA E 713 13.34 5.99 18.39
N ARG E 714 13.49 7.27 18.11
CA ARG E 714 12.35 8.18 18.20
C ARG E 714 11.34 7.96 17.09
N GLY E 715 11.80 7.55 15.91
CA GLY E 715 10.93 7.44 14.75
C GLY E 715 10.12 6.18 14.72
N GLY E 716 9.31 6.06 13.68
CA GLY E 716 8.50 4.88 13.49
C GLY E 716 9.26 3.77 12.82
N ILE E 717 8.57 2.68 12.56
CA ILE E 717 9.08 1.60 11.74
C ILE E 717 8.09 1.43 10.61
N GLU E 718 8.61 1.29 9.39
CA GLU E 718 7.76 1.25 8.21
C GLU E 718 6.86 0.03 8.25
N GLY E 719 5.62 0.21 7.83
CA GLY E 719 4.62 -0.85 7.90
C GLY E 719 3.88 -0.88 9.20
N LEU E 720 4.60 -0.83 10.31
CA LEU E 720 4.00 -0.74 11.62
C LEU E 720 3.28 0.59 11.76
N CYS E 721 2.13 0.57 12.43
CA CYS E 721 1.37 1.78 12.82
C CYS E 721 1.00 2.64 11.62
N GLN E 722 0.70 1.99 10.51
CA GLN E 722 0.54 2.66 9.24
C GLN E 722 -0.77 3.41 9.17
N LYS E 723 -1.80 2.92 9.85
CA LYS E 723 -3.13 3.51 9.73
C LYS E 723 -3.18 4.89 10.33
N LEU E 724 -2.58 5.06 11.51
CA LEU E 724 -2.63 6.35 12.20
C LEU E 724 -1.88 7.42 11.40
N TRP E 725 -0.77 7.03 10.79
CA TRP E 725 0.05 7.99 10.05
C TRP E 725 -0.62 8.36 8.74
N THR E 726 -1.30 7.40 8.12
CA THR E 726 -2.08 7.71 6.92
C THR E 726 -3.21 8.66 7.24
N MET E 727 -3.81 8.53 8.42
CA MET E 727 -4.91 9.41 8.80
C MET E 727 -4.43 10.82 9.14
N ILE E 728 -3.27 10.93 9.78
CA ILE E 728 -2.67 12.25 10.03
C ILE E 728 -2.31 12.95 8.71
N SER E 729 -1.79 12.20 7.74
CA SER E 729 -1.46 12.82 6.47
C SER E 729 -2.69 13.21 5.66
N ILE E 730 -3.79 12.47 5.77
CA ILE E 730 -5.02 12.91 5.11
C ILE E 730 -5.53 14.19 5.74
N ALA E 731 -5.45 14.29 7.07
CA ALA E 731 -5.84 15.50 7.76
C ALA E 731 -4.98 16.68 7.33
N ALA E 732 -3.68 16.45 7.13
CA ALA E 732 -2.81 17.55 6.70
C ALA E 732 -3.05 17.94 5.24
N ILE E 733 -3.37 16.97 4.38
CA ILE E 733 -3.68 17.28 2.99
C ILE E 733 -4.96 18.09 2.89
N GLN E 734 -5.99 17.71 3.66
CA GLN E 734 -7.23 18.48 3.66
C GLN E 734 -7.06 19.84 4.30
N LEU E 735 -6.19 19.94 5.30
CA LEU E 735 -5.88 21.22 5.92
C LEU E 735 -5.25 22.18 4.92
N ALA E 736 -4.28 21.69 4.16
CA ALA E 736 -3.64 22.56 3.17
C ALA E 736 -4.53 22.83 1.97
N ALA E 737 -5.48 21.95 1.69
CA ALA E 737 -6.48 22.26 0.67
C ALA E 737 -7.39 23.39 1.13
N ALA E 738 -7.68 23.43 2.42
CA ALA E 738 -8.52 24.51 2.92
C ALA E 738 -7.77 25.82 3.07
N ARG E 739 -6.47 25.78 3.36
CA ARG E 739 -5.73 27.02 3.51
C ARG E 739 -5.44 27.74 2.21
N SER E 740 -5.66 27.11 1.05
CA SER E 740 -5.53 27.80 -0.23
C SER E 740 -6.85 27.85 -0.95
N HIS E 741 -7.93 27.44 -0.29
CA HIS E 741 -9.31 27.52 -0.78
C HIS E 741 -9.50 26.71 -2.05
N CYS E 742 -9.25 25.41 -1.95
CA CYS E 742 -9.39 24.52 -3.08
C CYS E 742 -9.98 23.18 -2.65
N ARG E 743 -10.34 22.38 -3.63
CA ARG E 743 -10.91 21.05 -3.41
C ARG E 743 -9.94 19.99 -3.91
N VAL E 744 -9.78 18.95 -3.12
CA VAL E 744 -8.73 17.96 -3.27
C VAL E 744 -9.36 16.57 -3.18
N ALA E 745 -9.04 15.71 -4.14
CA ALA E 745 -9.35 14.28 -4.10
C ALA E 745 -8.04 13.54 -3.95
N CYS E 746 -7.57 13.41 -2.72
CA CYS E 746 -6.29 12.76 -2.48
C CYS E 746 -6.44 11.25 -2.39
N MET E 747 -5.29 10.58 -2.31
CA MET E 747 -5.19 9.15 -2.08
C MET E 747 -3.82 8.87 -1.50
N VAL E 748 -3.77 8.20 -0.36
CA VAL E 748 -2.50 8.02 0.33
C VAL E 748 -2.48 6.69 1.04
N GLN E 749 -1.41 5.92 0.79
CA GLN E 749 -1.10 4.67 1.48
C GLN E 749 0.20 4.77 2.24
N GLY E 750 0.41 5.86 2.96
CA GLY E 750 1.69 6.03 3.60
C GLY E 750 2.33 7.31 3.14
N ASP E 751 3.41 7.21 2.36
CA ASP E 751 3.92 8.38 1.65
C ASP E 751 3.70 8.27 0.15
N ASN E 752 2.79 7.40 -0.28
CA ASN E 752 2.40 7.34 -1.68
C ASN E 752 1.16 8.22 -1.87
N GLN E 753 1.35 9.51 -1.65
CA GLN E 753 0.27 10.46 -1.69
C GLN E 753 0.12 11.00 -3.11
N VAL E 754 -1.11 10.97 -3.62
CA VAL E 754 -1.45 11.45 -4.96
C VAL E 754 -2.59 12.43 -4.79
N ILE E 755 -2.36 13.70 -5.09
CA ILE E 755 -3.32 14.77 -4.82
C ILE E 755 -3.77 15.37 -6.14
N ALA E 756 -5.08 15.45 -6.34
CA ALA E 756 -5.66 16.02 -7.54
C ALA E 756 -6.34 17.33 -7.18
N VAL E 757 -5.60 18.44 -7.24
CA VAL E 757 -6.21 19.75 -7.01
C VAL E 757 -7.13 20.10 -8.15
N THR E 758 -8.40 20.29 -7.82
CA THR E 758 -9.45 20.49 -8.80
C THR E 758 -9.86 21.95 -8.85
N ARG E 759 -10.51 22.29 -9.94
CA ARG E 759 -11.06 23.62 -10.15
C ARG E 759 -12.21 23.44 -11.10
N GLU E 760 -13.33 24.06 -10.77
CA GLU E 760 -14.55 23.94 -11.58
C GLU E 760 -14.60 25.14 -12.51
N VAL E 761 -14.55 24.87 -13.81
CA VAL E 761 -14.60 25.92 -14.81
C VAL E 761 -15.83 25.70 -15.68
N ARG E 762 -16.06 26.70 -16.59
CA ARG E 762 -17.14 26.95 -17.54
C ARG E 762 -16.92 26.15 -18.82
N PRO E 763 -18.02 25.73 -19.47
CA PRO E 763 -17.87 25.17 -20.81
C PRO E 763 -17.47 26.21 -21.85
N ASP E 764 -17.84 27.46 -21.64
CA ASP E 764 -17.54 28.53 -22.59
C ASP E 764 -16.41 29.43 -22.10
N ASP E 765 -15.38 28.85 -21.50
CA ASP E 765 -14.23 29.60 -21.04
C ASP E 765 -13.02 29.26 -21.90
N SER E 766 -12.07 30.20 -21.97
CA SER E 766 -10.91 30.04 -22.81
C SER E 766 -9.93 29.04 -22.19
N PRO E 767 -9.23 28.28 -23.04
CA PRO E 767 -8.32 27.24 -22.51
C PRO E 767 -7.13 27.79 -21.76
N GLU E 768 -6.61 28.95 -22.16
CA GLU E 768 -5.50 29.55 -21.44
C GLU E 768 -5.91 29.96 -20.04
N SER E 769 -7.15 30.41 -19.86
CA SER E 769 -7.63 30.74 -18.52
C SER E 769 -7.78 29.48 -17.67
N VAL E 770 -8.20 28.37 -18.27
CA VAL E 770 -8.34 27.11 -17.55
C VAL E 770 -6.98 26.60 -17.08
N LEU E 771 -6.04 26.51 -18.01
CA LEU E 771 -4.70 26.09 -17.65
C LEU E 771 -3.92 27.16 -16.90
N THR E 772 -4.47 28.36 -16.72
CA THR E 772 -3.84 29.31 -15.83
C THR E 772 -4.36 29.13 -14.41
N GLN E 773 -5.67 28.95 -14.27
CA GLN E 773 -6.29 28.76 -12.97
C GLN E 773 -5.82 27.46 -12.32
N LEU E 774 -5.66 26.40 -13.12
CA LEU E 774 -5.16 25.14 -12.59
C LEU E 774 -3.74 25.28 -12.07
N HIS E 775 -2.89 25.99 -12.79
CA HIS E 775 -1.51 26.11 -12.36
C HIS E 775 -1.39 27.05 -11.18
N GLU E 776 -2.26 28.05 -11.08
CA GLU E 776 -2.28 28.92 -9.91
C GLU E 776 -2.72 28.17 -8.66
N ALA E 777 -3.78 27.36 -8.79
CA ALA E 777 -4.26 26.59 -7.66
C ALA E 777 -3.25 25.53 -7.24
N SER E 778 -2.56 24.95 -8.22
CA SER E 778 -1.52 23.97 -7.93
C SER E 778 -0.35 24.61 -7.19
N ASP E 779 0.02 25.83 -7.57
CA ASP E 779 1.11 26.52 -6.89
C ASP E 779 0.73 26.89 -5.47
N ASN E 780 -0.49 27.39 -5.27
CA ASN E 780 -0.95 27.73 -3.93
C ASN E 780 -1.02 26.51 -3.03
N PHE E 781 -1.63 25.44 -3.53
CA PHE E 781 -1.77 24.23 -2.76
C PHE E 781 -0.42 23.61 -2.45
N PHE E 782 0.48 23.57 -3.43
CA PHE E 782 1.78 22.97 -3.21
C PHE E 782 2.57 23.77 -2.18
N ARG E 783 2.48 25.10 -2.24
CA ARG E 783 3.16 25.94 -1.26
C ARG E 783 2.63 25.68 0.14
N GLU E 784 1.30 25.59 0.28
CA GLU E 784 0.73 25.35 1.59
C GLU E 784 0.99 23.94 2.07
N LEU E 785 1.11 22.98 1.16
CA LEU E 785 1.34 21.60 1.55
C LEU E 785 2.77 21.39 2.02
N ILE E 786 3.74 21.98 1.33
CA ILE E 786 5.11 22.13 1.86
C ILE E 786 5.07 22.72 3.24
N HIS E 787 4.26 23.78 3.42
CA HIS E 787 4.29 24.53 4.67
C HIS E 787 3.67 23.73 5.82
N VAL E 788 2.60 23.01 5.55
CA VAL E 788 1.95 22.27 6.64
C VAL E 788 2.65 20.97 6.93
N ASN E 789 3.38 20.40 5.96
CA ASN E 789 4.17 19.22 6.26
C ASN E 789 5.52 19.55 6.85
N HIS E 790 6.04 20.73 6.59
CA HIS E 790 7.30 21.13 7.20
C HIS E 790 7.15 21.35 8.68
N LEU E 791 5.99 21.85 9.11
CA LEU E 791 5.83 22.24 10.50
C LEU E 791 5.44 21.07 11.40
N ILE E 792 5.02 19.95 10.82
CA ILE E 792 4.86 18.70 11.54
C ILE E 792 6.04 17.78 11.36
N GLY E 793 7.03 18.19 10.58
CA GLY E 793 8.30 17.53 10.51
C GLY E 793 8.58 16.67 9.31
N HIS E 794 7.99 16.97 8.16
CA HIS E 794 8.06 16.10 7.00
C HIS E 794 8.46 16.91 5.79
N ASN E 795 9.64 16.65 5.29
CA ASN E 795 10.13 17.28 4.08
C ASN E 795 9.50 16.55 2.91
N LEU E 796 8.50 17.16 2.29
CA LEU E 796 8.27 16.81 0.91
C LEU E 796 9.03 17.84 0.10
N LYS E 797 9.70 17.38 -0.95
CA LYS E 797 10.67 18.20 -1.65
C LYS E 797 9.99 19.06 -2.71
N ASP E 798 10.68 20.14 -3.09
CA ASP E 798 10.14 21.01 -4.12
C ASP E 798 10.33 20.41 -5.50
N ARG E 799 11.46 19.74 -5.69
CA ARG E 799 11.87 19.28 -7.01
C ARG E 799 11.72 17.78 -7.20
N GLU E 800 11.81 17.00 -6.12
CA GLU E 800 11.72 15.55 -6.25
C GLU E 800 10.32 15.09 -6.65
N THR E 801 9.29 15.85 -6.32
CA THR E 801 7.94 15.39 -6.59
C THR E 801 7.56 15.69 -8.03
N ILE E 802 6.45 15.12 -8.46
CA ILE E 802 6.05 15.18 -9.85
C ILE E 802 4.71 15.87 -9.93
N ARG E 803 4.71 17.12 -10.37
CA ARG E 803 3.50 17.85 -10.69
C ARG E 803 3.27 17.78 -12.19
N SER E 804 2.01 17.64 -12.57
CA SER E 804 1.65 17.56 -13.98
C SER E 804 0.17 17.81 -14.16
N ASP E 805 -0.20 18.31 -15.32
CA ASP E 805 -1.61 18.41 -15.67
C ASP E 805 -2.17 17.11 -16.19
N THR E 806 -1.34 16.10 -16.41
CA THR E 806 -1.73 15.01 -17.30
C THR E 806 -1.69 13.64 -16.63
N PHE E 807 -0.62 13.29 -15.94
CA PHE E 807 -0.43 11.93 -15.48
C PHE E 807 -0.20 11.95 -13.98
N PHE E 808 -0.29 10.77 -13.39
CA PHE E 808 0.16 10.58 -12.02
C PHE E 808 0.60 9.13 -11.84
N ILE E 809 1.28 8.88 -10.73
CA ILE E 809 1.94 7.62 -10.46
C ILE E 809 1.25 6.96 -9.29
N TYR E 810 0.86 5.71 -9.44
CA TYR E 810 0.34 4.98 -8.30
C TYR E 810 0.74 3.52 -8.41
N SER E 811 1.47 3.04 -7.40
CA SER E 811 2.00 1.66 -7.33
C SER E 811 2.83 1.32 -8.56
N LYS E 812 3.68 2.27 -8.96
CA LYS E 812 4.50 2.23 -10.16
C LYS E 812 3.70 2.01 -11.44
N ARG E 813 2.42 2.36 -11.45
CA ARG E 813 1.67 2.40 -12.70
C ARG E 813 1.33 3.85 -12.98
N ILE E 814 1.62 4.29 -14.20
CA ILE E 814 1.41 5.66 -14.60
C ILE E 814 0.05 5.76 -15.29
N PHE E 815 -0.81 6.60 -14.75
CA PHE E 815 -2.12 6.88 -15.29
C PHE E 815 -2.04 8.20 -16.03
N LYS E 816 -2.46 8.22 -17.30
CA LYS E 816 -2.30 9.41 -18.13
C LYS E 816 -3.49 9.56 -19.06
N ASP E 817 -4.33 10.56 -18.80
CA ASP E 817 -5.45 10.98 -19.68
C ASP E 817 -6.51 9.91 -19.83
N GLY E 818 -6.97 9.37 -18.71
CA GLY E 818 -8.03 8.40 -18.79
C GLY E 818 -7.64 7.07 -19.40
N ALA E 819 -6.35 6.76 -19.40
CA ALA E 819 -5.85 5.46 -19.82
C ALA E 819 -4.72 5.09 -18.89
N ILE E 820 -4.36 3.82 -18.90
CA ILE E 820 -3.23 3.33 -18.12
C ILE E 820 -2.12 3.06 -19.10
N LEU E 821 -0.90 3.37 -18.70
CA LEU E 821 0.20 3.52 -19.64
C LEU E 821 1.04 2.26 -19.57
N SER E 822 1.46 1.77 -20.74
CA SER E 822 1.78 0.36 -20.92
C SER E 822 3.00 -0.09 -20.14
N GLN E 823 2.95 -1.34 -19.66
CA GLN E 823 4.03 -2.04 -18.96
C GLN E 823 4.23 -3.43 -19.52
N VAL E 824 4.40 -3.55 -20.82
CA VAL E 824 4.73 -4.85 -21.39
C VAL E 824 6.14 -5.28 -20.99
N LEU E 825 7.10 -4.36 -20.99
CA LEU E 825 8.47 -4.80 -20.80
C LEU E 825 8.86 -5.02 -19.35
N LYS E 826 8.08 -4.53 -18.37
CA LYS E 826 8.26 -5.01 -17.00
C LYS E 826 7.87 -6.46 -16.88
N ASN E 827 6.78 -6.84 -17.53
CA ASN E 827 6.29 -8.20 -17.45
C ASN E 827 7.19 -9.14 -18.22
N SER E 828 7.86 -8.64 -19.26
CA SER E 828 8.77 -9.49 -20.00
C SER E 828 10.00 -9.86 -19.18
N SER E 829 10.42 -9.01 -18.25
CA SER E 829 11.55 -9.36 -17.40
C SER E 829 11.19 -10.39 -16.32
N LYS E 830 9.92 -10.54 -16.00
CA LYS E 830 9.51 -11.59 -15.09
C LYS E 830 9.24 -12.91 -15.80
N LEU E 831 9.25 -12.92 -17.13
CA LEU E 831 9.08 -14.15 -17.90
C LEU E 831 10.31 -15.03 -17.71
N VAL E 832 10.15 -16.12 -16.98
CA VAL E 832 11.26 -16.99 -16.59
C VAL E 832 10.97 -18.45 -16.92
N LEU E 833 11.82 -19.35 -16.44
CA LEU E 833 11.85 -20.72 -16.95
C LEU E 833 11.79 -21.78 -15.85
N VAL E 834 11.70 -21.42 -14.57
CA VAL E 834 11.38 -22.34 -13.50
C VAL E 834 10.41 -21.60 -12.58
N SER E 835 9.39 -22.30 -12.08
CA SER E 835 8.45 -21.69 -11.14
C SER E 835 8.04 -22.71 -10.08
N GLY E 836 8.61 -22.60 -8.89
CA GLY E 836 8.25 -23.50 -7.80
C GLY E 836 9.44 -24.16 -7.13
N ASP E 837 9.29 -24.45 -5.84
CA ASP E 837 10.38 -24.97 -5.03
C ASP E 837 9.99 -26.22 -4.25
N LEU E 838 8.91 -26.89 -4.64
CA LEU E 838 8.44 -28.05 -3.90
C LEU E 838 8.70 -29.37 -4.62
N SER E 839 8.88 -29.36 -5.93
CA SER E 839 9.36 -30.51 -6.70
C SER E 839 9.74 -29.98 -8.07
N GLU E 840 10.26 -30.87 -8.91
CA GLU E 840 10.51 -30.57 -10.31
C GLU E 840 9.16 -30.55 -11.00
N ASN E 841 8.46 -29.43 -10.89
CA ASN E 841 7.09 -29.31 -11.33
C ASN E 841 7.08 -28.56 -12.66
N THR E 842 6.72 -29.26 -13.72
CA THR E 842 6.59 -28.66 -15.03
C THR E 842 5.21 -28.04 -15.22
N VAL E 843 4.21 -28.53 -14.51
CA VAL E 843 2.86 -28.05 -14.73
C VAL E 843 2.69 -26.64 -14.20
N MET E 844 3.18 -26.39 -12.99
CA MET E 844 3.11 -25.03 -12.45
C MET E 844 4.05 -24.09 -13.17
N SER E 845 5.17 -24.61 -13.67
CA SER E 845 6.12 -23.79 -14.40
C SER E 845 5.61 -23.41 -15.79
N CYS E 846 4.75 -24.23 -16.38
CA CYS E 846 4.07 -23.84 -17.61
C CYS E 846 2.89 -22.94 -17.33
N ALA E 847 2.28 -23.07 -16.15
CA ALA E 847 1.18 -22.18 -15.77
C ALA E 847 1.65 -20.76 -15.53
N ASN E 848 2.86 -20.61 -14.97
CA ASN E 848 3.46 -19.29 -14.76
C ASN E 848 3.69 -18.57 -16.08
N ILE E 849 4.29 -19.26 -17.05
CA ILE E 849 4.55 -18.69 -18.36
C ILE E 849 3.25 -18.37 -19.07
N SER E 850 2.23 -19.22 -18.90
CA SER E 850 0.93 -18.97 -19.52
C SER E 850 0.30 -17.71 -18.97
N SER E 851 0.40 -17.49 -17.66
CA SER E 851 -0.19 -16.29 -17.08
C SER E 851 0.57 -15.04 -17.50
N THR E 852 1.90 -15.10 -17.55
CA THR E 852 2.68 -13.91 -17.92
C THR E 852 2.46 -13.54 -19.39
N VAL E 853 2.28 -14.54 -20.25
CA VAL E 853 1.95 -14.29 -21.65
C VAL E 853 0.57 -13.67 -21.77
N ALA E 854 -0.40 -14.13 -20.98
CA ALA E 854 -1.72 -13.51 -20.97
C ALA E 854 -1.65 -12.08 -20.48
N ARG E 855 -0.73 -11.81 -19.57
CA ARG E 855 -0.52 -10.46 -19.08
C ARG E 855 0.09 -9.56 -20.14
N LEU E 856 0.98 -10.10 -20.97
CA LEU E 856 1.49 -9.32 -22.10
C LEU E 856 0.41 -9.04 -23.12
N CYS E 857 -0.48 -10.00 -23.35
CA CYS E 857 -1.58 -9.75 -24.28
C CYS E 857 -2.53 -8.69 -23.73
N GLU E 858 -2.66 -8.60 -22.41
CA GLU E 858 -3.44 -7.52 -21.82
C GLU E 858 -2.79 -6.15 -22.01
N ASN E 859 -1.46 -6.06 -21.96
CA ASN E 859 -0.78 -4.77 -22.13
C ASN E 859 -0.68 -4.32 -23.57
N GLY E 860 -1.20 -5.10 -24.50
CA GLY E 860 -1.32 -4.70 -25.87
C GLY E 860 -0.20 -5.30 -26.67
N LEU E 861 -0.45 -6.51 -27.14
CA LEU E 861 0.31 -7.29 -28.09
C LEU E 861 -0.72 -8.10 -28.85
N PRO E 862 -0.42 -8.57 -30.05
CA PRO E 862 -1.43 -9.30 -30.81
C PRO E 862 -1.75 -10.65 -30.19
N LYS E 863 -2.87 -11.22 -30.64
CA LYS E 863 -3.29 -12.52 -30.15
C LYS E 863 -2.42 -13.63 -30.73
N ASP E 864 -2.21 -13.57 -32.04
CA ASP E 864 -1.49 -14.62 -32.73
C ASP E 864 -0.03 -14.68 -32.32
N PHE E 865 0.55 -13.55 -31.91
CA PHE E 865 1.87 -13.55 -31.34
C PHE E 865 1.89 -14.25 -29.99
N CYS E 866 0.97 -13.88 -29.11
CA CYS E 866 1.08 -14.30 -27.71
C CYS E 866 0.75 -15.77 -27.54
N TYR E 867 -0.25 -16.27 -28.28
CA TYR E 867 -0.62 -17.68 -28.19
C TYR E 867 0.52 -18.58 -28.64
N TYR E 868 1.14 -18.24 -29.75
CA TYR E 868 2.22 -19.05 -30.27
C TYR E 868 3.51 -18.83 -29.49
N LEU E 869 3.68 -17.66 -28.88
CA LEU E 869 4.76 -17.46 -27.94
C LEU E 869 4.60 -18.34 -26.72
N ASN E 870 3.34 -18.53 -26.28
CA ASN E 870 3.07 -19.47 -25.19
C ASN E 870 3.44 -20.88 -25.59
N TYR E 871 3.10 -21.28 -26.81
CA TYR E 871 3.42 -22.64 -27.25
C TYR E 871 4.93 -22.85 -27.30
N LEU E 872 5.66 -21.89 -27.86
CA LEU E 872 7.10 -22.05 -27.97
C LEU E 872 7.76 -22.02 -26.60
N MET E 873 7.27 -21.20 -25.69
CA MET E 873 7.90 -21.18 -24.37
C MET E 873 7.51 -22.38 -23.51
N SER E 874 6.34 -22.97 -23.72
CA SER E 874 6.02 -24.19 -22.99
C SER E 874 6.80 -25.37 -23.55
N CYS E 875 7.12 -25.35 -24.85
CA CYS E 875 8.08 -26.30 -25.41
C CYS E 875 9.46 -26.15 -24.78
N ILE E 876 9.97 -24.92 -24.71
CA ILE E 876 11.27 -24.69 -24.08
C ILE E 876 11.24 -25.11 -22.62
N GLN E 877 10.11 -24.92 -21.97
CA GLN E 877 9.97 -25.30 -20.58
C GLN E 877 10.02 -26.81 -20.41
N THR E 878 9.25 -27.53 -21.21
CA THR E 878 9.19 -28.97 -20.99
C THR E 878 10.44 -29.68 -21.45
N TYR E 879 11.22 -29.10 -22.38
CA TYR E 879 12.53 -29.66 -22.66
C TYR E 879 13.59 -29.20 -21.68
N PHE E 880 13.38 -28.06 -21.03
CA PHE E 880 14.35 -27.59 -20.05
C PHE E 880 14.28 -28.42 -18.79
N ASP E 881 13.14 -29.02 -18.48
CA ASP E 881 13.04 -29.82 -17.28
C ASP E 881 13.57 -31.23 -17.46
N SER E 882 13.65 -31.72 -18.70
CA SER E 882 14.21 -33.04 -18.96
C SER E 882 15.69 -33.06 -18.65
N GLU E 883 16.45 -32.23 -19.36
CA GLU E 883 17.80 -31.90 -18.97
C GLU E 883 17.77 -31.00 -17.73
N PHE E 884 18.93 -30.66 -17.22
CA PHE E 884 19.14 -29.66 -16.17
C PHE E 884 18.41 -29.95 -14.86
N SER E 885 17.76 -31.11 -14.72
CA SER E 885 17.01 -31.41 -13.51
C SER E 885 17.97 -31.82 -12.42
N ILE E 886 17.66 -31.40 -11.20
CA ILE E 886 18.58 -31.55 -10.09
C ILE E 886 18.22 -32.80 -9.30
N THR E 887 17.43 -33.67 -9.91
CA THR E 887 17.01 -34.95 -9.34
C THR E 887 17.37 -36.07 -10.33
N SER E 888 18.64 -36.08 -10.74
CA SER E 888 19.22 -37.01 -11.73
C SER E 888 18.48 -37.03 -13.06
N SER E 894 14.24 -42.93 -17.70
CA SER E 894 12.94 -42.52 -17.17
C SER E 894 12.14 -41.75 -18.22
N ASN E 895 12.45 -40.46 -18.35
CA ASN E 895 11.75 -39.60 -19.28
C ASN E 895 12.18 -39.80 -20.73
N GLN E 896 13.20 -40.63 -20.97
CA GLN E 896 13.79 -40.77 -22.30
C GLN E 896 12.85 -41.39 -23.31
N SER E 897 11.77 -42.03 -22.85
CA SER E 897 10.81 -42.62 -23.78
C SER E 897 10.02 -41.54 -24.50
N TRP E 898 9.48 -40.59 -23.76
CA TRP E 898 8.52 -39.65 -24.32
C TRP E 898 9.14 -38.31 -24.66
N ILE E 899 10.39 -38.05 -24.26
CA ILE E 899 10.94 -36.71 -24.41
C ILE E 899 11.41 -36.46 -25.84
N ASN E 900 11.76 -37.51 -26.58
CA ASN E 900 12.15 -37.32 -27.96
C ASN E 900 10.99 -37.49 -28.92
N ASP E 901 9.83 -37.92 -28.42
CA ASP E 901 8.62 -38.02 -29.23
C ASP E 901 8.11 -36.61 -29.40
N ILE E 902 8.44 -36.01 -30.55
CA ILE E 902 8.09 -34.62 -30.79
C ILE E 902 6.61 -34.35 -31.00
N PRO E 903 5.82 -35.16 -31.74
CA PRO E 903 4.37 -34.89 -31.74
C PRO E 903 3.69 -35.16 -30.42
N PHE E 904 4.28 -35.97 -29.54
CA PHE E 904 3.75 -36.05 -28.18
C PHE E 904 3.96 -34.77 -27.40
N ILE E 905 5.15 -34.19 -27.49
CA ILE E 905 5.43 -32.92 -26.80
C ILE E 905 4.59 -31.80 -27.40
N HIS E 906 4.32 -31.86 -28.71
CA HIS E 906 3.37 -30.93 -29.31
C HIS E 906 1.98 -31.11 -28.71
N SER E 907 1.46 -32.32 -28.70
CA SER E 907 0.11 -32.52 -28.22
C SER E 907 0.00 -32.48 -26.71
N TYR E 908 1.10 -32.30 -25.99
CA TYR E 908 1.06 -32.32 -24.54
C TYR E 908 0.97 -30.92 -23.97
N VAL E 909 1.71 -29.97 -24.54
CA VAL E 909 1.72 -28.62 -24.03
C VAL E 909 0.66 -27.81 -24.75
N LEU E 910 -0.12 -28.46 -25.59
CA LEU E 910 -1.20 -27.80 -26.30
C LEU E 910 -2.58 -28.32 -25.88
N THR E 911 -2.65 -29.45 -25.20
CA THR E 911 -3.89 -29.95 -24.62
C THR E 911 -4.12 -29.28 -23.27
N PRO E 912 -5.34 -28.81 -22.97
CA PRO E 912 -5.57 -28.08 -21.72
C PRO E 912 -5.38 -28.91 -20.47
N ALA E 913 -4.97 -28.23 -19.39
CA ALA E 913 -4.59 -28.90 -18.16
C ALA E 913 -5.77 -29.55 -17.45
N GLN E 914 -6.99 -29.12 -17.73
CA GLN E 914 -8.15 -29.83 -17.21
C GLN E 914 -8.27 -31.20 -17.87
N LEU E 915 -8.07 -31.27 -19.18
CA LEU E 915 -8.15 -32.54 -19.87
C LEU E 915 -6.91 -33.40 -19.67
N GLY E 916 -5.84 -32.85 -19.14
CA GLY E 916 -4.68 -33.66 -18.81
C GLY E 916 -3.35 -33.02 -19.11
N GLY E 917 -3.29 -32.17 -20.14
CA GLY E 917 -2.03 -31.63 -20.62
C GLY E 917 -1.43 -30.52 -19.80
N LEU E 918 -0.89 -29.50 -20.46
CA LEU E 918 -0.22 -28.41 -19.76
C LEU E 918 -0.72 -27.02 -20.10
N SER E 919 -1.48 -26.84 -21.18
CA SER E 919 -1.85 -25.51 -21.66
C SER E 919 -2.96 -24.95 -20.80
N ASN E 920 -2.60 -24.17 -19.78
CA ASN E 920 -3.61 -23.39 -19.08
C ASN E 920 -4.13 -22.22 -19.91
N LEU E 921 -3.35 -21.74 -20.85
CA LEU E 921 -3.74 -20.58 -21.64
C LEU E 921 -4.46 -21.05 -22.89
N GLN E 922 -5.78 -21.01 -22.84
CA GLN E 922 -6.62 -21.29 -23.98
C GLN E 922 -6.50 -20.15 -24.99
N TYR E 923 -7.11 -20.34 -26.17
CA TYR E 923 -7.19 -19.24 -27.10
C TYR E 923 -8.24 -18.24 -26.65
N SER E 924 -9.18 -18.66 -25.82
CA SER E 924 -10.22 -17.76 -25.33
C SER E 924 -9.72 -16.84 -24.23
N ARG E 925 -8.74 -17.29 -23.45
CA ARG E 925 -8.20 -16.48 -22.36
C ARG E 925 -7.43 -15.27 -22.88
N LEU E 926 -7.03 -15.30 -24.15
CA LEU E 926 -6.41 -14.13 -24.75
C LEU E 926 -7.42 -13.01 -24.95
N TYR E 927 -8.68 -13.33 -25.23
CA TYR E 927 -9.69 -12.31 -25.48
C TYR E 927 -10.40 -11.82 -24.22
N THR E 928 -10.65 -12.70 -23.25
CA THR E 928 -11.43 -12.31 -22.09
C THR E 928 -10.82 -12.96 -20.85
N ARG E 929 -11.56 -12.96 -19.77
CA ARG E 929 -11.11 -13.43 -18.47
C ARG E 929 -11.77 -14.78 -18.18
N ASN E 930 -11.25 -15.49 -17.16
CA ASN E 930 -11.58 -16.87 -16.83
C ASN E 930 -12.94 -17.05 -16.16
N ILE E 931 -13.84 -16.08 -16.25
CA ILE E 931 -15.22 -16.31 -15.85
C ILE E 931 -15.85 -17.36 -16.76
N GLY E 932 -16.65 -18.24 -16.18
CA GLY E 932 -17.34 -19.27 -16.92
C GLY E 932 -16.88 -20.66 -16.52
N ASP E 933 -17.39 -21.63 -17.27
CA ASP E 933 -17.09 -23.04 -17.03
C ASP E 933 -15.81 -23.45 -17.73
N PRO E 934 -14.87 -24.08 -17.03
CA PRO E 934 -13.61 -24.46 -17.69
C PRO E 934 -13.73 -25.63 -18.64
N GLY E 935 -14.62 -26.59 -18.37
CA GLY E 935 -14.63 -27.82 -19.15
C GLY E 935 -15.13 -27.62 -20.56
N THR E 936 -16.17 -26.81 -20.73
CA THR E 936 -16.65 -26.49 -22.07
C THR E 936 -15.62 -25.72 -22.87
N THR E 937 -14.83 -24.87 -22.20
CA THR E 937 -13.80 -24.11 -22.90
C THR E 937 -12.67 -25.01 -23.35
N ALA E 938 -12.26 -25.96 -22.50
CA ALA E 938 -11.22 -26.90 -22.90
C ALA E 938 -11.69 -27.78 -24.05
N PHE E 939 -12.95 -28.21 -24.04
CA PHE E 939 -13.44 -28.97 -25.18
C PHE E 939 -13.61 -28.12 -26.42
N ALA E 940 -13.90 -26.83 -26.26
CA ALA E 940 -13.99 -25.98 -27.43
C ALA E 940 -12.63 -25.72 -28.04
N GLU E 941 -11.60 -25.59 -27.18
CA GLU E 941 -10.24 -25.46 -27.69
C GLU E 941 -9.80 -26.72 -28.42
N VAL E 942 -10.09 -27.89 -27.85
CA VAL E 942 -9.71 -29.14 -28.50
C VAL E 942 -10.48 -29.32 -29.80
N LYS E 943 -11.72 -28.84 -29.86
CA LYS E 943 -12.47 -28.89 -31.11
C LYS E 943 -11.86 -27.97 -32.16
N ARG E 944 -11.39 -26.79 -31.76
CA ARG E 944 -10.76 -25.88 -32.72
C ARG E 944 -9.40 -26.41 -33.16
N LEU E 945 -8.60 -26.94 -32.22
CA LEU E 945 -7.28 -27.46 -32.55
C LEU E 945 -7.36 -28.69 -33.44
N GLU E 946 -8.43 -29.48 -33.32
CA GLU E 946 -8.65 -30.55 -34.28
C GLU E 946 -9.13 -29.98 -35.61
N ALA E 947 -9.99 -28.97 -35.56
CA ALA E 947 -10.59 -28.42 -36.77
C ALA E 947 -9.58 -27.73 -37.67
N VAL E 948 -8.46 -27.26 -37.12
CA VAL E 948 -7.41 -26.67 -37.94
C VAL E 948 -6.30 -27.67 -38.28
N GLY E 949 -6.17 -28.76 -37.53
CA GLY E 949 -5.17 -29.74 -37.81
C GLY E 949 -3.95 -29.70 -36.93
N LEU E 950 -3.98 -28.91 -35.85
CA LEU E 950 -2.88 -28.98 -34.89
C LEU E 950 -2.92 -30.28 -34.11
N LEU E 951 -3.98 -30.49 -33.35
CA LEU E 951 -4.08 -31.61 -32.45
C LEU E 951 -4.76 -32.77 -33.16
N GLY E 952 -4.28 -33.98 -32.92
CA GLY E 952 -4.72 -35.13 -33.65
C GLY E 952 -6.15 -35.56 -33.34
N PRO E 953 -6.81 -36.21 -34.30
CA PRO E 953 -8.18 -36.69 -34.05
C PRO E 953 -8.26 -37.90 -33.15
N ASN E 954 -7.13 -38.55 -32.86
CA ASN E 954 -7.12 -39.64 -31.89
C ASN E 954 -7.36 -39.13 -30.49
N ILE E 955 -6.86 -37.93 -30.18
CA ILE E 955 -6.70 -37.48 -28.80
C ILE E 955 -8.03 -37.03 -28.20
N MET E 956 -8.88 -36.40 -28.99
CA MET E 956 -10.21 -36.02 -28.50
C MET E 956 -11.04 -37.26 -28.23
N THR E 957 -10.96 -38.26 -29.11
CA THR E 957 -11.69 -39.50 -28.93
C THR E 957 -11.13 -40.31 -27.76
N ASN E 958 -9.85 -40.16 -27.46
CA ASN E 958 -9.32 -40.84 -26.28
C ASN E 958 -9.69 -40.12 -25.00
N ILE E 959 -9.84 -38.80 -25.05
CA ILE E 959 -10.48 -38.08 -23.95
C ILE E 959 -11.90 -38.59 -23.74
N LEU E 960 -12.65 -38.73 -24.83
CA LEU E 960 -14.05 -39.15 -24.74
C LEU E 960 -14.19 -40.60 -24.30
N THR E 961 -13.12 -41.39 -24.35
CA THR E 961 -13.15 -42.79 -23.99
C THR E 961 -12.25 -43.05 -22.78
N ARG E 962 -11.93 -42.03 -22.04
CA ARG E 962 -10.92 -42.16 -20.99
C ARG E 962 -11.51 -42.87 -19.78
N PRO E 963 -10.75 -43.78 -19.16
CA PRO E 963 -11.25 -44.46 -17.98
C PRO E 963 -11.34 -43.51 -16.81
N PRO E 964 -12.32 -43.70 -15.93
CA PRO E 964 -12.55 -42.75 -14.84
C PRO E 964 -11.52 -42.90 -13.73
N GLY E 965 -11.50 -41.92 -12.85
CA GLY E 965 -10.62 -41.88 -11.72
C GLY E 965 -11.27 -42.41 -10.46
N ASN E 966 -10.83 -41.88 -9.32
CA ASN E 966 -11.37 -42.27 -8.03
C ASN E 966 -12.84 -41.90 -7.89
N GLY E 967 -13.12 -40.60 -7.81
CA GLY E 967 -14.48 -40.16 -7.68
C GLY E 967 -14.99 -40.19 -6.26
N ASP E 968 -15.46 -39.05 -5.76
CA ASP E 968 -15.94 -38.92 -4.40
C ASP E 968 -17.16 -38.02 -4.42
N TRP E 969 -18.00 -38.17 -3.41
CA TRP E 969 -18.98 -37.11 -3.19
C TRP E 969 -18.31 -35.90 -2.58
N ALA E 970 -17.32 -36.15 -1.71
CA ALA E 970 -16.57 -35.07 -1.08
C ALA E 970 -15.80 -34.26 -2.11
N SER E 971 -15.19 -34.90 -3.10
CA SER E 971 -14.38 -34.16 -4.06
C SER E 971 -15.23 -33.42 -5.07
N LEU E 972 -16.30 -34.04 -5.56
CA LEU E 972 -17.22 -33.37 -6.47
C LEU E 972 -17.92 -32.21 -5.78
N CYS E 973 -18.13 -32.29 -4.46
CA CYS E 973 -18.62 -31.11 -3.77
C CYS E 973 -17.54 -30.06 -3.63
N ASN E 974 -16.31 -30.45 -3.33
CA ASN E 974 -15.26 -29.47 -3.12
C ASN E 974 -14.73 -28.87 -4.40
N ASP E 975 -15.05 -29.46 -5.56
CA ASP E 975 -14.49 -29.00 -6.83
C ASP E 975 -15.49 -29.31 -7.94
N PRO E 976 -16.46 -28.45 -8.14
CA PRO E 976 -17.36 -28.62 -9.30
C PRO E 976 -16.68 -28.24 -10.60
N TYR E 977 -17.46 -28.24 -11.69
CA TYR E 977 -17.05 -28.02 -13.09
C TYR E 977 -16.12 -29.09 -13.63
N SER E 978 -15.84 -30.11 -12.84
CA SER E 978 -14.66 -30.94 -13.02
C SER E 978 -15.02 -32.23 -13.73
N PHE E 979 -14.01 -33.07 -13.90
CA PHE E 979 -14.16 -34.35 -14.54
C PHE E 979 -13.62 -35.39 -13.59
N ASN E 980 -14.00 -36.64 -13.81
CA ASN E 980 -13.52 -37.72 -12.97
C ASN E 980 -12.45 -38.53 -13.69
N PHE E 981 -11.64 -37.85 -14.50
CA PHE E 981 -10.51 -38.47 -15.15
C PHE E 981 -9.46 -38.82 -14.12
N GLU E 982 -8.65 -39.82 -14.43
CA GLU E 982 -7.58 -40.22 -13.55
C GLU E 982 -6.49 -39.15 -13.53
N SER E 983 -6.12 -38.71 -12.35
CA SER E 983 -5.22 -37.58 -12.23
C SER E 983 -4.36 -37.75 -10.99
N VAL E 984 -3.22 -37.06 -10.98
CA VAL E 984 -2.35 -37.05 -9.81
C VAL E 984 -2.44 -35.67 -9.16
N ALA E 985 -2.22 -35.65 -7.86
CA ALA E 985 -2.43 -34.45 -7.08
C ALA E 985 -1.18 -33.58 -7.06
N SER E 986 -1.38 -32.27 -7.12
CA SER E 986 -0.28 -31.34 -7.24
C SER E 986 0.47 -31.26 -5.91
N PRO E 987 1.80 -31.16 -5.94
CA PRO E 987 2.55 -31.12 -4.69
C PRO E 987 2.33 -29.88 -3.87
N SER E 988 1.93 -28.79 -4.52
CA SER E 988 1.49 -27.60 -3.81
C SER E 988 0.26 -27.90 -2.96
N ILE E 989 -0.76 -28.51 -3.57
CA ILE E 989 -2.01 -28.82 -2.87
C ILE E 989 -1.77 -29.82 -1.75
N VAL E 990 -0.97 -30.85 -2.04
CA VAL E 990 -0.68 -31.90 -1.06
C VAL E 990 0.06 -31.35 0.13
N LEU E 991 1.11 -30.55 -0.11
CA LEU E 991 1.90 -30.04 0.99
C LEU E 991 1.19 -28.93 1.75
N LYS E 992 0.40 -28.10 1.07
CA LYS E 992 -0.39 -27.10 1.77
C LYS E 992 -1.43 -27.74 2.69
N LYS E 993 -2.15 -28.74 2.16
CA LYS E 993 -3.14 -29.45 2.95
C LYS E 993 -2.52 -30.21 4.11
N HIS E 994 -1.34 -30.79 3.88
CA HIS E 994 -0.63 -31.48 4.95
C HIS E 994 -0.19 -30.53 6.04
N THR E 995 0.25 -29.34 5.68
CA THR E 995 0.63 -28.36 6.70
C THR E 995 -0.57 -27.83 7.45
N GLN E 996 -1.70 -27.66 6.78
CA GLN E 996 -2.93 -27.26 7.46
C GLN E 996 -3.36 -28.34 8.46
N ARG E 997 -3.19 -29.60 8.11
CA ARG E 997 -3.55 -30.65 9.06
C ARG E 997 -2.55 -30.80 10.19
N VAL E 998 -1.28 -30.45 9.96
CA VAL E 998 -0.30 -30.63 11.03
C VAL E 998 -0.36 -29.47 12.02
N LEU E 999 -0.60 -28.26 11.54
CA LEU E 999 -0.55 -27.12 12.45
C LEU E 999 -1.75 -27.08 13.39
N PHE E 1000 -2.91 -27.54 12.94
CA PHE E 1000 -4.08 -27.61 13.78
C PHE E 1000 -4.15 -28.86 14.65
N GLU E 1001 -3.05 -29.61 14.76
CA GLU E 1001 -2.99 -30.69 15.72
C GLU E 1001 -2.81 -30.16 17.12
N THR E 1002 -1.77 -29.37 17.34
CA THR E 1002 -1.50 -28.79 18.63
C THR E 1002 -2.22 -27.45 18.82
N CYS E 1003 -3.30 -27.23 18.09
CA CYS E 1003 -4.12 -26.03 18.20
C CYS E 1003 -4.79 -25.98 19.57
N SER E 1004 -4.34 -25.07 20.43
CA SER E 1004 -4.81 -25.04 21.80
C SER E 1004 -5.13 -23.62 22.26
N ASN E 1005 -5.65 -22.83 21.41
CA ASN E 1005 -6.11 -21.55 21.91
C ASN E 1005 -7.63 -21.56 22.08
N PRO E 1006 -8.15 -20.76 23.02
CA PRO E 1006 -9.62 -20.76 23.23
C PRO E 1006 -10.39 -20.25 22.03
N LEU E 1007 -9.91 -19.22 21.37
CA LEU E 1007 -10.43 -18.84 20.07
C LEU E 1007 -10.09 -19.92 19.08
N LEU E 1008 -10.93 -20.04 18.04
CA LEU E 1008 -10.79 -21.04 16.96
C LEU E 1008 -10.59 -22.46 17.50
N SER E 1009 -11.35 -22.79 18.54
CA SER E 1009 -11.27 -24.09 19.19
C SER E 1009 -12.06 -25.15 18.46
N GLY E 1010 -13.12 -24.77 17.76
CA GLY E 1010 -13.90 -25.75 17.04
C GLY E 1010 -13.50 -25.86 15.59
N VAL E 1011 -12.21 -25.67 15.31
CA VAL E 1011 -11.71 -25.71 13.94
C VAL E 1011 -11.29 -27.11 13.55
N HIS E 1012 -10.48 -27.75 14.36
CA HIS E 1012 -9.96 -29.09 14.08
C HIS E 1012 -10.55 -30.07 15.09
N THR E 1013 -11.44 -30.94 14.61
CA THR E 1013 -12.06 -31.98 15.40
C THR E 1013 -11.57 -33.35 14.94
N GLU E 1014 -12.06 -34.40 15.60
CA GLU E 1014 -11.67 -35.75 15.24
C GLU E 1014 -12.35 -36.25 13.98
N ASP E 1015 -13.52 -35.71 13.64
CA ASP E 1015 -14.29 -36.19 12.50
C ASP E 1015 -14.71 -35.07 11.57
N ASN E 1016 -13.89 -34.03 11.46
CA ASN E 1016 -14.19 -32.94 10.55
C ASN E 1016 -14.09 -33.36 9.08
N GLU E 1017 -13.38 -34.46 8.80
CA GLU E 1017 -13.45 -35.04 7.47
C GLU E 1017 -14.79 -35.72 7.25
N ALA E 1018 -15.24 -36.51 8.22
CA ALA E 1018 -16.41 -37.36 8.04
C ALA E 1018 -17.68 -36.55 7.93
N GLU E 1019 -17.73 -35.38 8.56
CA GLU E 1019 -18.89 -34.52 8.40
C GLU E 1019 -18.97 -33.98 6.98
N GLU E 1020 -17.81 -33.67 6.40
CA GLU E 1020 -17.77 -33.23 5.01
C GLU E 1020 -18.20 -34.35 4.07
N LYS E 1021 -17.73 -35.57 4.31
CA LYS E 1021 -18.13 -36.71 3.48
C LYS E 1021 -19.63 -36.98 3.57
N ALA E 1022 -20.16 -36.96 4.79
CA ALA E 1022 -21.58 -37.25 4.98
C ALA E 1022 -22.46 -36.12 4.47
N LEU E 1023 -22.01 -34.88 4.61
CA LEU E 1023 -22.76 -33.74 4.13
C LEU E 1023 -22.78 -33.72 2.61
N ALA E 1024 -21.67 -34.11 1.98
CA ALA E 1024 -21.63 -34.22 0.54
C ALA E 1024 -22.52 -35.35 0.05
N GLU E 1025 -22.52 -36.47 0.76
CA GLU E 1025 -23.38 -37.59 0.38
C GLU E 1025 -24.85 -37.23 0.53
N TYR E 1026 -25.20 -36.43 1.55
CA TYR E 1026 -26.57 -35.99 1.71
C TYR E 1026 -26.99 -34.99 0.65
N LEU E 1027 -26.16 -33.98 0.40
CA LEU E 1027 -26.52 -32.94 -0.56
C LEU E 1027 -26.57 -33.48 -1.98
N LEU E 1028 -25.57 -34.27 -2.36
CA LEU E 1028 -25.38 -34.57 -3.76
C LEU E 1028 -26.32 -35.67 -4.24
N ASN E 1029 -26.38 -36.78 -3.51
CA ASN E 1029 -27.08 -37.97 -3.99
C ASN E 1029 -28.58 -37.77 -3.91
N GLN E 1030 -29.18 -37.23 -4.96
CA GLN E 1030 -30.60 -36.94 -4.98
C GLN E 1030 -31.14 -37.37 -6.33
N GLU E 1031 -32.36 -36.91 -6.64
CA GLU E 1031 -32.95 -37.14 -7.95
C GLU E 1031 -32.14 -36.46 -9.04
N VAL E 1032 -31.83 -35.19 -8.85
CA VAL E 1032 -31.09 -34.40 -9.82
C VAL E 1032 -29.87 -33.86 -9.12
N ILE E 1033 -28.68 -34.31 -9.54
CA ILE E 1033 -27.45 -33.91 -8.86
C ILE E 1033 -27.03 -32.53 -9.34
N HIS E 1034 -26.85 -31.63 -8.38
CA HIS E 1034 -26.31 -30.31 -8.64
C HIS E 1034 -25.01 -30.14 -7.86
N PRO E 1035 -23.87 -30.00 -8.53
CA PRO E 1035 -22.61 -29.88 -7.79
C PRO E 1035 -22.35 -28.46 -7.31
N ARG E 1036 -22.74 -27.49 -8.14
CA ARG E 1036 -22.40 -26.10 -7.88
C ARG E 1036 -23.17 -25.58 -6.69
N VAL E 1037 -24.45 -25.93 -6.60
CA VAL E 1037 -25.23 -25.43 -5.50
C VAL E 1037 -24.84 -26.15 -4.22
N ALA E 1038 -24.35 -27.39 -4.33
CA ALA E 1038 -23.91 -28.10 -3.14
C ALA E 1038 -22.59 -27.56 -2.64
N HIS E 1039 -21.72 -27.16 -3.57
CA HIS E 1039 -20.50 -26.42 -3.23
C HIS E 1039 -20.85 -25.13 -2.49
N ALA E 1040 -21.89 -24.44 -2.96
CA ALA E 1040 -22.35 -23.22 -2.30
C ALA E 1040 -22.89 -23.49 -0.91
N ILE E 1041 -23.62 -24.59 -0.72
CA ILE E 1041 -24.20 -24.90 0.58
C ILE E 1041 -23.10 -25.27 1.58
N MET E 1042 -22.22 -26.20 1.19
CA MET E 1042 -21.16 -26.65 2.09
C MET E 1042 -20.17 -25.52 2.39
N GLU E 1043 -19.95 -24.63 1.44
CA GLU E 1043 -19.18 -23.43 1.71
C GLU E 1043 -19.91 -22.53 2.69
N ALA E 1044 -21.25 -22.50 2.62
CA ALA E 1044 -22.01 -21.68 3.54
C ALA E 1044 -22.09 -22.27 4.93
N SER E 1045 -22.12 -23.59 5.07
CA SER E 1045 -22.29 -24.21 6.37
C SER E 1045 -20.97 -24.20 7.13
N SER E 1046 -20.93 -24.86 8.29
CA SER E 1046 -19.76 -24.76 9.15
C SER E 1046 -18.59 -25.60 8.65
N VAL E 1047 -18.84 -26.55 7.75
CA VAL E 1047 -17.75 -27.34 7.18
C VAL E 1047 -16.85 -26.46 6.31
N GLY E 1048 -17.46 -25.71 5.40
CA GLY E 1048 -16.73 -24.70 4.64
C GLY E 1048 -16.17 -23.59 5.50
N ARG E 1049 -16.75 -23.36 6.67
CA ARG E 1049 -16.15 -22.41 7.61
C ARG E 1049 -14.84 -22.96 8.17
N ARG E 1050 -14.81 -24.25 8.51
CA ARG E 1050 -13.54 -24.86 8.94
C ARG E 1050 -12.52 -24.83 7.83
N LYS E 1051 -12.97 -25.05 6.59
CA LYS E 1051 -12.08 -24.93 5.44
C LYS E 1051 -11.54 -23.53 5.28
N GLN E 1052 -12.40 -22.52 5.43
CA GLN E 1052 -12.00 -21.13 5.21
C GLN E 1052 -11.04 -20.66 6.29
N ILE E 1053 -11.25 -21.08 7.54
CA ILE E 1053 -10.33 -20.68 8.59
C ILE E 1053 -9.02 -21.47 8.48
N GLN E 1054 -9.07 -22.72 7.99
CA GLN E 1054 -7.82 -23.44 7.77
C GLN E 1054 -7.02 -22.84 6.63
N GLY E 1055 -7.69 -22.32 5.62
CA GLY E 1055 -7.01 -21.72 4.49
C GLY E 1055 -6.42 -20.35 4.70
N LEU E 1056 -6.35 -19.87 5.94
CA LEU E 1056 -5.78 -18.58 6.25
C LEU E 1056 -4.40 -18.68 6.86
N VAL E 1057 -3.91 -19.89 7.15
CA VAL E 1057 -2.57 -20.01 7.70
C VAL E 1057 -1.54 -19.70 6.61
N ASP E 1058 -0.33 -19.40 7.05
CA ASP E 1058 0.73 -18.90 6.17
C ASP E 1058 1.62 -20.07 5.79
N THR E 1059 1.33 -20.70 4.66
CA THR E 1059 2.13 -21.85 4.22
C THR E 1059 3.38 -21.36 3.50
N THR E 1060 4.33 -20.85 4.28
CA THR E 1060 5.62 -20.61 3.67
C THR E 1060 6.41 -21.90 3.65
N ASN E 1061 7.57 -21.86 3.03
CA ASN E 1061 8.41 -23.06 3.00
C ASN E 1061 9.01 -23.35 4.36
N THR E 1062 9.29 -22.34 5.17
CA THR E 1062 9.78 -22.62 6.51
C THR E 1062 8.68 -23.05 7.46
N VAL E 1063 7.42 -23.00 7.03
CA VAL E 1063 6.33 -23.65 7.73
C VAL E 1063 6.18 -25.09 7.27
N ILE E 1064 6.33 -25.34 5.97
CA ILE E 1064 6.28 -26.68 5.44
C ILE E 1064 7.44 -27.51 5.97
N LYS E 1065 8.61 -26.89 6.19
CA LYS E 1065 9.73 -27.62 6.77
C LYS E 1065 9.46 -28.08 8.19
N ILE E 1066 8.81 -27.23 8.98
CA ILE E 1066 8.44 -27.60 10.35
C ILE E 1066 7.38 -28.69 10.33
N ALA E 1067 6.36 -28.54 9.50
CA ALA E 1067 5.31 -29.55 9.46
C ALA E 1067 5.75 -30.85 8.82
N LEU E 1068 6.85 -30.87 8.10
CA LEU E 1068 7.42 -32.14 7.70
C LEU E 1068 8.36 -32.69 8.75
N SER E 1069 9.02 -31.82 9.52
CA SER E 1069 9.93 -32.29 10.55
C SER E 1069 9.22 -32.71 11.83
N ARG E 1070 7.92 -32.50 11.90
CA ARG E 1070 7.16 -32.91 13.08
C ARG E 1070 6.09 -33.94 12.77
N LYS E 1071 5.78 -34.19 11.50
CA LYS E 1071 4.95 -35.29 11.07
C LYS E 1071 5.27 -35.59 9.61
N PRO E 1072 6.11 -36.58 9.31
CA PRO E 1072 6.59 -36.76 7.94
C PRO E 1072 5.50 -37.20 6.99
N LEU E 1073 5.72 -36.90 5.71
CA LEU E 1073 4.66 -37.05 4.72
C LEU E 1073 4.35 -38.52 4.45
N GLY E 1074 5.34 -39.39 4.63
CA GLY E 1074 5.09 -40.80 4.42
C GLY E 1074 6.04 -41.44 3.45
N ILE E 1075 5.55 -42.40 2.69
CA ILE E 1075 6.33 -43.12 1.69
C ILE E 1075 5.66 -43.06 0.33
N LYS E 1076 4.35 -43.26 0.27
CA LYS E 1076 3.65 -43.27 -0.99
C LYS E 1076 3.33 -41.86 -1.47
N ARG E 1077 2.91 -40.99 -0.55
CA ARG E 1077 2.63 -39.61 -0.91
C ARG E 1077 3.88 -38.87 -1.33
N LEU E 1078 4.99 -39.09 -0.64
CA LEU E 1078 6.21 -38.38 -0.95
C LEU E 1078 6.82 -38.88 -2.25
N ALA E 1079 6.62 -40.16 -2.58
CA ALA E 1079 7.02 -40.66 -3.88
C ALA E 1079 6.12 -40.12 -4.97
N ARG E 1080 4.87 -39.79 -4.64
CA ARG E 1080 4.06 -39.08 -5.62
C ARG E 1080 4.48 -37.63 -5.76
N ILE E 1081 5.05 -37.04 -4.70
CA ILE E 1081 5.54 -35.67 -4.80
C ILE E 1081 6.75 -35.62 -5.72
N ILE E 1082 7.72 -36.52 -5.49
CA ILE E 1082 9.00 -36.45 -6.19
C ILE E 1082 8.83 -36.76 -7.68
N ASN E 1083 8.04 -37.76 -8.02
CA ASN E 1083 7.90 -38.16 -9.41
C ASN E 1083 6.67 -37.55 -10.06
N TYR E 1084 6.29 -36.34 -9.66
CA TYR E 1084 5.01 -35.77 -10.07
C TYR E 1084 4.97 -35.44 -11.56
N SER E 1085 6.02 -34.83 -12.08
CA SER E 1085 6.04 -34.44 -13.48
C SER E 1085 6.11 -35.65 -14.38
N SER E 1086 6.83 -36.68 -13.93
CA SER E 1086 6.95 -37.91 -14.68
C SER E 1086 5.62 -38.64 -14.74
N MET E 1087 4.94 -38.75 -13.59
CA MET E 1087 3.65 -39.43 -13.52
C MET E 1087 2.59 -38.68 -14.30
N HIS E 1088 2.65 -37.35 -14.27
CA HIS E 1088 1.69 -36.55 -15.04
C HIS E 1088 1.91 -36.74 -16.54
N ALA E 1089 3.17 -36.73 -16.97
CA ALA E 1089 3.47 -36.85 -18.39
C ALA E 1089 3.14 -38.24 -18.90
N MET E 1090 3.52 -39.28 -18.13
CA MET E 1090 3.18 -40.65 -18.48
C MET E 1090 1.69 -40.89 -18.45
N LEU E 1091 0.96 -40.19 -17.58
CA LEU E 1091 -0.47 -40.38 -17.50
C LEU E 1091 -1.17 -39.79 -18.72
N PHE E 1092 -0.71 -38.63 -19.19
CA PHE E 1092 -1.20 -38.11 -20.45
C PHE E 1092 -0.80 -39.02 -21.60
N ARG E 1093 0.38 -39.62 -21.52
CA ARG E 1093 0.83 -40.48 -22.60
C ARG E 1093 -0.01 -41.75 -22.66
N ASP E 1094 -0.27 -42.36 -21.51
CA ASP E 1094 -1.00 -43.61 -21.44
C ASP E 1094 -2.47 -43.41 -21.78
N ASP E 1095 -3.12 -42.45 -21.11
CA ASP E 1095 -4.58 -42.36 -21.20
C ASP E 1095 -5.02 -41.86 -22.56
N VAL E 1096 -4.50 -40.71 -23.00
CA VAL E 1096 -5.06 -40.06 -24.17
C VAL E 1096 -4.14 -40.01 -25.37
N PHE E 1097 -2.83 -40.07 -25.21
CA PHE E 1097 -2.01 -40.01 -26.42
C PHE E 1097 -1.77 -41.41 -26.98
N LEU E 1098 -1.08 -42.26 -26.21
CA LEU E 1098 -0.74 -43.61 -26.65
C LEU E 1098 -1.86 -44.51 -26.16
N SER E 1099 -2.93 -44.57 -26.95
CA SER E 1099 -4.11 -45.34 -26.57
C SER E 1099 -4.86 -45.75 -27.82
N ASN E 1100 -5.58 -46.86 -27.71
CA ASN E 1100 -6.31 -47.43 -28.84
C ASN E 1100 -7.80 -47.11 -28.76
N ARG E 1101 -8.46 -47.53 -27.67
CA ARG E 1101 -9.82 -47.15 -27.30
C ARG E 1101 -10.83 -47.52 -28.41
N ALA E 1102 -10.94 -48.84 -28.62
CA ALA E 1102 -11.69 -49.34 -29.77
C ALA E 1102 -13.19 -49.07 -29.64
N ASN E 1103 -13.73 -49.15 -28.44
CA ASN E 1103 -15.16 -48.88 -28.24
C ASN E 1103 -15.34 -47.36 -28.20
N HIS E 1104 -15.35 -46.77 -29.39
CA HIS E 1104 -15.58 -45.35 -29.50
C HIS E 1104 -17.06 -45.05 -29.22
N PRO E 1105 -17.35 -44.00 -28.49
CA PRO E 1105 -18.74 -43.75 -28.07
C PRO E 1105 -19.64 -43.25 -29.18
N LEU E 1106 -20.88 -42.92 -28.82
CA LEU E 1106 -21.83 -42.39 -29.77
C LEU E 1106 -21.66 -40.91 -30.04
N VAL E 1107 -20.97 -40.18 -29.15
CA VAL E 1107 -20.81 -38.75 -29.31
C VAL E 1107 -19.83 -38.47 -30.44
N SER E 1108 -20.19 -37.53 -31.31
CA SER E 1108 -19.39 -37.23 -32.48
C SER E 1108 -18.39 -36.13 -32.14
N SER E 1109 -17.80 -35.53 -33.16
CA SER E 1109 -16.88 -34.42 -32.95
C SER E 1109 -17.35 -33.13 -33.59
N ASP E 1110 -18.48 -33.14 -34.30
CA ASP E 1110 -18.98 -31.96 -34.99
C ASP E 1110 -20.16 -31.31 -34.27
N MET E 1111 -20.34 -31.62 -32.99
CA MET E 1111 -21.41 -31.03 -32.18
C MET E 1111 -20.87 -29.85 -31.39
N CYS E 1112 -21.79 -29.13 -30.74
CA CYS E 1112 -21.38 -28.11 -29.80
C CYS E 1112 -20.67 -28.74 -28.61
N SER E 1113 -19.69 -28.01 -28.08
CA SER E 1113 -18.76 -28.58 -27.13
C SER E 1113 -19.37 -28.79 -25.76
N LEU E 1114 -20.48 -28.11 -25.44
CA LEU E 1114 -21.07 -28.33 -24.11
C LEU E 1114 -21.79 -29.65 -24.05
N ALA E 1115 -22.24 -30.16 -25.20
CA ALA E 1115 -22.71 -31.54 -25.29
C ALA E 1115 -21.59 -32.51 -24.92
N LEU E 1116 -20.39 -32.26 -25.42
CA LEU E 1116 -19.30 -33.17 -25.15
C LEU E 1116 -18.80 -33.03 -23.72
N ALA E 1117 -18.89 -31.82 -23.17
CA ALA E 1117 -18.51 -31.64 -21.77
C ALA E 1117 -19.51 -32.29 -20.84
N ASP E 1118 -20.80 -32.23 -21.18
CA ASP E 1118 -21.81 -32.90 -20.37
C ASP E 1118 -21.70 -34.41 -20.50
N TYR E 1119 -21.40 -34.90 -21.70
CA TYR E 1119 -21.15 -36.33 -21.88
C TYR E 1119 -19.94 -36.77 -21.08
N ALA E 1120 -18.89 -35.96 -21.05
CA ALA E 1120 -17.69 -36.39 -20.35
C ALA E 1120 -17.86 -36.31 -18.84
N ARG E 1121 -18.62 -35.33 -18.34
CA ARG E 1121 -18.93 -35.30 -16.92
C ARG E 1121 -19.82 -36.47 -16.50
N ASN E 1122 -20.79 -36.83 -17.35
CA ASN E 1122 -21.68 -37.93 -17.02
C ASN E 1122 -20.95 -39.26 -17.06
N ARG E 1123 -20.18 -39.49 -18.13
CA ARG E 1123 -19.47 -40.75 -18.27
C ARG E 1123 -18.35 -40.87 -17.26
N SER E 1124 -17.74 -39.75 -16.88
CA SER E 1124 -16.63 -39.80 -15.94
C SER E 1124 -17.10 -40.12 -14.53
N TRP E 1125 -18.15 -39.46 -14.06
CA TRP E 1125 -18.67 -39.70 -12.72
C TRP E 1125 -19.65 -40.86 -12.66
N SER E 1126 -19.78 -41.61 -13.74
CA SER E 1126 -20.76 -42.70 -13.81
C SER E 1126 -20.55 -43.83 -12.80
N PRO E 1127 -19.34 -44.28 -12.45
CA PRO E 1127 -19.24 -45.26 -11.35
C PRO E 1127 -19.59 -44.73 -9.98
N LEU E 1128 -19.79 -43.42 -9.85
CA LEU E 1128 -20.22 -42.82 -8.60
C LEU E 1128 -21.66 -42.36 -8.65
N THR E 1129 -22.08 -41.78 -9.78
CA THR E 1129 -23.42 -41.25 -9.93
C THR E 1129 -24.45 -42.35 -10.16
N GLY E 1130 -24.17 -43.23 -11.12
CA GLY E 1130 -25.08 -44.30 -11.44
C GLY E 1130 -25.82 -44.13 -12.75
N GLY E 1131 -25.70 -42.97 -13.40
CA GLY E 1131 -26.36 -42.75 -14.66
C GLY E 1131 -27.15 -41.46 -14.69
N ARG E 1132 -27.31 -40.82 -13.54
CA ARG E 1132 -28.03 -39.56 -13.48
C ARG E 1132 -27.24 -38.46 -14.15
N LYS E 1133 -27.96 -37.52 -14.76
CA LYS E 1133 -27.32 -36.39 -15.43
C LYS E 1133 -26.78 -35.42 -14.36
N ILE E 1134 -25.46 -35.30 -14.29
CA ILE E 1134 -24.86 -34.19 -13.55
C ILE E 1134 -25.17 -32.96 -14.37
N LEU E 1135 -26.12 -32.16 -13.92
CA LEU E 1135 -26.56 -31.02 -14.72
C LEU E 1135 -26.51 -29.76 -13.89
N GLY E 1136 -26.73 -28.64 -14.57
CA GLY E 1136 -26.57 -27.35 -13.96
C GLY E 1136 -25.13 -26.96 -13.76
N VAL E 1137 -24.26 -27.25 -14.73
CA VAL E 1137 -22.86 -26.90 -14.61
C VAL E 1137 -22.40 -26.09 -15.82
N SER E 1138 -22.57 -26.65 -17.02
CA SER E 1138 -21.87 -26.12 -18.18
C SER E 1138 -22.49 -24.82 -18.68
N ASN E 1139 -21.62 -23.93 -19.18
CA ASN E 1139 -21.93 -22.67 -19.83
C ASN E 1139 -21.48 -22.80 -21.28
N PRO E 1140 -21.91 -21.93 -22.19
CA PRO E 1140 -21.32 -21.95 -23.54
C PRO E 1140 -19.92 -21.33 -23.54
N ASP E 1141 -19.18 -21.64 -24.59
CA ASP E 1141 -17.95 -20.91 -24.86
C ASP E 1141 -18.33 -19.65 -25.65
N THR E 1142 -17.80 -18.52 -25.23
CA THR E 1142 -18.21 -17.24 -25.79
C THR E 1142 -17.73 -17.08 -27.22
N ILE E 1143 -16.55 -17.60 -27.53
CA ILE E 1143 -16.05 -17.56 -28.91
C ILE E 1143 -16.87 -18.47 -29.80
N GLU E 1144 -17.18 -19.68 -29.31
CA GLU E 1144 -17.87 -20.67 -30.12
C GLU E 1144 -19.30 -20.25 -30.43
N LEU E 1145 -19.90 -19.47 -29.54
CA LEU E 1145 -21.33 -19.21 -29.59
C LEU E 1145 -21.68 -18.26 -30.73
N VAL E 1146 -20.89 -17.22 -30.91
CA VAL E 1146 -21.20 -16.16 -31.84
C VAL E 1146 -20.41 -16.31 -33.13
N GLU E 1147 -20.95 -15.75 -34.21
CA GLU E 1147 -20.27 -15.59 -35.48
C GLU E 1147 -20.39 -14.11 -35.80
N GLY E 1148 -19.38 -13.35 -35.42
CA GLY E 1148 -19.44 -11.91 -35.54
C GLY E 1148 -19.40 -11.41 -36.97
N GLU E 1149 -19.71 -10.13 -37.11
CA GLU E 1149 -19.75 -9.51 -38.44
C GLU E 1149 -19.60 -8.00 -38.29
N ILE E 1150 -18.53 -7.48 -38.83
CA ILE E 1150 -18.40 -6.04 -39.03
C ILE E 1150 -19.26 -5.67 -40.23
N LEU E 1151 -20.00 -4.57 -40.13
CA LEU E 1151 -20.81 -4.16 -41.28
C LEU E 1151 -19.92 -3.64 -42.40
N SER E 1152 -20.45 -3.72 -43.62
CA SER E 1152 -19.82 -3.07 -44.76
C SER E 1152 -20.38 -1.66 -44.88
N ILE E 1153 -20.13 -1.02 -46.02
CA ILE E 1153 -20.53 0.37 -46.21
C ILE E 1153 -22.04 0.48 -46.34
N SER E 1154 -22.67 -0.46 -47.06
CA SER E 1154 -24.09 -0.37 -47.36
C SER E 1154 -24.99 -0.58 -46.15
N GLY E 1155 -24.48 -1.18 -45.08
CA GLY E 1155 -25.28 -1.37 -43.88
C GLY E 1155 -26.21 -2.57 -43.96
N GLY E 1156 -26.38 -3.27 -42.85
CA GLY E 1156 -27.08 -4.54 -42.85
C GLY E 1156 -26.12 -5.66 -43.17
N CYS E 1157 -26.04 -6.65 -42.29
CA CYS E 1157 -25.03 -7.69 -42.40
C CYS E 1157 -25.59 -8.90 -43.13
N SER E 1158 -24.69 -9.65 -43.76
CA SER E 1158 -25.06 -10.90 -44.41
C SER E 1158 -25.49 -11.96 -43.40
N LYS E 1159 -25.14 -11.80 -42.12
CA LYS E 1159 -25.70 -12.64 -41.08
C LYS E 1159 -27.09 -12.19 -40.67
N CYS E 1160 -27.35 -10.88 -40.63
CA CYS E 1160 -28.70 -10.38 -40.36
C CYS E 1160 -29.56 -10.26 -41.60
N ASP E 1161 -28.99 -10.34 -42.80
CA ASP E 1161 -29.78 -10.53 -44.00
C ASP E 1161 -30.05 -12.01 -44.29
N SER E 1162 -29.51 -12.90 -43.47
CA SER E 1162 -29.75 -14.34 -43.59
C SER E 1162 -30.91 -14.81 -42.74
N GLY E 1163 -31.69 -13.89 -42.18
CA GLY E 1163 -32.82 -14.28 -41.36
C GLY E 1163 -32.45 -14.42 -39.90
N ASP E 1164 -31.82 -13.39 -39.35
CA ASP E 1164 -31.39 -13.40 -37.97
C ASP E 1164 -31.50 -11.99 -37.40
N GLU E 1165 -32.07 -11.90 -36.20
CA GLU E 1165 -32.19 -10.63 -35.50
C GLU E 1165 -31.85 -10.76 -34.03
N GLN E 1166 -31.16 -11.80 -33.60
CA GLN E 1166 -30.73 -11.94 -32.21
C GLN E 1166 -29.22 -11.71 -32.16
N PHE E 1167 -28.83 -10.50 -31.81
CA PHE E 1167 -27.42 -10.14 -31.81
C PHE E 1167 -27.19 -9.02 -30.80
N THR E 1168 -25.96 -8.55 -30.73
CA THR E 1168 -25.59 -7.42 -29.92
C THR E 1168 -25.06 -6.30 -30.80
N TRP E 1169 -25.41 -5.06 -30.45
CA TRP E 1169 -25.03 -3.88 -31.21
C TRP E 1169 -23.78 -3.28 -30.58
N PHE E 1170 -22.68 -3.27 -31.32
CA PHE E 1170 -21.47 -2.57 -30.91
C PHE E 1170 -21.22 -1.45 -31.91
N HIS E 1171 -21.10 -0.22 -31.41
CA HIS E 1171 -20.83 0.92 -32.27
C HIS E 1171 -19.56 1.62 -31.85
N LEU E 1172 -18.80 2.07 -32.85
CA LEU E 1172 -17.59 2.84 -32.65
C LEU E 1172 -17.69 4.09 -33.52
N PRO E 1173 -17.64 5.28 -32.94
CA PRO E 1173 -17.65 6.50 -33.75
C PRO E 1173 -16.35 6.67 -34.51
N SER E 1174 -16.45 7.27 -35.69
CA SER E 1174 -15.30 7.51 -36.53
C SER E 1174 -14.43 8.63 -35.96
N ASN E 1175 -13.20 8.71 -36.49
CA ASN E 1175 -12.29 9.83 -36.33
C ASN E 1175 -11.93 10.10 -34.87
N ILE E 1176 -11.26 9.13 -34.27
CA ILE E 1176 -10.79 9.24 -32.89
C ILE E 1176 -9.27 9.31 -32.93
N GLU E 1177 -8.71 10.45 -32.56
CA GLU E 1177 -7.27 10.51 -32.34
C GLU E 1177 -6.94 9.80 -31.04
N LEU E 1178 -6.11 8.76 -31.11
CA LEU E 1178 -5.77 7.95 -29.94
C LEU E 1178 -4.57 8.49 -29.20
N THR E 1179 -4.34 9.78 -29.24
CA THR E 1179 -3.12 10.40 -28.73
C THR E 1179 -3.50 11.71 -28.05
N ASP E 1180 -2.50 12.58 -27.85
CA ASP E 1180 -2.65 13.83 -27.07
C ASP E 1180 -3.69 14.78 -27.66
N ASP E 1181 -3.86 14.80 -28.97
CA ASP E 1181 -4.79 15.74 -29.61
C ASP E 1181 -6.21 15.23 -29.44
N THR E 1182 -6.82 15.60 -28.32
CA THR E 1182 -8.15 15.12 -27.95
C THR E 1182 -9.23 16.15 -28.21
N SER E 1183 -9.16 16.85 -29.36
CA SER E 1183 -10.03 17.99 -29.60
C SER E 1183 -11.46 17.58 -29.94
N LYS E 1184 -11.63 16.57 -30.79
CA LYS E 1184 -12.96 16.25 -31.34
C LYS E 1184 -13.32 14.79 -31.07
N ASN E 1185 -13.14 14.36 -29.83
CA ASN E 1185 -13.52 12.97 -29.57
C ASN E 1185 -14.90 12.88 -28.94
N PRO E 1186 -15.69 11.92 -29.40
CA PRO E 1186 -17.00 11.63 -28.78
C PRO E 1186 -16.82 11.17 -27.34
N PRO E 1187 -17.89 11.21 -26.47
CA PRO E 1187 -17.65 11.22 -25.02
C PRO E 1187 -16.98 9.98 -24.41
N MET E 1188 -15.76 10.19 -23.94
CA MET E 1188 -15.04 9.19 -23.17
C MET E 1188 -15.69 8.98 -21.81
N ARG E 1189 -16.08 7.75 -21.53
CA ARG E 1189 -16.59 7.37 -20.23
C ARG E 1189 -15.74 6.24 -19.66
N VAL E 1190 -15.99 5.91 -18.40
CA VAL E 1190 -15.31 4.79 -17.74
C VAL E 1190 -15.89 3.51 -18.31
N PRO E 1191 -15.06 2.61 -18.84
CA PRO E 1191 -15.57 1.45 -19.56
C PRO E 1191 -16.08 0.36 -18.62
N TYR E 1192 -16.75 -0.62 -19.23
CA TYR E 1192 -17.37 -1.72 -18.49
C TYR E 1192 -16.30 -2.64 -17.93
N LEU E 1193 -16.39 -2.93 -16.64
CA LEU E 1193 -15.42 -3.80 -15.99
C LEU E 1193 -16.04 -5.06 -15.42
N GLY E 1194 -17.19 -4.95 -14.75
CA GLY E 1194 -17.81 -6.09 -14.11
C GLY E 1194 -17.24 -6.33 -12.72
N ALA E 1209 -28.84 -6.52 5.31
CA ALA E 1209 -27.73 -5.63 5.63
C ALA E 1209 -27.60 -5.45 7.13
N HIS E 1210 -26.41 -4.99 7.55
CA HIS E 1210 -26.11 -4.59 8.93
C HIS E 1210 -26.29 -5.75 9.91
N MET E 1211 -25.83 -6.93 9.51
CA MET E 1211 -25.93 -8.14 10.33
C MET E 1211 -24.56 -8.75 10.45
N SER E 1212 -24.45 -9.77 11.29
CA SER E 1212 -23.23 -10.55 11.34
C SER E 1212 -23.15 -11.42 10.09
N PRO E 1213 -21.94 -11.63 9.54
CA PRO E 1213 -21.84 -12.36 8.26
C PRO E 1213 -22.16 -13.84 8.36
N HIS E 1214 -22.19 -14.39 9.59
CA HIS E 1214 -22.65 -15.76 9.79
C HIS E 1214 -24.11 -15.90 9.38
N VAL E 1215 -24.92 -14.90 9.71
CA VAL E 1215 -26.32 -14.88 9.35
C VAL E 1215 -26.49 -14.74 7.84
N LYS E 1216 -25.60 -13.96 7.21
CA LYS E 1216 -25.67 -13.82 5.76
C LYS E 1216 -25.29 -15.10 5.05
N ALA E 1217 -24.31 -15.82 5.58
CA ALA E 1217 -23.98 -17.13 5.02
C ALA E 1217 -25.10 -18.13 5.24
N ALA E 1218 -25.80 -18.03 6.37
CA ALA E 1218 -26.94 -18.90 6.64
C ALA E 1218 -28.10 -18.64 5.69
N LEU E 1219 -28.40 -17.37 5.46
CA LEU E 1219 -29.47 -17.04 4.52
C LEU E 1219 -29.08 -17.36 3.09
N ARG E 1220 -27.79 -17.31 2.79
CA ARG E 1220 -27.29 -17.78 1.51
C ARG E 1220 -27.53 -19.26 1.33
N ALA E 1221 -27.26 -20.05 2.38
CA ALA E 1221 -27.54 -21.48 2.34
C ALA E 1221 -29.02 -21.76 2.15
N SER E 1222 -29.87 -21.04 2.87
CA SER E 1222 -31.32 -21.23 2.76
C SER E 1222 -31.81 -20.88 1.37
N SER E 1223 -31.34 -19.75 0.81
CA SER E 1223 -31.78 -19.31 -0.51
C SER E 1223 -31.39 -20.29 -1.59
N VAL E 1224 -30.13 -20.75 -1.55
CA VAL E 1224 -29.62 -21.66 -2.58
C VAL E 1224 -30.32 -23.01 -2.47
N LEU E 1225 -30.53 -23.50 -1.25
CA LEU E 1225 -31.16 -24.80 -1.03
C LEU E 1225 -32.60 -24.79 -1.53
N ILE E 1226 -33.33 -23.72 -1.23
CA ILE E 1226 -34.74 -23.65 -1.61
C ILE E 1226 -34.89 -23.43 -3.11
N TRP E 1227 -34.05 -22.59 -3.72
CA TRP E 1227 -34.16 -22.39 -5.16
C TRP E 1227 -33.70 -23.60 -5.95
N ALA E 1228 -32.82 -24.41 -5.36
CA ALA E 1228 -32.35 -25.60 -6.08
C ALA E 1228 -33.35 -26.73 -5.98
N TYR E 1229 -33.76 -27.09 -4.77
CA TYR E 1229 -34.50 -28.33 -4.55
C TYR E 1229 -35.98 -28.11 -4.28
N GLY E 1230 -36.53 -26.98 -4.73
CA GLY E 1230 -37.94 -26.68 -4.52
C GLY E 1230 -38.21 -26.11 -3.14
N ASP E 1231 -39.45 -25.62 -2.99
CA ASP E 1231 -39.90 -24.91 -1.80
C ASP E 1231 -41.02 -25.72 -1.15
N ASN E 1232 -40.67 -26.57 -0.19
CA ASN E 1232 -41.64 -27.28 0.62
C ASN E 1232 -41.01 -27.56 1.97
N ASP E 1233 -41.84 -27.87 2.98
CA ASP E 1233 -41.38 -27.84 4.36
C ASP E 1233 -40.39 -28.96 4.70
N ILE E 1234 -40.30 -29.99 3.87
CA ILE E 1234 -39.27 -31.01 4.06
C ILE E 1234 -37.89 -30.43 3.74
N ASN E 1235 -37.81 -29.56 2.72
CA ASN E 1235 -36.55 -28.88 2.45
C ASN E 1235 -36.23 -27.86 3.53
N TRP E 1236 -37.23 -27.14 4.03
CA TRP E 1236 -37.01 -26.15 5.07
C TRP E 1236 -36.60 -26.80 6.38
N THR E 1237 -37.01 -28.04 6.60
CA THR E 1237 -36.61 -28.78 7.80
C THR E 1237 -35.10 -28.99 7.84
N ALA E 1238 -34.51 -29.34 6.70
CA ALA E 1238 -33.07 -29.51 6.64
C ALA E 1238 -32.33 -28.18 6.48
N ALA E 1239 -32.94 -27.22 5.78
CA ALA E 1239 -32.29 -25.93 5.58
C ALA E 1239 -32.18 -25.17 6.88
N LEU E 1240 -33.17 -25.30 7.77
CA LEU E 1240 -33.03 -24.82 9.13
C LEU E 1240 -31.88 -25.50 9.85
N LYS E 1241 -31.69 -26.79 9.61
CA LYS E 1241 -30.64 -27.51 10.35
C LYS E 1241 -29.26 -27.11 9.84
N LEU E 1242 -29.16 -26.77 8.56
CA LEU E 1242 -27.90 -26.31 8.01
C LEU E 1242 -27.58 -24.89 8.46
N ALA E 1243 -28.58 -23.99 8.43
CA ALA E 1243 -28.36 -22.65 8.91
C ALA E 1243 -28.21 -22.58 10.41
N ARG E 1244 -28.67 -23.60 11.13
CA ARG E 1244 -28.49 -23.71 12.57
C ARG E 1244 -27.02 -23.86 12.95
N SER E 1245 -26.20 -24.39 12.04
CA SER E 1245 -24.77 -24.55 12.28
C SER E 1245 -24.05 -23.22 12.43
N ARG E 1246 -24.48 -22.20 11.69
CA ARG E 1246 -23.77 -20.93 11.72
C ARG E 1246 -24.33 -19.99 12.76
N CYS E 1247 -25.64 -19.81 12.80
CA CYS E 1247 -26.29 -18.82 13.64
C CYS E 1247 -27.19 -19.50 14.68
N ASN E 1248 -27.98 -18.71 15.39
CA ASN E 1248 -28.83 -19.18 16.46
C ASN E 1248 -30.23 -18.58 16.31
N ILE E 1249 -30.81 -18.70 15.13
CA ILE E 1249 -32.16 -18.26 14.89
C ILE E 1249 -33.05 -19.47 14.71
N SER E 1250 -34.36 -19.23 14.64
CA SER E 1250 -35.36 -20.27 14.54
C SER E 1250 -36.08 -20.18 13.20
N SER E 1251 -37.04 -21.09 13.01
CA SER E 1251 -37.57 -21.37 11.69
C SER E 1251 -38.47 -20.26 11.16
N GLU E 1252 -39.18 -19.56 12.04
CA GLU E 1252 -40.09 -18.51 11.57
C GLU E 1252 -39.34 -17.27 11.13
N TYR E 1253 -38.07 -17.11 11.52
CA TYR E 1253 -37.29 -16.00 11.02
C TYR E 1253 -36.69 -16.30 9.65
N LEU E 1254 -36.33 -17.57 9.41
CA LEU E 1254 -35.72 -17.94 8.13
C LEU E 1254 -36.67 -17.80 6.96
N ARG E 1255 -37.95 -18.07 7.17
CA ARG E 1255 -38.87 -18.02 6.05
C ARG E 1255 -39.18 -16.59 5.62
N LEU E 1256 -38.95 -15.62 6.50
CA LEU E 1256 -39.15 -14.22 6.13
C LEU E 1256 -37.86 -13.50 5.78
N LEU E 1257 -36.74 -13.84 6.42
CA LEU E 1257 -35.47 -13.20 6.13
C LEU E 1257 -34.73 -13.81 4.94
N SER E 1258 -35.31 -14.81 4.27
CA SER E 1258 -34.61 -15.43 3.16
C SER E 1258 -34.61 -14.50 1.95
N PRO E 1259 -33.44 -14.20 1.37
CA PRO E 1259 -33.39 -13.35 0.18
C PRO E 1259 -34.03 -13.98 -1.06
N LEU E 1260 -34.04 -13.23 -2.15
CA LEU E 1260 -34.70 -13.69 -3.37
C LEU E 1260 -33.88 -14.82 -3.99
N PRO E 1261 -34.53 -15.74 -4.71
CA PRO E 1261 -33.77 -16.77 -5.42
C PRO E 1261 -32.98 -16.20 -6.59
N THR E 1262 -31.68 -16.10 -6.42
CA THR E 1262 -30.80 -15.34 -7.29
C THR E 1262 -29.76 -16.26 -7.95
N ALA E 1263 -28.77 -15.63 -8.58
CA ALA E 1263 -27.56 -16.30 -9.04
C ALA E 1263 -26.41 -16.12 -8.06
N GLY E 1264 -26.70 -16.08 -6.76
CA GLY E 1264 -25.68 -15.85 -5.76
C GLY E 1264 -25.00 -17.12 -5.26
N ASN E 1265 -24.81 -18.08 -6.15
CA ASN E 1265 -24.14 -19.33 -5.81
C ASN E 1265 -22.65 -19.27 -6.10
N THR E 1278 -1.84 0.20 -9.57
CA THR E 1278 -2.71 -0.93 -9.30
C THR E 1278 -1.92 -2.24 -9.35
N PHE E 1279 -2.63 -3.37 -9.39
CA PHE E 1279 -1.98 -4.66 -9.46
C PHE E 1279 -1.96 -5.22 -10.88
N THR E 1280 -3.13 -5.43 -11.48
CA THR E 1280 -3.22 -5.92 -12.87
C THR E 1280 -4.49 -5.37 -13.49
N PRO E 1281 -4.38 -4.32 -14.30
CA PRO E 1281 -5.54 -3.84 -15.06
C PRO E 1281 -5.92 -4.82 -16.15
N ALA E 1282 -7.20 -4.82 -16.49
CA ALA E 1282 -7.76 -5.87 -17.34
C ALA E 1282 -7.31 -5.72 -18.79
N SER E 1283 -6.99 -4.51 -19.21
CA SER E 1283 -6.23 -4.25 -20.43
C SER E 1283 -5.70 -2.83 -20.35
N LEU E 1284 -5.11 -2.38 -21.44
CA LEU E 1284 -5.09 -0.95 -21.73
C LEU E 1284 -6.42 -0.57 -22.36
N TYR E 1285 -6.85 0.64 -22.09
CA TYR E 1285 -8.14 1.12 -22.55
C TYR E 1285 -7.87 2.26 -23.54
N ARG E 1286 -8.03 1.96 -24.83
CA ARG E 1286 -7.78 2.96 -25.86
C ARG E 1286 -9.05 3.33 -26.62
N VAL E 1287 -9.77 2.34 -27.15
CA VAL E 1287 -11.05 2.61 -27.79
C VAL E 1287 -12.23 2.11 -26.98
N SER E 1288 -12.01 1.25 -26.01
CA SER E 1288 -13.03 0.88 -25.03
C SER E 1288 -13.56 2.04 -24.17
N PRO E 1289 -12.85 3.16 -23.96
CA PRO E 1289 -13.57 4.35 -23.48
C PRO E 1289 -14.47 5.02 -24.50
N TYR E 1290 -14.46 4.62 -25.76
CA TYR E 1290 -15.20 5.35 -26.79
C TYR E 1290 -16.19 4.47 -27.55
N VAL E 1291 -16.73 3.43 -26.94
CA VAL E 1291 -17.52 2.44 -27.68
C VAL E 1291 -18.92 2.38 -27.06
N HIS E 1292 -19.93 2.28 -27.93
CA HIS E 1292 -21.32 2.31 -27.53
C HIS E 1292 -21.92 0.91 -27.61
N ILE E 1293 -22.67 0.54 -26.58
CA ILE E 1293 -23.14 -0.83 -26.38
C ILE E 1293 -24.66 -0.80 -26.37
N SER E 1294 -25.28 -1.67 -27.18
CA SER E 1294 -26.74 -1.75 -27.18
C SER E 1294 -27.14 -3.23 -27.28
N ASN E 1295 -27.60 -3.77 -26.16
CA ASN E 1295 -28.06 -5.16 -26.07
C ASN E 1295 -29.59 -5.20 -26.16
N ASP E 1296 -30.10 -4.79 -27.31
CA ASP E 1296 -31.54 -4.77 -27.54
C ASP E 1296 -32.03 -5.99 -28.30
N SER E 1297 -31.37 -6.33 -29.40
CA SER E 1297 -31.87 -7.35 -30.32
C SER E 1297 -31.68 -8.76 -29.80
N GLN E 1298 -30.76 -8.98 -28.88
CA GLN E 1298 -30.63 -10.31 -28.29
C GLN E 1298 -31.71 -10.41 -27.21
N ARG E 1299 -32.90 -10.80 -27.64
CA ARG E 1299 -34.09 -10.71 -26.80
C ARG E 1299 -34.09 -11.75 -25.68
N LEU E 1300 -33.25 -12.76 -25.76
CA LEU E 1300 -33.26 -13.78 -24.72
C LEU E 1300 -32.28 -13.45 -23.59
N PHE E 1301 -31.02 -13.20 -23.92
CA PHE E 1301 -29.97 -13.03 -22.93
C PHE E 1301 -29.68 -11.54 -22.78
N THR E 1302 -30.49 -10.88 -21.96
CA THR E 1302 -30.36 -9.45 -21.73
C THR E 1302 -29.65 -9.20 -20.40
N ASN E 1310 -26.57 -11.86 -15.65
CA ASN E 1310 -26.31 -13.28 -15.86
C ASN E 1310 -24.82 -13.43 -16.23
N VAL E 1311 -24.51 -14.47 -17.01
CA VAL E 1311 -23.13 -14.79 -17.35
C VAL E 1311 -22.85 -14.61 -18.83
N VAL E 1312 -23.86 -14.81 -19.69
CA VAL E 1312 -23.60 -14.89 -21.12
C VAL E 1312 -23.32 -13.52 -21.71
N TYR E 1313 -24.16 -12.54 -21.41
CA TYR E 1313 -23.96 -11.22 -22.00
C TYR E 1313 -22.80 -10.48 -21.35
N GLN E 1314 -22.49 -10.79 -20.09
CA GLN E 1314 -21.32 -10.21 -19.43
C GLN E 1314 -20.03 -10.61 -20.14
N GLN E 1315 -20.00 -11.81 -20.71
CA GLN E 1315 -18.86 -12.24 -21.49
C GLN E 1315 -18.92 -11.78 -22.94
N ILE E 1316 -20.12 -11.71 -23.53
CA ILE E 1316 -20.24 -11.26 -24.93
C ILE E 1316 -19.88 -9.79 -25.06
N MET E 1317 -20.21 -8.98 -24.03
CA MET E 1317 -19.79 -7.57 -24.02
C MET E 1317 -18.28 -7.43 -24.02
N LEU E 1318 -17.60 -8.20 -23.17
CA LEU E 1318 -16.15 -8.09 -23.08
C LEU E 1318 -15.47 -8.67 -24.32
N LEU E 1319 -16.08 -9.68 -24.94
CA LEU E 1319 -15.55 -10.22 -26.18
C LEU E 1319 -15.66 -9.21 -27.32
N GLY E 1320 -16.80 -8.52 -27.42
CA GLY E 1320 -16.93 -7.50 -28.45
C GLY E 1320 -15.98 -6.32 -28.22
N LEU E 1321 -15.90 -5.85 -26.97
CA LEU E 1321 -14.97 -4.77 -26.66
C LEU E 1321 -13.51 -5.18 -26.70
N SER E 1322 -13.20 -6.47 -26.69
CA SER E 1322 -11.84 -6.87 -26.94
C SER E 1322 -11.54 -7.02 -28.42
N LEU E 1323 -12.52 -7.44 -29.22
CA LEU E 1323 -12.33 -7.45 -30.68
C LEU E 1323 -12.18 -6.05 -31.24
N ILE E 1324 -12.89 -5.06 -30.67
CA ILE E 1324 -12.80 -3.69 -31.15
C ILE E 1324 -11.41 -3.11 -30.91
N GLU E 1325 -10.85 -3.32 -29.73
CA GLU E 1325 -9.50 -2.81 -29.53
C GLU E 1325 -8.45 -3.74 -30.11
N SER E 1326 -8.81 -4.98 -30.43
CA SER E 1326 -7.93 -5.82 -31.25
C SER E 1326 -7.94 -5.41 -32.71
N LEU E 1327 -8.89 -4.58 -33.14
CA LEU E 1327 -8.81 -4.04 -34.49
C LEU E 1327 -7.63 -3.11 -34.67
N PHE E 1328 -7.25 -2.36 -33.63
CA PHE E 1328 -6.23 -1.33 -33.76
C PHE E 1328 -4.98 -1.69 -32.98
N PRO E 1329 -3.82 -1.74 -33.62
CA PRO E 1329 -2.57 -2.00 -32.87
C PRO E 1329 -2.05 -0.80 -32.12
N MET E 1330 -0.87 -0.97 -31.54
CA MET E 1330 -0.19 0.07 -30.78
C MET E 1330 0.65 0.97 -31.65
N THR E 1331 0.56 0.81 -32.96
CA THR E 1331 1.20 1.68 -33.94
C THR E 1331 0.20 2.58 -34.65
N VAL E 1332 -1.03 2.61 -34.20
CA VAL E 1332 -2.09 3.37 -34.84
C VAL E 1332 -2.65 4.35 -33.82
N THR E 1333 -2.66 5.64 -34.18
CA THR E 1333 -3.08 6.72 -33.29
C THR E 1333 -4.36 7.39 -33.73
N LYS E 1334 -5.01 6.91 -34.79
CA LYS E 1334 -6.18 7.55 -35.36
C LYS E 1334 -7.20 6.48 -35.67
N THR E 1335 -8.45 6.88 -35.82
CA THR E 1335 -9.45 6.01 -36.44
C THR E 1335 -9.99 6.71 -37.67
N TYR E 1336 -10.58 5.92 -38.57
CA TYR E 1336 -11.02 6.45 -39.85
C TYR E 1336 -12.43 6.09 -40.25
N ASP E 1337 -13.05 5.09 -39.62
CA ASP E 1337 -14.44 4.74 -39.90
C ASP E 1337 -15.19 4.50 -38.60
N GLU E 1338 -16.51 4.62 -38.68
CA GLU E 1338 -17.38 4.04 -37.67
C GLU E 1338 -17.35 2.52 -37.82
N ILE E 1339 -17.24 1.82 -36.69
CA ILE E 1339 -17.11 0.36 -36.70
C ILE E 1339 -18.26 -0.24 -35.92
N THR E 1340 -19.06 -1.06 -36.57
CA THR E 1340 -20.21 -1.69 -35.94
C THR E 1340 -20.07 -3.20 -35.98
N LEU E 1341 -20.39 -3.84 -34.86
CA LEU E 1341 -20.40 -5.29 -34.75
C LEU E 1341 -21.78 -5.81 -34.42
N HIS E 1342 -22.11 -6.94 -35.05
CA HIS E 1342 -23.33 -7.71 -34.86
C HIS E 1342 -22.91 -9.12 -34.46
N LEU E 1343 -22.85 -9.40 -33.16
CA LEU E 1343 -22.47 -10.75 -32.73
C LEU E 1343 -23.70 -11.64 -32.79
N HIS E 1344 -23.97 -12.20 -33.96
CA HIS E 1344 -25.14 -13.05 -34.15
C HIS E 1344 -24.93 -14.43 -33.56
N SER E 1345 -25.99 -14.96 -32.93
CA SER E 1345 -25.86 -16.24 -32.25
C SER E 1345 -27.08 -17.13 -32.38
N LYS E 1346 -28.08 -16.77 -33.20
CA LYS E 1346 -29.24 -17.66 -33.33
C LYS E 1346 -28.91 -18.89 -34.16
N PHE E 1347 -28.09 -18.73 -35.19
CA PHE E 1347 -27.69 -19.86 -36.04
C PHE E 1347 -26.49 -20.59 -35.43
N SER E 1348 -26.58 -20.97 -34.16
CA SER E 1348 -25.45 -21.52 -33.44
C SER E 1348 -25.78 -22.93 -32.97
N CYS E 1349 -24.73 -23.74 -32.87
CA CYS E 1349 -24.89 -25.09 -32.37
C CYS E 1349 -25.06 -25.14 -30.85
N CYS E 1350 -24.82 -24.03 -30.16
CA CYS E 1350 -24.77 -24.04 -28.70
C CYS E 1350 -25.98 -23.32 -28.09
N ILE E 1351 -27.04 -23.13 -28.86
CA ILE E 1351 -28.29 -22.58 -28.34
C ILE E 1351 -29.13 -23.71 -27.80
N ARG E 1352 -29.24 -23.79 -26.48
CA ARG E 1352 -29.95 -24.89 -25.84
C ARG E 1352 -30.85 -24.36 -24.73
N GLU E 1353 -32.02 -24.99 -24.61
CA GLU E 1353 -33.05 -24.50 -23.72
C GLU E 1353 -32.73 -24.84 -22.27
N ALA E 1354 -33.00 -23.89 -21.37
CA ALA E 1354 -32.79 -24.11 -19.95
C ALA E 1354 -33.75 -25.19 -19.45
N PRO E 1355 -33.29 -26.07 -18.57
CA PRO E 1355 -34.13 -27.21 -18.17
C PRO E 1355 -35.26 -26.79 -17.24
N VAL E 1356 -36.34 -27.57 -17.29
CA VAL E 1356 -37.48 -27.33 -16.42
C VAL E 1356 -37.13 -27.75 -15.01
N ALA E 1357 -37.18 -26.80 -14.08
CA ALA E 1357 -36.95 -27.10 -12.68
C ALA E 1357 -38.15 -27.87 -12.14
N VAL E 1358 -38.00 -29.18 -12.01
CA VAL E 1358 -39.02 -30.02 -11.38
C VAL E 1358 -38.61 -30.18 -9.91
N PRO E 1359 -39.37 -29.63 -8.97
CA PRO E 1359 -38.96 -29.71 -7.56
C PRO E 1359 -39.16 -31.11 -7.01
N PHE E 1360 -38.48 -31.39 -5.91
CA PHE E 1360 -38.63 -32.66 -5.21
C PHE E 1360 -38.31 -32.43 -3.75
N GLU E 1361 -38.07 -33.50 -3.01
CA GLU E 1361 -37.77 -33.43 -1.60
C GLU E 1361 -36.45 -34.13 -1.33
N LEU E 1362 -35.65 -33.55 -0.44
CA LEU E 1362 -34.34 -34.11 -0.11
C LEU E 1362 -34.55 -35.41 0.65
N THR E 1363 -34.20 -36.52 0.00
CA THR E 1363 -34.43 -37.84 0.58
C THR E 1363 -33.44 -38.06 1.72
N GLY E 1364 -33.96 -38.27 2.91
CA GLY E 1364 -33.13 -38.51 4.06
C GLY E 1364 -33.09 -37.31 4.99
N VAL E 1365 -32.08 -37.33 5.85
CA VAL E 1365 -31.92 -36.32 6.88
C VAL E 1365 -30.52 -35.72 6.75
N ALA E 1366 -30.41 -34.43 7.07
CA ALA E 1366 -29.13 -33.76 7.08
C ALA E 1366 -28.25 -34.28 8.20
N PRO E 1367 -26.93 -34.26 8.02
CA PRO E 1367 -26.03 -34.63 9.11
C PRO E 1367 -26.06 -33.61 10.23
N ASP E 1368 -25.54 -34.04 11.38
CA ASP E 1368 -25.79 -33.34 12.64
C ASP E 1368 -25.11 -31.98 12.67
N LEU E 1369 -23.90 -31.88 12.10
CA LEU E 1369 -23.13 -30.64 11.95
C LEU E 1369 -22.87 -30.01 13.32
N ARG E 1370 -22.08 -30.71 14.12
CA ARG E 1370 -21.85 -30.26 15.48
C ARG E 1370 -21.03 -28.98 15.49
N VAL E 1371 -21.25 -28.17 16.52
CA VAL E 1371 -20.83 -26.78 16.52
C VAL E 1371 -20.51 -26.38 17.94
N VAL E 1372 -19.42 -25.65 18.11
CA VAL E 1372 -19.16 -25.02 19.40
C VAL E 1372 -19.78 -23.64 19.37
N ALA E 1373 -20.29 -23.22 20.52
CA ALA E 1373 -20.96 -21.93 20.63
C ALA E 1373 -20.06 -20.85 21.22
N SER E 1374 -18.88 -21.22 21.70
CA SER E 1374 -17.98 -20.24 22.29
C SER E 1374 -17.31 -19.36 21.24
N ASN E 1375 -17.15 -19.85 20.01
CA ASN E 1375 -16.36 -19.15 19.02
C ASN E 1375 -17.17 -18.09 18.30
N LYS E 1376 -16.65 -16.86 18.32
CA LYS E 1376 -17.23 -15.79 17.54
C LYS E 1376 -16.82 -15.89 16.08
N PHE E 1377 -15.74 -16.62 15.78
CA PHE E 1377 -15.31 -16.77 14.40
C PHE E 1377 -16.17 -17.75 13.66
N MET E 1378 -16.94 -18.58 14.36
CA MET E 1378 -17.68 -19.64 13.72
C MET E 1378 -19.15 -19.68 14.07
N TYR E 1379 -19.59 -18.93 15.09
CA TYR E 1379 -20.96 -19.05 15.55
C TYR E 1379 -21.47 -17.69 15.99
N ASP E 1380 -22.78 -17.52 15.94
CA ASP E 1380 -23.47 -16.28 16.31
C ASP E 1380 -24.60 -16.63 17.27
N PRO E 1381 -24.35 -16.62 18.58
CA PRO E 1381 -25.36 -17.10 19.54
C PRO E 1381 -26.52 -16.15 19.74
N ASN E 1382 -26.50 -14.94 19.20
CA ASN E 1382 -27.52 -13.95 19.50
C ASN E 1382 -28.72 -14.16 18.59
N PRO E 1383 -29.90 -14.45 19.14
CA PRO E 1383 -31.04 -14.82 18.30
C PRO E 1383 -31.66 -13.66 17.54
N VAL E 1384 -31.39 -13.60 16.25
CA VAL E 1384 -31.96 -12.56 15.41
C VAL E 1384 -33.15 -13.11 14.65
#